data_5I3D
#
_entry.id   5I3D
#
_cell.length_a   92.680
_cell.length_b   129.060
_cell.length_c   191.760
_cell.angle_alpha   90.00
_cell.angle_beta   90.00
_cell.angle_gamma   90.00
#
_symmetry.space_group_name_H-M   'P 21 21 21'
#
loop_
_entity.id
_entity.type
_entity.pdbx_description
1 polymer Beta-galactosidase
2 non-polymer 3,6,9,12,15,18,21-HEPTAOXATRICOSANE-1,23-DIOL
3 non-polymer 'ACETATE ION'
4 water water
#
_entity_poly.entity_id   1
_entity_poly.type   'polypeptide(L)'
_entity_poly.pdbx_seq_one_letter_code
;MYSFPNSFRFGWSQAGFQSEMGTPGSEDPNTDWYKWVHDPENMAAGLVSGDLPENGPGYWGNYKTFHDNAQKMGLKIARL
NVEWSRIFPNPLPRPQNFDESKQDVTEVEINENELKRLDEYANKDALNHYREIFKDLKSRGLYFILNMYHWPLPLWLHDP
IRVRRGDFTGPSGWLSTRTVYEFARFSAYIAWKFDDLVDEYSTMNEPNVVGGLGYVGVKSGFPPGYLSFELSRRAMYNII
QAHARAYDGIKSVSKKPVGIIYANSSFQPLTDKDMEAVEMAENDNRWWFFDAIIRGEITRGNEKIVRDDLKGRLDWIGVN
YYTRTVVKRTEKGYVSLGGYGHGCERNSVSLAGLPTSDFGWEFFPEGLYDVLTKYWNRYHLYMYVTYNGIADDADYQRPY
YLVSHVYQVHRAINSGADVRGYLHWSLADNYEWASGFSMRFGLLKVDYNTKRLYWRPSALVYREIATNGAITDEIEHLNS
VPPVKPLRH
;
_entity_poly.pdbx_strand_id   A,B,C,D
#
# COMPACT_ATOMS: atom_id res chain seq x y z
N SER A 3 55.32 -21.29 -10.86
CA SER A 3 55.82 -20.03 -10.30
C SER A 3 55.23 -18.82 -11.03
N PHE A 4 54.72 -17.85 -10.27
CA PHE A 4 53.98 -16.71 -10.80
C PHE A 4 54.84 -15.45 -10.82
N PRO A 5 54.46 -14.45 -11.63
CA PRO A 5 55.23 -13.19 -11.67
C PRO A 5 55.40 -12.55 -10.29
N ASN A 6 56.46 -11.75 -10.16
CA ASN A 6 56.82 -11.17 -8.86
C ASN A 6 55.67 -10.37 -8.26
N SER A 7 54.92 -9.65 -9.07
CA SER A 7 53.85 -8.78 -8.57
C SER A 7 52.49 -9.45 -8.50
N PHE A 8 52.38 -10.72 -8.90
CA PHE A 8 51.11 -11.44 -8.85
C PHE A 8 50.69 -11.66 -7.40
N ARG A 9 49.39 -11.49 -7.13
CA ARG A 9 48.88 -11.57 -5.77
C ARG A 9 47.73 -12.56 -5.66
N PHE A 10 47.75 -13.37 -4.61
CA PHE A 10 46.67 -14.29 -4.27
C PHE A 10 45.84 -13.70 -3.14
N GLY A 11 44.51 -13.76 -3.27
CA GLY A 11 43.62 -13.20 -2.28
C GLY A 11 42.20 -13.72 -2.39
N TRP A 12 41.24 -12.86 -2.05
CA TRP A 12 39.84 -13.27 -2.01
C TRP A 12 38.94 -12.09 -2.35
N SER A 13 37.70 -12.41 -2.73
CA SER A 13 36.66 -11.41 -2.98
C SER A 13 35.49 -11.67 -2.04
N GLN A 14 34.72 -10.60 -1.80
CA GLN A 14 33.68 -10.58 -0.78
C GLN A 14 32.69 -9.47 -1.12
N ALA A 15 31.44 -9.63 -0.65
CA ALA A 15 30.38 -8.66 -0.90
C ALA A 15 29.80 -8.13 0.40
N GLY A 16 29.33 -6.88 0.35
CA GLY A 16 28.81 -6.25 1.56
C GLY A 16 27.53 -6.89 2.07
N PHE A 17 26.53 -7.01 1.21
CA PHE A 17 25.24 -7.54 1.63
C PHE A 17 25.36 -8.98 2.11
N GLN A 18 26.29 -9.76 1.52
CA GLN A 18 26.40 -11.18 1.83
C GLN A 18 27.13 -11.45 3.14
N SER A 19 28.06 -10.57 3.55
CA SER A 19 28.95 -10.86 4.67
C SER A 19 28.87 -9.89 5.83
N GLU A 20 28.39 -8.66 5.62
CA GLU A 20 28.51 -7.64 6.66
C GLU A 20 27.65 -7.94 7.88
N MET A 21 26.37 -8.27 7.67
CA MET A 21 25.44 -8.36 8.78
C MET A 21 25.64 -9.64 9.59
N GLY A 22 25.13 -9.63 10.82
CA GLY A 22 25.24 -10.76 11.70
C GLY A 22 25.56 -10.38 13.13
N THR A 23 26.11 -9.19 13.32
CA THR A 23 26.38 -8.68 14.66
C THR A 23 25.39 -7.58 15.04
N PRO A 24 25.13 -7.38 16.32
CA PRO A 24 24.14 -6.36 16.73
C PRO A 24 24.53 -4.97 16.25
N GLY A 25 23.55 -4.27 15.67
CA GLY A 25 23.75 -2.95 15.13
C GLY A 25 24.26 -2.89 13.71
N SER A 26 24.52 -4.03 13.08
CA SER A 26 25.05 -4.05 11.73
C SER A 26 23.95 -4.11 10.68
N GLU A 27 22.70 -4.29 11.09
CA GLU A 27 21.60 -4.48 10.14
C GLU A 27 21.44 -3.25 9.25
N ASP A 28 21.32 -3.49 7.95
CA ASP A 28 21.02 -2.46 6.95
C ASP A 28 19.68 -2.80 6.31
N PRO A 29 18.58 -2.24 6.81
CA PRO A 29 17.26 -2.56 6.26
C PRO A 29 16.87 -1.74 5.04
N ASN A 30 17.73 -0.85 4.58
CA ASN A 30 17.35 0.17 3.58
C ASN A 30 17.79 -0.20 2.17
N THR A 31 17.64 -1.47 1.77
CA THR A 31 17.94 -1.88 0.40
C THR A 31 16.74 -2.58 -0.21
N ASP A 32 16.69 -2.57 -1.54
CA ASP A 32 15.70 -3.39 -2.24
C ASP A 32 15.87 -4.87 -1.90
N TRP A 33 17.12 -5.35 -1.82
CA TRP A 33 17.36 -6.75 -1.53
C TRP A 33 16.90 -7.14 -0.13
N TYR A 34 17.12 -6.27 0.86
CA TYR A 34 16.66 -6.55 2.21
C TYR A 34 15.14 -6.71 2.26
N LYS A 35 14.42 -5.74 1.70
CA LYS A 35 12.97 -5.84 1.62
C LYS A 35 12.54 -7.06 0.81
N TRP A 36 13.29 -7.37 -0.25
CA TRP A 36 12.94 -8.46 -1.15
C TRP A 36 12.94 -9.81 -0.43
N VAL A 37 13.98 -10.09 0.35
CA VAL A 37 14.10 -11.38 1.03
C VAL A 37 13.25 -11.49 2.28
N HIS A 38 12.74 -10.37 2.79
CA HIS A 38 11.81 -10.38 3.92
C HIS A 38 10.35 -10.41 3.49
N ASP A 39 10.06 -10.35 2.19
CA ASP A 39 8.69 -10.18 1.72
C ASP A 39 7.88 -11.45 1.93
N PRO A 40 6.73 -11.38 2.61
CA PRO A 40 5.94 -12.60 2.87
C PRO A 40 5.54 -13.35 1.61
N GLU A 41 5.15 -12.65 0.55
CA GLU A 41 4.74 -13.32 -0.68
C GLU A 41 5.93 -14.01 -1.36
N ASN A 42 7.09 -13.36 -1.40
CA ASN A 42 8.28 -14.01 -1.96
C ASN A 42 8.63 -15.28 -1.17
N MET A 43 8.49 -15.23 0.15
CA MET A 43 8.80 -16.42 0.95
C MET A 43 7.81 -17.55 0.69
N ALA A 44 6.52 -17.23 0.58
CA ALA A 44 5.52 -18.28 0.35
C ALA A 44 5.66 -18.88 -1.04
N ALA A 45 6.10 -18.11 -2.02
CA ALA A 45 6.31 -18.61 -3.37
C ALA A 45 7.58 -19.45 -3.50
N GLY A 46 8.43 -19.48 -2.46
CA GLY A 46 9.72 -20.14 -2.59
C GLY A 46 10.70 -19.42 -3.47
N LEU A 47 10.42 -18.15 -3.82
CA LEU A 47 11.39 -17.37 -4.58
C LEU A 47 12.64 -17.07 -3.78
N VAL A 48 12.51 -16.90 -2.46
CA VAL A 48 13.64 -16.69 -1.58
C VAL A 48 13.63 -17.80 -0.54
N SER A 49 14.79 -18.05 0.06
CA SER A 49 14.97 -19.24 0.89
C SER A 49 14.27 -19.13 2.23
N GLY A 50 14.00 -17.92 2.70
CA GLY A 50 13.54 -17.72 4.05
C GLY A 50 14.64 -17.37 5.03
N ASP A 51 15.89 -17.64 4.68
CA ASP A 51 17.01 -17.15 5.48
C ASP A 51 17.09 -15.64 5.40
N LEU A 52 17.60 -15.02 6.45
CA LEU A 52 17.67 -13.57 6.54
C LEU A 52 19.12 -13.11 6.72
N PRO A 53 19.54 -12.09 5.97
CA PRO A 53 20.97 -11.69 6.00
C PRO A 53 21.43 -11.17 7.35
N GLU A 54 20.53 -10.68 8.20
CA GLU A 54 20.93 -10.19 9.51
C GLU A 54 21.40 -11.31 10.44
N ASN A 55 21.30 -12.57 10.03
CA ASN A 55 21.86 -13.69 10.78
C ASN A 55 23.15 -14.22 10.16
N GLY A 56 23.88 -13.36 9.44
CA GLY A 56 25.04 -13.76 8.68
C GLY A 56 26.34 -13.83 9.46
N PRO A 57 27.47 -13.80 8.74
CA PRO A 57 28.77 -14.06 9.38
C PRO A 57 29.37 -12.89 10.15
N GLY A 58 28.79 -11.69 10.06
CA GLY A 58 29.18 -10.60 10.94
C GLY A 58 30.48 -9.92 10.62
N TYR A 59 30.78 -9.69 9.33
CA TYR A 59 32.00 -8.99 8.97
C TYR A 59 32.01 -7.54 9.48
N TRP A 60 30.83 -6.91 9.55
CA TRP A 60 30.76 -5.53 10.03
C TRP A 60 31.40 -5.38 11.41
N GLY A 61 31.11 -6.32 12.31
CA GLY A 61 31.67 -6.28 13.65
C GLY A 61 32.96 -7.06 13.83
N ASN A 62 33.13 -8.14 13.08
CA ASN A 62 34.23 -9.08 13.33
C ASN A 62 35.32 -9.02 12.25
N TYR A 63 35.41 -7.90 11.52
CA TYR A 63 36.33 -7.83 10.39
C TYR A 63 37.77 -8.11 10.79
N LYS A 64 38.16 -7.77 12.02
CA LYS A 64 39.53 -8.03 12.46
C LYS A 64 39.83 -9.53 12.45
N THR A 65 38.86 -10.35 12.89
CA THR A 65 39.07 -11.80 12.88
C THR A 65 39.15 -12.34 11.45
N PHE A 66 38.31 -11.84 10.55
CA PHE A 66 38.44 -12.15 9.13
C PHE A 66 39.86 -11.87 8.65
N HIS A 67 40.36 -10.67 8.95
CA HIS A 67 41.67 -10.26 8.42
C HIS A 67 42.81 -11.03 9.07
N ASP A 68 42.68 -11.38 10.36
CA ASP A 68 43.66 -12.25 11.00
C ASP A 68 43.84 -13.55 10.24
N ASN A 69 42.72 -14.19 9.89
CA ASN A 69 42.79 -15.48 9.20
C ASN A 69 43.35 -15.33 7.80
N ALA A 70 42.98 -14.26 7.09
CA ALA A 70 43.54 -14.02 5.76
C ALA A 70 45.06 -13.82 5.84
N GLN A 71 45.52 -13.11 6.87
CA GLN A 71 46.95 -12.89 7.04
C GLN A 71 47.67 -14.18 7.36
N LYS A 72 47.10 -15.01 8.24
CA LYS A 72 47.69 -16.32 8.50
C LYS A 72 47.73 -17.18 7.24
N MET A 73 46.78 -16.99 6.33
CA MET A 73 46.71 -17.73 5.08
C MET A 73 47.66 -17.19 4.03
N GLY A 74 48.36 -16.10 4.31
CA GLY A 74 49.34 -15.56 3.38
C GLY A 74 48.78 -14.75 2.24
N LEU A 75 47.52 -14.31 2.33
CA LEU A 75 46.90 -13.59 1.22
C LEU A 75 47.42 -12.15 1.14
N LYS A 76 47.38 -11.60 -0.08
CA LYS A 76 48.02 -10.31 -0.36
C LYS A 76 47.12 -9.35 -1.12
N ILE A 77 45.86 -9.69 -1.36
CA ILE A 77 44.95 -8.82 -2.09
C ILE A 77 43.52 -9.13 -1.67
N ALA A 78 42.67 -8.11 -1.66
CA ALA A 78 41.27 -8.26 -1.31
C ALA A 78 40.41 -7.34 -2.16
N ARG A 79 39.24 -7.83 -2.57
CA ARG A 79 38.24 -7.04 -3.27
C ARG A 79 36.95 -7.03 -2.47
N LEU A 80 36.50 -5.84 -2.07
CA LEU A 80 35.29 -5.63 -1.29
C LEU A 80 34.50 -4.50 -1.93
N ASN A 81 33.27 -4.31 -1.45
CA ASN A 81 32.47 -3.18 -1.90
C ASN A 81 31.86 -2.46 -0.70
N VAL A 82 31.58 -1.17 -0.90
CA VAL A 82 30.80 -0.39 0.04
C VAL A 82 29.34 -0.48 -0.38
N GLU A 83 28.45 -0.49 0.61
CA GLU A 83 27.02 -0.49 0.34
C GLU A 83 26.50 0.95 0.25
N TRP A 84 26.08 1.33 -0.96
CA TRP A 84 25.44 2.61 -1.24
C TRP A 84 24.42 2.99 -0.17
N SER A 85 23.57 2.02 0.21
CA SER A 85 22.51 2.29 1.17
C SER A 85 23.05 2.68 2.54
N ARG A 86 24.23 2.17 2.93
CA ARG A 86 24.78 2.53 4.24
C ARG A 86 25.26 3.98 4.25
N ILE A 87 25.79 4.47 3.13
CA ILE A 87 26.34 5.82 3.10
C ILE A 87 25.21 6.85 2.90
N PHE A 88 24.22 6.52 2.07
CA PHE A 88 23.11 7.42 1.77
C PHE A 88 21.80 6.69 1.97
N PRO A 89 21.36 6.51 3.22
CA PRO A 89 20.09 5.79 3.47
C PRO A 89 18.85 6.60 3.16
N ASN A 90 18.96 7.93 3.05
CA ASN A 90 17.79 8.79 2.91
C ASN A 90 17.71 9.38 1.50
N PRO A 91 16.51 9.70 1.02
CA PRO A 91 16.38 10.26 -0.33
C PRO A 91 17.12 11.59 -0.45
N LEU A 92 17.78 11.75 -1.59
CA LEU A 92 18.35 13.04 -1.95
C LEU A 92 17.35 13.83 -2.78
N PRO A 93 17.32 15.15 -2.67
CA PRO A 93 16.34 15.93 -3.43
C PRO A 93 16.54 15.78 -4.93
N ARG A 94 15.46 15.99 -5.67
CA ARG A 94 15.52 15.92 -7.12
C ARG A 94 16.50 16.97 -7.65
N PRO A 95 17.30 16.64 -8.66
CA PRO A 95 18.20 17.64 -9.25
C PRO A 95 17.42 18.74 -9.96
N GLN A 96 18.00 19.93 -9.98
CA GLN A 96 17.31 21.08 -10.56
C GLN A 96 17.19 20.95 -12.08
N ASN A 97 18.31 20.81 -12.77
CA ASN A 97 18.34 20.73 -14.22
C ASN A 97 18.76 19.31 -14.62
N PHE A 98 17.77 18.43 -14.75
CA PHE A 98 18.01 17.06 -15.22
C PHE A 98 16.68 16.51 -15.74
N ASP A 99 16.62 16.23 -17.05
CA ASP A 99 15.41 15.72 -17.68
C ASP A 99 15.42 14.20 -17.61
N GLU A 100 14.53 13.63 -16.80
CA GLU A 100 14.48 12.18 -16.62
C GLU A 100 13.82 11.46 -17.78
N SER A 101 13.21 12.18 -18.73
CA SER A 101 12.70 11.53 -19.94
C SER A 101 13.77 11.39 -21.01
N LYS A 102 14.95 11.97 -20.81
CA LYS A 102 16.03 11.85 -21.78
C LYS A 102 16.65 10.46 -21.68
N GLN A 103 16.82 9.81 -22.83
CA GLN A 103 17.27 8.42 -22.83
C GLN A 103 18.75 8.29 -22.49
N ASP A 104 19.58 9.22 -22.97
CA ASP A 104 21.03 9.13 -22.84
C ASP A 104 21.52 10.08 -21.75
N VAL A 105 22.40 9.58 -20.89
CA VAL A 105 23.13 10.37 -19.91
C VAL A 105 24.58 10.43 -20.36
N THR A 106 24.95 11.49 -21.09
CA THR A 106 26.29 11.61 -21.66
C THR A 106 27.28 12.33 -20.75
N GLU A 107 26.80 13.04 -19.73
CA GLU A 107 27.68 13.74 -18.80
C GLU A 107 26.99 13.87 -17.45
N VAL A 108 27.78 13.73 -16.38
CA VAL A 108 27.36 14.06 -15.03
C VAL A 108 28.45 14.95 -14.44
N GLU A 109 28.12 16.22 -14.20
CA GLU A 109 29.10 17.17 -13.72
C GLU A 109 29.54 16.85 -12.30
N ILE A 110 30.85 16.77 -12.08
CA ILE A 110 31.43 16.56 -10.76
C ILE A 110 32.38 17.72 -10.46
N ASN A 111 32.19 18.36 -9.31
CA ASN A 111 33.10 19.40 -8.87
C ASN A 111 33.10 19.44 -7.35
N GLU A 112 34.05 20.22 -6.81
CA GLU A 112 34.28 20.27 -5.36
C GLU A 112 33.02 20.66 -4.60
N ASN A 113 32.32 21.70 -5.04
CA ASN A 113 31.14 22.16 -4.30
C ASN A 113 30.03 21.12 -4.33
N GLU A 114 29.87 20.42 -5.45
CA GLU A 114 28.86 19.36 -5.51
C GLU A 114 29.19 18.24 -4.54
N LEU A 115 30.46 17.86 -4.45
CA LEU A 115 30.87 16.82 -3.50
C LEU A 115 30.62 17.26 -2.06
N LYS A 116 30.88 18.52 -1.74
CA LYS A 116 30.63 19.02 -0.40
C LYS A 116 29.15 19.04 -0.07
N ARG A 117 28.30 19.36 -1.04
CA ARG A 117 26.86 19.30 -0.81
C ARG A 117 26.41 17.87 -0.55
N LEU A 118 26.94 16.91 -1.31
CA LEU A 118 26.65 15.50 -1.06
C LEU A 118 27.09 15.09 0.33
N ASP A 119 28.25 15.58 0.78
CA ASP A 119 28.77 15.19 2.09
C ASP A 119 27.78 15.46 3.22
N GLU A 120 26.99 16.54 3.09
CA GLU A 120 26.04 16.90 4.14
C GLU A 120 24.92 15.88 4.30
N TYR A 121 24.65 15.06 3.29
CA TYR A 121 23.62 14.04 3.36
C TYR A 121 24.17 12.67 3.74
N ALA A 122 25.49 12.49 3.73
CA ALA A 122 26.09 11.17 3.95
C ALA A 122 26.03 10.75 5.42
N ASN A 123 25.88 9.44 5.63
CA ASN A 123 25.91 8.87 6.97
C ASN A 123 27.36 8.76 7.44
N LYS A 124 27.74 9.61 8.39
CA LYS A 124 29.14 9.67 8.82
C LYS A 124 29.52 8.44 9.63
N ASP A 125 28.57 7.84 10.37
CA ASP A 125 28.86 6.61 11.12
C ASP A 125 29.36 5.52 10.19
N ALA A 126 28.59 5.23 9.14
CA ALA A 126 28.97 4.19 8.18
C ALA A 126 30.27 4.54 7.49
N LEU A 127 30.46 5.83 7.17
CA LEU A 127 31.67 6.26 6.46
C LEU A 127 32.91 6.02 7.32
N ASN A 128 32.85 6.40 8.60
CA ASN A 128 33.99 6.19 9.49
C ASN A 128 34.22 4.71 9.74
N HIS A 129 33.15 3.91 9.84
CA HIS A 129 33.32 2.48 10.09
C HIS A 129 34.01 1.79 8.92
N TYR A 130 33.60 2.11 7.69
CA TYR A 130 34.30 1.56 6.53
C TYR A 130 35.77 1.95 6.53
N ARG A 131 36.08 3.19 6.90
CA ARG A 131 37.48 3.63 6.98
C ARG A 131 38.27 2.76 7.95
N GLU A 132 37.67 2.44 9.11
CA GLU A 132 38.33 1.58 10.07
C GLU A 132 38.54 0.17 9.51
N ILE A 133 37.54 -0.35 8.80
CA ILE A 133 37.67 -1.67 8.18
C ILE A 133 38.82 -1.67 7.17
N PHE A 134 38.84 -0.67 6.29
CA PHE A 134 39.83 -0.64 5.22
C PHE A 134 41.23 -0.32 5.75
N LYS A 135 41.33 0.49 6.80
CA LYS A 135 42.60 0.73 7.46
C LYS A 135 43.18 -0.56 8.02
N ASP A 136 42.35 -1.33 8.72
CA ASP A 136 42.81 -2.61 9.26
C ASP A 136 43.22 -3.56 8.14
N LEU A 137 42.48 -3.55 7.04
CA LEU A 137 42.83 -4.37 5.88
C LEU A 137 44.22 -4.02 5.36
N LYS A 138 44.48 -2.73 5.12
CA LYS A 138 45.76 -2.31 4.57
C LYS A 138 46.91 -2.60 5.52
N SER A 139 46.66 -2.53 6.83
CA SER A 139 47.71 -2.79 7.82
C SER A 139 48.19 -4.23 7.82
N ARG A 140 47.45 -5.15 7.18
CA ARG A 140 47.90 -6.52 7.02
C ARG A 140 48.68 -6.73 5.74
N GLY A 141 49.01 -5.66 5.03
CA GLY A 141 49.73 -5.78 3.77
C GLY A 141 48.88 -6.25 2.61
N LEU A 142 47.56 -6.04 2.67
CA LEU A 142 46.67 -6.45 1.59
C LEU A 142 46.49 -5.32 0.58
N TYR A 143 46.77 -5.61 -0.68
CA TYR A 143 46.40 -4.75 -1.80
C TYR A 143 44.87 -4.69 -1.90
N PHE A 144 44.34 -3.50 -2.16
CA PHE A 144 42.91 -3.22 -1.97
C PHE A 144 42.26 -2.82 -3.29
N ILE A 145 41.34 -3.64 -3.78
CA ILE A 145 40.45 -3.28 -4.88
C ILE A 145 39.10 -2.92 -4.29
N LEU A 146 38.67 -1.67 -4.48
CA LEU A 146 37.38 -1.21 -3.97
C LEU A 146 36.35 -1.21 -5.11
N ASN A 147 35.27 -1.96 -4.92
CA ASN A 147 34.16 -2.01 -5.85
C ASN A 147 33.03 -1.15 -5.31
N MET A 148 32.33 -0.44 -6.19
CA MET A 148 31.32 0.51 -5.74
C MET A 148 29.94 -0.12 -5.53
N TYR A 149 29.64 -1.20 -6.25
CA TYR A 149 28.27 -1.70 -6.32
C TYR A 149 28.28 -3.21 -6.49
N HIS A 150 27.54 -3.91 -5.63
CA HIS A 150 27.43 -5.37 -5.68
C HIS A 150 25.99 -5.81 -5.44
N TRP A 151 25.02 -5.11 -6.08
CA TRP A 151 23.64 -5.49 -6.43
C TRP A 151 22.57 -4.74 -5.63
N PRO A 152 22.57 -4.72 -4.29
CA PRO A 152 21.52 -3.99 -3.58
C PRO A 152 21.60 -2.49 -3.84
N LEU A 153 20.43 -1.89 -4.06
CA LEU A 153 20.26 -0.45 -4.24
C LEU A 153 19.53 0.13 -3.03
N PRO A 154 19.76 1.41 -2.71
CA PRO A 154 18.96 2.07 -1.68
C PRO A 154 17.47 1.98 -2.01
N LEU A 155 16.66 1.76 -0.97
CA LEU A 155 15.21 1.64 -1.16
C LEU A 155 14.62 2.88 -1.80
N TRP A 156 15.15 4.07 -1.48
CA TRP A 156 14.60 5.28 -2.08
C TRP A 156 14.85 5.35 -3.58
N LEU A 157 15.73 4.49 -4.12
CA LEU A 157 15.92 4.39 -5.56
C LEU A 157 15.22 3.20 -6.19
N HIS A 158 14.80 2.20 -5.41
CA HIS A 158 14.17 1.01 -5.98
C HIS A 158 13.30 0.33 -4.93
N ASP A 159 11.98 0.37 -5.12
CA ASP A 159 11.05 -0.45 -4.36
C ASP A 159 10.74 -1.67 -5.21
N PRO A 160 11.34 -2.84 -4.95
CA PRO A 160 11.20 -3.96 -5.89
C PRO A 160 9.86 -4.66 -5.81
N ILE A 161 9.16 -4.58 -4.67
CA ILE A 161 7.84 -5.20 -4.57
C ILE A 161 6.84 -4.48 -5.46
N ARG A 162 6.94 -3.14 -5.51
CA ARG A 162 6.07 -2.35 -6.37
C ARG A 162 6.27 -2.72 -7.83
N VAL A 163 7.52 -2.85 -8.27
CA VAL A 163 7.79 -3.21 -9.66
C VAL A 163 7.36 -4.64 -9.96
N ARG A 164 7.57 -5.56 -9.01
CA ARG A 164 7.11 -6.94 -9.19
C ARG A 164 5.63 -6.99 -9.52
N ARG A 165 4.84 -6.15 -8.85
CA ARG A 165 3.39 -6.12 -9.03
C ARG A 165 2.96 -5.41 -10.30
N GLY A 166 3.89 -4.90 -11.10
CA GLY A 166 3.56 -4.21 -12.33
C GLY A 166 3.29 -2.72 -12.19
N ASP A 167 3.62 -2.12 -11.05
CA ASP A 167 3.47 -0.69 -10.84
C ASP A 167 4.80 -0.01 -11.07
N PHE A 168 4.86 0.86 -12.08
CA PHE A 168 6.09 1.54 -12.47
C PHE A 168 6.07 3.03 -12.16
N THR A 169 5.25 3.46 -11.20
CA THR A 169 5.16 4.87 -10.83
C THR A 169 6.05 5.22 -9.64
N GLY A 170 6.78 4.26 -9.07
CA GLY A 170 7.65 4.51 -7.96
C GLY A 170 9.12 4.44 -8.34
N PRO A 171 10.00 4.40 -7.34
CA PRO A 171 11.43 4.22 -7.62
C PRO A 171 11.69 2.87 -8.27
N SER A 172 12.23 2.91 -9.49
CA SER A 172 12.26 1.73 -10.35
C SER A 172 13.67 1.22 -10.64
N GLY A 173 14.64 1.56 -9.80
CA GLY A 173 15.97 0.98 -9.92
C GLY A 173 16.63 1.34 -11.24
N TRP A 174 17.26 0.33 -11.87
CA TRP A 174 18.00 0.54 -13.10
C TRP A 174 17.11 0.82 -14.31
N LEU A 175 15.78 0.85 -14.15
CA LEU A 175 14.91 1.31 -15.23
C LEU A 175 14.82 2.83 -15.31
N SER A 176 15.37 3.55 -14.35
CA SER A 176 15.28 5.00 -14.29
C SER A 176 16.67 5.62 -14.45
N THR A 177 16.76 6.65 -15.28
CA THR A 177 18.03 7.37 -15.40
C THR A 177 18.40 8.16 -14.15
N ARG A 178 17.43 8.38 -13.25
CA ARG A 178 17.79 8.97 -11.96
C ARG A 178 18.84 8.12 -11.24
N THR A 179 18.70 6.80 -11.33
CA THR A 179 19.69 5.90 -10.72
C THR A 179 21.04 6.05 -11.39
N VAL A 180 21.06 6.23 -12.71
CA VAL A 180 22.32 6.45 -13.44
C VAL A 180 23.01 7.71 -12.93
N TYR A 181 22.25 8.79 -12.84
CA TYR A 181 22.80 10.06 -12.37
C TYR A 181 23.35 9.94 -10.95
N GLU A 182 22.57 9.36 -10.04
CA GLU A 182 23.01 9.27 -8.64
C GLU A 182 24.17 8.31 -8.45
N PHE A 183 24.24 7.24 -9.25
CA PHE A 183 25.35 6.30 -9.10
C PHE A 183 26.69 6.94 -9.47
N ALA A 184 26.70 7.76 -10.54
CA ALA A 184 27.92 8.44 -10.92
C ALA A 184 28.41 9.36 -9.82
N ARG A 185 27.49 10.07 -9.16
CA ARG A 185 27.88 10.96 -8.07
C ARG A 185 28.30 10.16 -6.84
N PHE A 186 27.62 9.05 -6.57
CA PHE A 186 28.05 8.15 -5.49
C PHE A 186 29.48 7.67 -5.72
N SER A 187 29.77 7.19 -6.93
CA SER A 187 31.10 6.64 -7.21
C SER A 187 32.18 7.71 -7.04
N ALA A 188 31.94 8.91 -7.57
CA ALA A 188 32.90 9.99 -7.39
C ALA A 188 33.08 10.35 -5.93
N TYR A 189 31.98 10.35 -5.16
CA TYR A 189 32.05 10.70 -3.75
C TYR A 189 32.91 9.72 -2.96
N ILE A 190 32.74 8.42 -3.21
CA ILE A 190 33.49 7.41 -2.47
C ILE A 190 34.98 7.53 -2.76
N ALA A 191 35.33 7.68 -4.04
CA ALA A 191 36.73 7.86 -4.40
C ALA A 191 37.29 9.14 -3.77
N TRP A 192 36.50 10.20 -3.75
CA TRP A 192 36.90 11.44 -3.09
C TRP A 192 37.25 11.20 -1.62
N LYS A 193 36.51 10.31 -0.96
CA LYS A 193 36.68 10.04 0.46
C LYS A 193 37.76 9.00 0.78
N PHE A 194 37.96 8.02 -0.10
CA PHE A 194 38.76 6.84 0.24
C PHE A 194 39.99 6.66 -0.64
N ASP A 195 40.30 7.59 -1.54
CA ASP A 195 41.37 7.37 -2.50
C ASP A 195 42.70 7.05 -1.82
N ASP A 196 42.94 7.60 -0.63
CA ASP A 196 44.20 7.35 0.06
C ASP A 196 44.38 5.88 0.44
N LEU A 197 43.29 5.13 0.58
CA LEU A 197 43.34 3.73 0.96
C LEU A 197 43.24 2.77 -0.22
N VAL A 198 42.68 3.21 -1.34
CA VAL A 198 42.36 2.33 -2.46
C VAL A 198 43.59 2.19 -3.35
N ASP A 199 43.79 0.98 -3.89
CA ASP A 199 44.80 0.77 -4.91
C ASP A 199 44.20 0.78 -6.31
N GLU A 200 43.11 0.05 -6.53
CA GLU A 200 42.41 0.08 -7.81
C GLU A 200 40.91 0.03 -7.55
N TYR A 201 40.15 0.57 -8.51
CA TYR A 201 38.70 0.69 -8.40
C TYR A 201 38.00 -0.24 -9.37
N SER A 202 36.80 -0.69 -8.98
CA SER A 202 35.83 -1.29 -9.86
C SER A 202 34.50 -0.58 -9.69
N THR A 203 33.80 -0.33 -10.81
CA THR A 203 32.53 0.37 -10.72
C THR A 203 31.43 -0.53 -10.18
N MET A 204 31.34 -1.76 -10.68
CA MET A 204 30.22 -2.61 -10.31
C MET A 204 30.59 -4.08 -10.50
N ASN A 205 29.80 -4.95 -9.89
CA ASN A 205 29.99 -6.39 -9.92
C ASN A 205 28.87 -7.03 -10.73
N GLU A 206 29.24 -7.73 -11.79
CA GLU A 206 28.34 -8.58 -12.57
C GLU A 206 27.03 -7.89 -12.94
N PRO A 207 27.08 -6.77 -13.66
CA PRO A 207 25.83 -6.11 -14.07
C PRO A 207 24.97 -6.97 -14.98
N ASN A 208 25.58 -7.90 -15.72
CA ASN A 208 24.80 -8.78 -16.58
C ASN A 208 23.89 -9.71 -15.77
N VAL A 209 24.30 -10.07 -14.55
CA VAL A 209 23.47 -10.90 -13.69
C VAL A 209 22.32 -10.09 -13.11
N VAL A 210 22.57 -8.83 -12.76
CA VAL A 210 21.52 -7.97 -12.22
C VAL A 210 20.38 -7.83 -13.22
N GLY A 211 20.72 -7.48 -14.47
CA GLY A 211 19.68 -7.29 -15.47
C GLY A 211 19.09 -8.59 -15.98
N GLY A 212 19.92 -9.64 -16.08
CA GLY A 212 19.45 -10.89 -16.66
C GLY A 212 18.51 -11.64 -15.73
N LEU A 213 18.93 -11.83 -14.48
CA LEU A 213 18.09 -12.54 -13.52
C LEU A 213 16.96 -11.68 -12.98
N GLY A 214 17.16 -10.36 -12.93
CA GLY A 214 16.11 -9.48 -12.43
C GLY A 214 14.89 -9.41 -13.31
N TYR A 215 15.07 -9.54 -14.63
CA TYR A 215 13.98 -9.29 -15.57
C TYR A 215 13.74 -10.43 -16.56
N VAL A 216 14.55 -11.48 -16.56
CA VAL A 216 14.32 -12.61 -17.45
C VAL A 216 14.28 -13.90 -16.65
N GLY A 217 15.38 -14.23 -15.97
CA GLY A 217 15.45 -15.44 -15.19
C GLY A 217 14.75 -15.32 -13.85
N VAL A 218 13.43 -15.08 -13.86
CA VAL A 218 12.71 -14.70 -12.66
C VAL A 218 12.50 -15.85 -11.69
N LYS A 219 12.70 -17.09 -12.11
CA LYS A 219 12.63 -18.18 -11.13
C LYS A 219 13.81 -18.16 -10.17
N SER A 220 14.88 -17.41 -10.50
CA SER A 220 16.03 -17.30 -9.61
C SER A 220 15.71 -16.53 -8.34
N GLY A 221 14.61 -15.77 -8.31
CA GLY A 221 14.28 -15.02 -7.11
C GLY A 221 15.10 -13.78 -6.89
N PHE A 222 15.57 -13.12 -7.99
CA PHE A 222 16.28 -11.84 -7.93
C PHE A 222 15.32 -10.68 -8.15
N PRO A 223 15.50 -9.54 -7.46
CA PRO A 223 14.59 -8.39 -7.61
C PRO A 223 14.81 -7.66 -8.94
N PRO A 224 13.75 -7.05 -9.49
CA PRO A 224 12.38 -7.02 -8.96
C PRO A 224 11.52 -8.19 -9.43
N GLY A 225 12.10 -9.10 -10.20
CA GLY A 225 11.39 -10.29 -10.64
C GLY A 225 10.23 -10.02 -11.58
N TYR A 226 10.36 -9.04 -12.47
CA TYR A 226 9.33 -8.70 -13.44
C TYR A 226 9.80 -9.19 -14.80
N LEU A 227 9.07 -10.16 -15.36
CA LEU A 227 9.49 -10.84 -16.60
C LEU A 227 9.23 -9.94 -17.80
N SER A 228 10.32 -9.49 -18.45
CA SER A 228 10.22 -8.63 -19.62
C SER A 228 11.54 -8.53 -20.38
N PHE A 229 11.57 -9.04 -21.62
CA PHE A 229 12.73 -8.83 -22.49
C PHE A 229 13.07 -7.36 -22.61
N GLU A 230 12.07 -6.52 -22.87
CA GLU A 230 12.28 -5.12 -23.16
C GLU A 230 12.88 -4.39 -21.97
N LEU A 231 12.32 -4.60 -20.77
CA LEU A 231 12.84 -3.91 -19.59
C LEU A 231 14.20 -4.44 -19.20
N SER A 232 14.51 -5.71 -19.53
CA SER A 232 15.86 -6.21 -19.34
C SER A 232 16.86 -5.42 -20.16
N ARG A 233 16.52 -5.14 -21.42
CA ARG A 233 17.40 -4.35 -22.28
C ARG A 233 17.56 -2.93 -21.74
N ARG A 234 16.47 -2.32 -21.27
CA ARG A 234 16.56 -0.97 -20.75
C ARG A 234 17.45 -0.91 -19.51
N ALA A 235 17.31 -1.89 -18.62
CA ALA A 235 18.17 -1.93 -17.44
C ALA A 235 19.64 -2.03 -17.83
N MET A 236 19.96 -2.91 -18.79
CA MET A 236 21.35 -3.05 -19.22
C MET A 236 21.85 -1.79 -19.92
N TYR A 237 20.99 -1.13 -20.69
CA TYR A 237 21.36 0.12 -21.32
C TYR A 237 21.75 1.16 -20.28
N ASN A 238 20.93 1.32 -19.24
CA ASN A 238 21.21 2.31 -18.20
C ASN A 238 22.44 1.92 -17.38
N ILE A 239 22.63 0.63 -17.12
CA ILE A 239 23.77 0.23 -16.30
C ILE A 239 25.07 0.44 -17.07
N ILE A 240 25.02 0.38 -18.40
CA ILE A 240 26.20 0.67 -19.20
C ILE A 240 26.57 2.16 -19.10
N GLN A 241 25.57 3.04 -19.26
CA GLN A 241 25.86 4.48 -19.09
C GLN A 241 26.30 4.78 -17.66
N ALA A 242 25.72 4.08 -16.68
CA ALA A 242 26.10 4.32 -15.29
C ALA A 242 27.56 3.99 -15.06
N HIS A 243 28.06 2.93 -15.70
CA HIS A 243 29.49 2.62 -15.60
C HIS A 243 30.33 3.73 -16.20
N ALA A 244 29.97 4.18 -17.41
CA ALA A 244 30.77 5.22 -18.07
C ALA A 244 30.80 6.50 -17.26
N ARG A 245 29.66 6.90 -16.70
CA ARG A 245 29.61 8.12 -15.90
C ARG A 245 30.32 7.94 -14.56
N ALA A 246 30.28 6.73 -13.99
CA ALA A 246 31.04 6.47 -12.77
C ALA A 246 32.53 6.50 -13.03
N TYR A 247 32.95 5.98 -14.19
CA TYR A 247 34.36 6.04 -14.58
C TYR A 247 34.84 7.49 -14.65
N ASP A 248 34.12 8.32 -15.40
CA ASP A 248 34.49 9.74 -15.49
C ASP A 248 34.44 10.41 -14.13
N GLY A 249 33.47 10.04 -13.29
CA GLY A 249 33.38 10.65 -11.97
C GLY A 249 34.57 10.32 -11.10
N ILE A 250 34.99 9.05 -11.08
CA ILE A 250 36.13 8.65 -10.27
C ILE A 250 37.41 9.31 -10.80
N LYS A 251 37.58 9.34 -12.12
CA LYS A 251 38.76 9.93 -12.72
C LYS A 251 38.85 11.43 -12.47
N SER A 252 37.74 12.08 -12.13
CA SER A 252 37.79 13.50 -11.82
C SER A 252 38.36 13.79 -10.43
N VAL A 253 38.53 12.77 -9.59
CA VAL A 253 39.11 12.94 -8.27
C VAL A 253 40.28 11.99 -8.02
N SER A 254 40.58 11.08 -8.95
CA SER A 254 41.60 10.07 -8.73
C SER A 254 42.31 9.77 -10.04
N LYS A 255 43.57 9.35 -9.92
CA LYS A 255 44.36 8.92 -11.08
C LYS A 255 44.56 7.41 -11.12
N LYS A 256 43.89 6.67 -10.24
CA LYS A 256 44.11 5.25 -10.10
C LYS A 256 43.26 4.47 -11.11
N PRO A 257 43.63 3.21 -11.40
CA PRO A 257 42.91 2.45 -12.43
C PRO A 257 41.47 2.18 -12.04
N VAL A 258 40.59 2.20 -13.04
CA VAL A 258 39.16 1.94 -12.87
C VAL A 258 38.76 0.84 -13.84
N GLY A 259 38.22 -0.25 -13.29
CA GLY A 259 37.79 -1.35 -14.13
C GLY A 259 36.35 -1.74 -13.87
N ILE A 260 35.98 -2.97 -14.22
CA ILE A 260 34.64 -3.49 -13.99
C ILE A 260 34.74 -5.00 -13.80
N ILE A 261 33.78 -5.58 -13.08
CA ILE A 261 33.75 -7.00 -12.76
C ILE A 261 32.51 -7.61 -13.40
N TYR A 262 32.70 -8.71 -14.13
CA TYR A 262 31.69 -9.24 -15.03
C TYR A 262 31.65 -10.77 -14.93
N ALA A 263 30.43 -11.32 -14.97
CA ALA A 263 30.24 -12.77 -14.88
C ALA A 263 30.45 -13.43 -16.24
N ASN A 264 31.22 -14.53 -16.26
CA ASN A 264 31.58 -15.19 -17.50
C ASN A 264 31.31 -16.68 -17.43
N SER A 265 31.01 -17.26 -18.59
CA SER A 265 31.07 -18.69 -18.81
C SER A 265 32.01 -18.97 -19.98
N SER A 266 32.58 -20.17 -20.02
CA SER A 266 33.31 -20.63 -21.19
C SER A 266 32.32 -21.34 -22.10
N PHE A 267 32.06 -20.75 -23.27
CA PHE A 267 31.11 -21.34 -24.20
C PHE A 267 31.81 -22.42 -25.03
N GLN A 268 31.32 -23.65 -24.94
CA GLN A 268 31.97 -24.81 -25.51
C GLN A 268 31.06 -25.50 -26.52
N PRO A 269 31.61 -26.01 -27.62
CA PRO A 269 30.77 -26.63 -28.64
C PRO A 269 30.44 -28.08 -28.31
N LEU A 270 29.18 -28.45 -28.50
CA LEU A 270 28.76 -29.83 -28.28
C LEU A 270 29.51 -30.78 -29.20
N THR A 271 29.56 -30.46 -30.49
CA THR A 271 30.31 -31.22 -31.49
C THR A 271 31.23 -30.25 -32.21
N ASP A 272 32.12 -30.80 -33.04
CA ASP A 272 33.03 -29.96 -33.81
C ASP A 272 32.31 -29.16 -34.90
N LYS A 273 31.01 -29.35 -35.08
CA LYS A 273 30.22 -28.58 -36.04
C LYS A 273 29.62 -27.32 -35.44
N ASP A 274 29.87 -27.05 -34.15
CA ASP A 274 29.17 -26.01 -33.42
C ASP A 274 30.07 -24.82 -33.07
N MET A 275 31.20 -24.68 -33.77
CA MET A 275 32.14 -23.62 -33.43
C MET A 275 31.56 -22.24 -33.72
N GLU A 276 30.64 -22.15 -34.69
CA GLU A 276 30.00 -20.87 -34.97
C GLU A 276 28.96 -20.52 -33.91
N ALA A 277 28.33 -21.53 -33.30
CA ALA A 277 27.42 -21.27 -32.19
C ALA A 277 28.18 -20.68 -31.00
N VAL A 278 29.42 -21.12 -30.79
CA VAL A 278 30.25 -20.57 -29.72
C VAL A 278 30.47 -19.07 -29.94
N GLU A 279 30.86 -18.69 -31.15
CA GLU A 279 31.11 -17.28 -31.43
C GLU A 279 29.85 -16.45 -31.28
N MET A 280 28.70 -17.00 -31.67
CA MET A 280 27.44 -16.27 -31.48
C MET A 280 27.15 -16.06 -29.99
N ALA A 281 27.34 -17.11 -29.19
CA ALA A 281 27.08 -17.00 -27.75
C ALA A 281 28.02 -16.00 -27.09
N GLU A 282 29.29 -15.97 -27.51
CA GLU A 282 30.24 -15.01 -26.96
C GLU A 282 29.86 -13.58 -27.33
N ASN A 283 29.42 -13.36 -28.57
CA ASN A 283 28.94 -12.04 -28.97
C ASN A 283 27.77 -11.60 -28.10
N ASP A 284 26.77 -12.45 -27.94
CA ASP A 284 25.52 -12.07 -27.29
C ASP A 284 25.64 -11.96 -25.78
N ASN A 285 26.63 -12.61 -25.18
CA ASN A 285 26.77 -12.64 -23.72
C ASN A 285 28.01 -11.93 -23.20
N ARG A 286 28.93 -11.52 -24.08
CA ARG A 286 30.20 -10.98 -23.61
C ARG A 286 30.64 -9.78 -24.44
N TRP A 287 30.87 -9.99 -25.73
CA TRP A 287 31.51 -8.95 -26.53
C TRP A 287 30.65 -7.72 -26.72
N TRP A 288 29.32 -7.89 -26.82
CA TRP A 288 28.45 -6.73 -27.00
C TRP A 288 28.62 -5.73 -25.85
N PHE A 289 28.76 -6.24 -24.62
CA PHE A 289 28.86 -5.37 -23.46
C PHE A 289 30.19 -4.64 -23.43
N PHE A 290 31.28 -5.37 -23.64
CA PHE A 290 32.61 -4.75 -23.52
C PHE A 290 32.99 -3.93 -24.73
N ASP A 291 32.49 -4.28 -25.92
CA ASP A 291 32.67 -3.38 -27.06
C ASP A 291 32.03 -2.03 -26.80
N ALA A 292 30.94 -2.00 -26.02
CA ALA A 292 30.28 -0.74 -25.70
C ALA A 292 31.14 0.14 -24.79
N ILE A 293 31.67 -0.42 -23.69
CA ILE A 293 32.38 0.43 -22.73
C ILE A 293 33.86 0.59 -23.04
N ILE A 294 34.40 -0.18 -23.98
CA ILE A 294 35.79 0.00 -24.42
C ILE A 294 35.85 0.76 -25.74
N ARG A 295 35.08 0.32 -26.73
CA ARG A 295 35.12 0.90 -28.08
C ARG A 295 33.96 1.86 -28.36
N GLY A 296 33.01 2.01 -27.44
CA GLY A 296 31.89 2.91 -27.64
C GLY A 296 30.79 2.40 -28.55
N GLU A 297 30.85 1.14 -28.97
CA GLU A 297 29.92 0.59 -29.96
C GLU A 297 28.72 0.01 -29.22
N ILE A 298 27.55 0.61 -29.41
CA ILE A 298 26.33 0.16 -28.73
C ILE A 298 25.15 0.18 -29.71
N THR A 299 24.04 -0.41 -29.28
CA THR A 299 22.76 -0.36 -29.97
C THR A 299 21.76 0.35 -29.08
N ARG A 300 21.13 1.42 -29.60
CA ARG A 300 20.12 2.18 -28.88
C ARG A 300 18.80 2.03 -29.63
N GLY A 301 17.83 1.39 -28.99
CA GLY A 301 16.57 1.12 -29.65
C GLY A 301 16.73 0.17 -30.82
N ASN A 302 16.56 0.67 -32.04
CA ASN A 302 16.74 -0.12 -33.25
C ASN A 302 17.82 0.48 -34.14
N GLU A 303 18.92 0.93 -33.54
CA GLU A 303 20.01 1.53 -34.31
C GLU A 303 21.34 1.25 -33.65
N LYS A 304 22.36 1.00 -34.47
CA LYS A 304 23.72 0.76 -34.00
C LYS A 304 24.55 2.02 -34.24
N ILE A 305 25.33 2.42 -33.24
CA ILE A 305 26.02 3.70 -33.21
C ILE A 305 27.39 3.54 -32.58
N VAL A 306 28.10 4.66 -32.45
CA VAL A 306 29.36 4.75 -31.72
C VAL A 306 29.27 6.02 -30.86
N ARG A 307 29.12 5.85 -29.56
CA ARG A 307 28.98 6.97 -28.63
C ARG A 307 30.35 7.37 -28.09
N ASP A 308 30.72 8.64 -28.29
CA ASP A 308 32.01 9.12 -27.80
C ASP A 308 32.08 9.14 -26.28
N ASP A 309 30.93 9.33 -25.62
CA ASP A 309 30.94 9.38 -24.16
C ASP A 309 31.10 8.02 -23.51
N LEU A 310 31.05 6.93 -24.29
CA LEU A 310 31.27 5.60 -23.75
C LEU A 310 32.66 5.06 -24.06
N LYS A 311 33.31 5.54 -25.11
CA LYS A 311 34.56 4.97 -25.58
C LYS A 311 35.69 5.17 -24.57
N GLY A 312 36.49 4.12 -24.39
CA GLY A 312 37.69 4.21 -23.57
C GLY A 312 37.48 4.26 -22.08
N ARG A 313 36.30 3.88 -21.59
CA ARG A 313 35.99 3.96 -20.16
C ARG A 313 36.30 2.64 -19.44
N LEU A 314 37.53 2.15 -19.58
CA LEU A 314 37.93 0.94 -18.88
C LEU A 314 39.45 0.82 -18.89
N ASP A 315 40.02 0.57 -17.71
CA ASP A 315 41.46 0.36 -17.55
C ASP A 315 41.85 -1.10 -17.32
N TRP A 316 40.95 -1.91 -16.77
CA TRP A 316 41.25 -3.33 -16.52
C TRP A 316 39.93 -4.08 -16.46
N ILE A 317 40.03 -5.41 -16.57
CA ILE A 317 38.84 -6.26 -16.66
C ILE A 317 38.87 -7.27 -15.52
N GLY A 318 37.80 -7.30 -14.73
CA GLY A 318 37.64 -8.32 -13.70
C GLY A 318 36.94 -9.55 -14.23
N VAL A 319 37.66 -10.67 -14.29
CA VAL A 319 37.16 -11.91 -14.87
C VAL A 319 36.62 -12.78 -13.75
N ASN A 320 35.30 -12.90 -13.67
CA ASN A 320 34.64 -13.89 -12.82
C ASN A 320 34.34 -15.14 -13.62
N TYR A 321 34.56 -16.30 -13.00
CA TYR A 321 34.37 -17.57 -13.70
C TYR A 321 34.10 -18.68 -12.71
N TYR A 322 33.17 -19.58 -13.06
CA TYR A 322 33.03 -20.82 -12.29
C TYR A 322 32.71 -22.06 -13.11
N THR A 323 32.10 -21.97 -14.30
CA THR A 323 31.84 -23.16 -15.09
C THR A 323 31.60 -22.76 -16.55
N ARG A 324 31.36 -23.77 -17.38
CA ARG A 324 31.16 -23.61 -18.81
C ARG A 324 29.69 -23.56 -19.19
N THR A 325 29.44 -23.30 -20.47
CA THR A 325 28.13 -23.44 -21.08
C THR A 325 28.30 -24.13 -22.42
N VAL A 326 27.60 -25.24 -22.64
CA VAL A 326 27.70 -26.01 -23.86
C VAL A 326 26.58 -25.60 -24.81
N VAL A 327 26.94 -25.27 -26.06
CA VAL A 327 25.98 -24.77 -27.05
C VAL A 327 26.09 -25.61 -28.32
N LYS A 328 25.00 -25.58 -29.10
CA LYS A 328 24.96 -26.24 -30.40
C LYS A 328 24.23 -25.34 -31.39
N ARG A 329 24.54 -25.54 -32.68
CA ARG A 329 23.87 -24.81 -33.74
C ARG A 329 22.43 -25.27 -33.87
N THR A 330 21.53 -24.31 -34.11
CA THR A 330 20.19 -24.60 -34.60
C THR A 330 20.03 -23.91 -35.95
N GLU A 331 18.84 -24.05 -36.54
CA GLU A 331 18.56 -23.27 -37.74
C GLU A 331 18.26 -21.82 -37.39
N LYS A 332 17.58 -21.60 -36.25
CA LYS A 332 17.28 -20.24 -35.82
C LYS A 332 18.51 -19.52 -35.29
N GLY A 333 19.50 -20.26 -34.79
CA GLY A 333 20.70 -19.65 -34.25
C GLY A 333 21.57 -20.58 -33.43
N TYR A 334 21.40 -20.54 -32.11
CA TYR A 334 22.10 -21.45 -31.21
C TYR A 334 21.25 -21.65 -29.97
N VAL A 335 21.54 -22.73 -29.24
CA VAL A 335 20.88 -22.99 -27.97
C VAL A 335 21.90 -23.62 -27.01
N SER A 336 21.72 -23.35 -25.73
CA SER A 336 22.54 -23.94 -24.67
C SER A 336 21.84 -25.18 -24.12
N LEU A 337 22.65 -26.14 -23.67
CA LEU A 337 22.15 -27.47 -23.33
C LEU A 337 22.13 -27.69 -21.82
N GLY A 338 21.03 -28.24 -21.33
CA GLY A 338 20.97 -28.67 -19.95
C GLY A 338 21.81 -29.91 -19.72
N GLY A 339 22.10 -30.18 -18.44
CA GLY A 339 22.97 -31.28 -18.08
C GLY A 339 24.45 -30.98 -18.19
N TYR A 340 24.81 -29.75 -18.52
CA TYR A 340 26.19 -29.29 -18.53
C TYR A 340 26.26 -27.94 -17.81
N GLY A 341 27.46 -27.58 -17.36
CA GLY A 341 27.72 -26.24 -16.88
C GLY A 341 26.84 -25.82 -15.71
N HIS A 342 26.07 -24.75 -15.92
CA HIS A 342 25.21 -24.20 -14.87
C HIS A 342 24.01 -25.07 -14.57
N GLY A 343 23.59 -25.90 -15.51
CA GLY A 343 22.29 -26.56 -15.40
C GLY A 343 22.34 -28.05 -15.15
N CYS A 344 23.10 -28.47 -14.15
CA CYS A 344 23.19 -29.87 -13.75
C CYS A 344 22.43 -30.10 -12.46
N GLU A 345 22.22 -31.38 -12.14
CA GLU A 345 21.74 -31.75 -10.82
C GLU A 345 22.79 -31.45 -9.76
N ARG A 346 22.32 -31.14 -8.55
CA ARG A 346 23.23 -30.89 -7.45
C ARG A 346 23.86 -32.19 -6.95
N ASN A 347 25.15 -32.13 -6.63
CA ASN A 347 25.89 -33.26 -6.07
C ASN A 347 25.70 -34.52 -6.91
N SER A 348 26.11 -34.41 -8.17
CA SER A 348 25.91 -35.47 -9.14
C SER A 348 27.02 -35.45 -10.18
N VAL A 349 26.71 -35.91 -11.39
CA VAL A 349 27.64 -35.86 -12.51
C VAL A 349 26.91 -35.27 -13.70
N SER A 350 27.67 -34.57 -14.54
CA SER A 350 27.10 -34.01 -15.77
C SER A 350 27.00 -35.08 -16.84
N LEU A 351 26.40 -34.70 -17.97
CA LEU A 351 26.32 -35.63 -19.10
C LEU A 351 27.70 -35.96 -19.67
N ALA A 352 28.72 -35.17 -19.32
CA ALA A 352 30.08 -35.46 -19.73
C ALA A 352 30.86 -36.25 -18.69
N GLY A 353 30.21 -36.70 -17.62
CA GLY A 353 30.89 -37.48 -16.60
C GLY A 353 31.68 -36.68 -15.59
N LEU A 354 31.46 -35.38 -15.52
CA LEU A 354 32.23 -34.54 -14.60
C LEU A 354 31.40 -34.22 -13.36
N PRO A 355 32.04 -34.13 -12.18
CA PRO A 355 31.27 -33.93 -10.95
C PRO A 355 30.68 -32.53 -10.85
N THR A 356 29.56 -32.44 -10.14
CA THR A 356 28.84 -31.18 -9.95
C THR A 356 28.84 -30.81 -8.47
N SER A 357 28.73 -29.51 -8.20
CA SER A 357 28.88 -28.96 -6.85
C SER A 357 27.55 -29.01 -6.10
N ASP A 358 27.55 -28.48 -4.87
CA ASP A 358 26.31 -28.34 -4.11
C ASP A 358 25.30 -27.46 -4.83
N PHE A 359 25.75 -26.60 -5.75
CA PHE A 359 24.91 -25.70 -6.52
C PHE A 359 24.49 -26.28 -7.87
N GLY A 360 25.02 -27.44 -8.25
CA GLY A 360 24.75 -28.01 -9.55
C GLY A 360 25.60 -27.45 -10.67
N TRP A 361 26.81 -27.00 -10.37
CA TRP A 361 27.71 -26.41 -11.35
C TRP A 361 28.82 -27.40 -11.69
N GLU A 362 29.13 -27.50 -12.98
CA GLU A 362 30.03 -28.54 -13.48
C GLU A 362 31.50 -28.13 -13.33
N PHE A 363 32.33 -29.12 -12.98
CA PHE A 363 33.79 -28.95 -12.84
C PHE A 363 34.42 -28.81 -14.23
N PHE A 364 34.97 -27.63 -14.55
CA PHE A 364 35.57 -27.38 -15.86
C PHE A 364 36.61 -26.25 -15.78
N PRO A 365 37.77 -26.52 -15.22
CA PRO A 365 38.80 -25.46 -15.08
C PRO A 365 39.37 -24.98 -16.41
N GLU A 366 39.41 -25.82 -17.45
CA GLU A 366 39.85 -25.38 -18.78
C GLU A 366 39.13 -24.12 -19.23
N GLY A 367 37.89 -23.93 -18.82
CA GLY A 367 37.14 -22.76 -19.23
C GLY A 367 37.78 -21.46 -18.81
N LEU A 368 38.51 -21.45 -17.69
CA LEU A 368 39.14 -20.22 -17.22
C LEU A 368 40.28 -19.80 -18.16
N TYR A 369 41.05 -20.77 -18.66
CA TYR A 369 42.05 -20.46 -19.68
C TYR A 369 41.40 -19.89 -20.93
N ASP A 370 40.29 -20.50 -21.36
CA ASP A 370 39.59 -20.02 -22.55
C ASP A 370 39.14 -18.57 -22.38
N VAL A 371 38.54 -18.24 -21.24
CA VAL A 371 37.98 -16.90 -21.06
C VAL A 371 39.09 -15.86 -20.95
N LEU A 372 40.15 -16.18 -20.20
CA LEU A 372 41.22 -15.21 -20.00
C LEU A 372 41.94 -14.87 -21.30
N THR A 373 42.30 -15.90 -22.08
CA THR A 373 43.03 -15.66 -23.31
C THR A 373 42.17 -14.93 -24.35
N LYS A 374 40.88 -15.21 -24.39
CA LYS A 374 40.00 -14.55 -25.36
C LYS A 374 39.81 -13.07 -25.02
N TYR A 375 39.66 -12.74 -23.73
CA TYR A 375 39.62 -11.33 -23.34
C TYR A 375 40.92 -10.63 -23.73
N TRP A 376 42.05 -11.30 -23.51
CA TRP A 376 43.35 -10.68 -23.78
C TRP A 376 43.53 -10.42 -25.28
N ASN A 377 43.22 -11.41 -26.11
CA ASN A 377 43.44 -11.26 -27.54
C ASN A 377 42.55 -10.19 -28.15
N ARG A 378 41.38 -9.94 -27.57
CA ARG A 378 40.46 -8.98 -28.16
C ARG A 378 40.78 -7.55 -27.74
N TYR A 379 41.08 -7.32 -26.47
CA TYR A 379 41.22 -5.97 -25.93
C TYR A 379 42.61 -5.62 -25.42
N HIS A 380 43.43 -6.61 -25.04
CA HIS A 380 44.77 -6.38 -24.50
C HIS A 380 44.74 -5.44 -23.29
N LEU A 381 43.72 -5.59 -22.45
CA LEU A 381 43.69 -4.94 -21.16
C LEU A 381 44.01 -5.97 -20.08
N TYR A 382 44.79 -5.56 -19.07
CA TYR A 382 45.16 -6.52 -18.04
C TYR A 382 43.96 -6.89 -17.19
N MET A 383 44.07 -8.04 -16.52
CA MET A 383 42.94 -8.67 -15.86
C MET A 383 43.29 -9.10 -14.45
N TYR A 384 42.27 -9.17 -13.60
CA TYR A 384 42.27 -9.91 -12.35
C TYR A 384 41.21 -11.00 -12.43
N VAL A 385 41.52 -12.18 -11.91
CA VAL A 385 40.48 -13.18 -11.68
C VAL A 385 39.79 -12.79 -10.37
N THR A 386 38.65 -12.11 -10.48
CA THR A 386 37.99 -11.54 -9.32
C THR A 386 36.98 -12.47 -8.68
N TYR A 387 36.72 -13.64 -9.27
CA TYR A 387 35.81 -14.62 -8.67
C TYR A 387 36.15 -15.99 -9.22
N ASN A 388 36.36 -16.94 -8.31
CA ASN A 388 36.46 -18.37 -8.65
C ASN A 388 36.24 -19.13 -7.36
N GLY A 389 35.26 -20.02 -7.34
CA GLY A 389 34.93 -20.73 -6.12
C GLY A 389 33.88 -21.78 -6.39
N ILE A 390 33.51 -22.49 -5.32
CA ILE A 390 32.61 -23.63 -5.44
C ILE A 390 31.80 -23.76 -4.16
N ALA A 391 30.52 -24.10 -4.31
CA ALA A 391 29.66 -24.39 -3.17
C ALA A 391 29.93 -25.82 -2.72
N ASP A 392 30.50 -25.97 -1.52
CA ASP A 392 31.03 -27.25 -1.10
C ASP A 392 31.22 -27.24 0.42
N ASP A 393 30.16 -27.55 1.16
CA ASP A 393 30.24 -27.55 2.62
C ASP A 393 31.22 -28.59 3.13
N ALA A 394 31.23 -29.78 2.51
CA ALA A 394 32.05 -30.88 2.98
C ALA A 394 33.52 -30.73 2.63
N ASP A 395 33.84 -29.87 1.66
CA ASP A 395 35.21 -29.65 1.17
C ASP A 395 35.75 -30.85 0.39
N TYR A 396 34.86 -31.66 -0.20
CA TYR A 396 35.31 -32.82 -0.96
C TYR A 396 36.02 -32.39 -2.25
N GLN A 397 35.47 -31.39 -2.95
CA GLN A 397 35.97 -31.02 -4.27
C GLN A 397 36.84 -29.76 -4.27
N ARG A 398 36.63 -28.85 -3.33
CA ARG A 398 37.32 -27.57 -3.36
C ARG A 398 38.85 -27.67 -3.44
N PRO A 399 39.52 -28.62 -2.78
CA PRO A 399 40.98 -28.72 -2.99
C PRO A 399 41.37 -28.93 -4.45
N TYR A 400 40.65 -29.80 -5.17
CA TYR A 400 40.90 -29.96 -6.60
C TYR A 400 40.50 -28.72 -7.37
N TYR A 401 39.34 -28.14 -7.04
CA TYR A 401 38.86 -26.96 -7.74
C TYR A 401 39.85 -25.81 -7.63
N LEU A 402 40.38 -25.58 -6.43
CA LEU A 402 41.32 -24.49 -6.20
C LEU A 402 42.59 -24.66 -7.04
N VAL A 403 43.25 -25.82 -6.92
CA VAL A 403 44.54 -26.00 -7.57
C VAL A 403 44.39 -26.05 -9.09
N SER A 404 43.34 -26.69 -9.59
CA SER A 404 43.16 -26.81 -11.04
C SER A 404 42.99 -25.44 -11.70
N HIS A 405 42.18 -24.57 -11.09
CA HIS A 405 41.93 -23.27 -11.71
C HIS A 405 43.14 -22.34 -11.59
N VAL A 406 43.86 -22.43 -10.47
CA VAL A 406 45.10 -21.65 -10.35
C VAL A 406 46.10 -22.07 -11.41
N TYR A 407 46.16 -23.38 -11.69
CA TYR A 407 47.04 -23.87 -12.75
C TYR A 407 46.66 -23.26 -14.10
N GLN A 408 45.37 -23.14 -14.38
CA GLN A 408 44.93 -22.56 -15.65
C GLN A 408 45.30 -21.08 -15.76
N VAL A 409 45.32 -20.36 -14.64
CA VAL A 409 45.78 -18.97 -14.67
C VAL A 409 47.26 -18.92 -15.03
N HIS A 410 48.06 -19.80 -14.44
CA HIS A 410 49.47 -19.87 -14.80
C HIS A 410 49.64 -20.15 -16.29
N ARG A 411 48.81 -21.05 -16.84
CA ARG A 411 48.86 -21.34 -18.27
C ARG A 411 48.52 -20.12 -19.10
N ALA A 412 47.51 -19.34 -18.69
CA ALA A 412 47.14 -18.15 -19.44
C ALA A 412 48.29 -17.14 -19.45
N ILE A 413 48.98 -16.98 -18.32
CA ILE A 413 50.12 -16.07 -18.26
C ILE A 413 51.23 -16.53 -19.21
N ASN A 414 51.50 -17.84 -19.27
CA ASN A 414 52.50 -18.33 -20.21
C ASN A 414 52.12 -18.03 -21.65
N SER A 415 50.82 -17.98 -21.96
CA SER A 415 50.40 -17.64 -23.31
C SER A 415 50.56 -16.17 -23.64
N GLY A 416 50.85 -15.34 -22.64
CA GLY A 416 51.04 -13.91 -22.86
C GLY A 416 49.97 -13.03 -22.27
N ALA A 417 48.93 -13.61 -21.67
CA ALA A 417 47.86 -12.80 -21.07
C ALA A 417 48.36 -12.14 -19.79
N ASP A 418 48.07 -10.85 -19.65
CA ASP A 418 48.48 -10.06 -18.49
C ASP A 418 47.42 -10.24 -17.40
N VAL A 419 47.65 -11.22 -16.52
CA VAL A 419 46.79 -11.49 -15.38
C VAL A 419 47.59 -11.24 -14.11
N ARG A 420 47.06 -10.41 -13.21
CA ARG A 420 47.83 -9.89 -12.10
C ARG A 420 47.39 -10.40 -10.72
N GLY A 421 46.35 -11.22 -10.65
CA GLY A 421 45.94 -11.74 -9.36
C GLY A 421 44.84 -12.77 -9.50
N TYR A 422 44.72 -13.60 -8.46
CA TYR A 422 43.66 -14.60 -8.35
C TYR A 422 42.96 -14.39 -7.02
N LEU A 423 41.65 -14.12 -7.07
CA LEU A 423 40.87 -13.81 -5.88
C LEU A 423 39.77 -14.86 -5.73
N HIS A 424 39.92 -15.72 -4.73
CA HIS A 424 38.99 -16.82 -4.52
C HIS A 424 37.68 -16.31 -3.92
N TRP A 425 36.58 -16.92 -4.34
CA TRP A 425 35.29 -16.68 -3.70
C TRP A 425 34.89 -17.90 -2.87
N SER A 426 34.94 -17.79 -1.55
CA SER A 426 35.31 -16.57 -0.84
C SER A 426 36.13 -16.96 0.39
N LEU A 427 36.57 -15.96 1.18
CA LEU A 427 37.31 -16.27 2.40
C LEU A 427 36.47 -17.11 3.36
N ALA A 428 35.22 -16.72 3.59
CA ALA A 428 34.34 -17.43 4.50
C ALA A 428 32.95 -17.56 3.89
N ASP A 429 32.19 -18.53 4.40
CA ASP A 429 30.80 -18.70 3.99
C ASP A 429 30.02 -17.40 4.20
N ASN A 430 28.96 -17.22 3.40
CA ASN A 430 28.16 -16.01 3.47
C ASN A 430 26.78 -16.28 2.89
N TYR A 431 25.95 -15.23 2.88
CA TYR A 431 24.55 -15.29 2.45
C TYR A 431 24.49 -15.26 0.93
N GLU A 432 24.09 -16.39 0.32
CA GLU A 432 24.08 -16.52 -1.14
C GLU A 432 22.70 -16.17 -1.71
N TRP A 433 22.32 -14.91 -1.52
CA TRP A 433 21.20 -14.27 -2.22
C TRP A 433 19.92 -15.08 -1.97
N ALA A 434 19.17 -15.45 -3.01
CA ALA A 434 17.90 -16.13 -2.81
C ALA A 434 18.06 -17.53 -2.26
N SER A 435 19.25 -18.11 -2.36
CA SER A 435 19.52 -19.45 -1.85
C SER A 435 19.83 -19.47 -0.36
N GLY A 436 20.04 -18.32 0.27
CA GLY A 436 20.30 -18.29 1.70
C GLY A 436 21.68 -18.81 2.06
N PHE A 437 21.80 -19.31 3.29
CA PHE A 437 23.09 -19.71 3.83
C PHE A 437 23.50 -21.13 3.43
N SER A 438 22.64 -21.90 2.78
CA SER A 438 22.92 -23.30 2.54
C SER A 438 24.00 -23.52 1.49
N MET A 439 24.27 -22.55 0.63
CA MET A 439 25.36 -22.65 -0.35
C MET A 439 26.61 -22.02 0.27
N ARG A 440 27.61 -22.85 0.56
CA ARG A 440 28.77 -22.46 1.35
C ARG A 440 30.01 -22.45 0.47
N PHE A 441 30.51 -21.25 0.15
CA PHE A 441 31.62 -21.04 -0.76
C PHE A 441 32.95 -20.80 -0.07
N GLY A 442 32.97 -20.81 1.26
CA GLY A 442 34.15 -20.32 1.98
C GLY A 442 35.29 -21.32 2.01
N LEU A 443 36.51 -20.78 1.93
CA LEU A 443 37.68 -21.52 2.41
C LEU A 443 37.56 -21.77 3.91
N LEU A 444 36.89 -20.86 4.63
CA LEU A 444 36.60 -21.01 6.05
C LEU A 444 35.12 -21.30 6.24
N LYS A 445 34.83 -22.30 7.08
CA LYS A 445 33.46 -22.63 7.42
C LYS A 445 32.97 -21.74 8.56
N VAL A 446 31.75 -21.22 8.41
CA VAL A 446 31.16 -20.34 9.41
C VAL A 446 30.11 -21.11 10.20
N ASP A 447 30.22 -21.06 11.53
CA ASP A 447 29.15 -21.47 12.43
C ASP A 447 28.28 -20.24 12.69
N TYR A 448 27.09 -20.20 12.12
CA TYR A 448 26.26 -19.01 12.21
C TYR A 448 25.66 -18.80 13.60
N ASN A 449 25.73 -19.79 14.49
CA ASN A 449 25.28 -19.57 15.86
C ASN A 449 26.32 -18.79 16.66
N THR A 450 27.60 -19.19 16.55
CA THR A 450 28.67 -18.58 17.32
C THR A 450 29.47 -17.56 16.52
N LYS A 451 29.33 -17.53 15.19
CA LYS A 451 30.12 -16.71 14.28
C LYS A 451 31.60 -17.09 14.28
N ARG A 452 31.95 -18.27 14.80
CA ARG A 452 33.32 -18.75 14.74
C ARG A 452 33.67 -19.21 13.33
N LEU A 453 34.93 -19.05 12.96
CA LEU A 453 35.44 -19.47 11.66
C LEU A 453 36.34 -20.68 11.82
N TYR A 454 36.19 -21.64 10.90
CA TYR A 454 36.96 -22.87 10.91
C TYR A 454 37.66 -23.04 9.57
N TRP A 455 38.86 -23.60 9.61
CA TRP A 455 39.66 -23.83 8.40
C TRP A 455 39.27 -25.18 7.79
N ARG A 456 38.65 -25.14 6.62
CA ARG A 456 38.54 -26.35 5.82
C ARG A 456 39.92 -26.70 5.27
N PRO A 457 40.18 -27.99 4.97
CA PRO A 457 41.51 -28.36 4.47
C PRO A 457 41.94 -27.60 3.23
N SER A 458 40.99 -27.21 2.38
CA SER A 458 41.32 -26.40 1.22
C SER A 458 41.94 -25.06 1.63
N ALA A 459 41.60 -24.55 2.82
CA ALA A 459 42.26 -23.35 3.31
C ALA A 459 43.73 -23.59 3.60
N LEU A 460 44.07 -24.76 4.14
CA LEU A 460 45.48 -25.10 4.34
C LEU A 460 46.19 -25.24 3.01
N VAL A 461 45.49 -25.78 2.00
CA VAL A 461 46.05 -25.86 0.66
C VAL A 461 46.31 -24.47 0.10
N TYR A 462 45.35 -23.55 0.29
CA TYR A 462 45.53 -22.19 -0.23
C TYR A 462 46.71 -21.50 0.42
N ARG A 463 46.94 -21.75 1.72
CA ARG A 463 48.10 -21.16 2.39
C ARG A 463 49.41 -21.62 1.74
N GLU A 464 49.48 -22.91 1.36
CA GLU A 464 50.66 -23.38 0.64
C GLU A 464 50.85 -22.61 -0.67
N ILE A 465 49.76 -22.40 -1.41
CA ILE A 465 49.85 -21.67 -2.67
C ILE A 465 50.27 -20.22 -2.43
N ALA A 466 49.61 -19.55 -1.49
CA ALA A 466 49.82 -18.12 -1.30
C ALA A 466 51.19 -17.83 -0.72
N THR A 467 51.62 -18.59 0.30
CA THR A 467 52.91 -18.31 0.92
C THR A 467 54.08 -18.65 -0.01
N ASN A 468 53.89 -19.59 -0.93
CA ASN A 468 54.91 -19.94 -1.90
C ASN A 468 54.75 -19.21 -3.22
N GLY A 469 53.64 -18.51 -3.42
CA GLY A 469 53.36 -17.85 -4.69
C GLY A 469 53.37 -18.79 -5.88
N ALA A 470 52.98 -20.04 -5.67
CA ALA A 470 53.04 -21.07 -6.70
C ALA A 470 52.32 -22.32 -6.20
N ILE A 471 51.93 -23.16 -7.15
CA ILE A 471 51.52 -24.53 -6.83
C ILE A 471 52.80 -25.33 -6.57
N THR A 472 53.02 -25.71 -5.31
CA THR A 472 54.23 -26.44 -4.96
C THR A 472 54.16 -27.86 -5.51
N ASP A 473 55.35 -28.49 -5.60
CA ASP A 473 55.43 -29.89 -6.01
C ASP A 473 54.55 -30.77 -5.14
N GLU A 474 54.46 -30.44 -3.84
CA GLU A 474 53.75 -31.29 -2.90
C GLU A 474 52.27 -31.43 -3.24
N ILE A 475 51.67 -30.45 -3.91
CA ILE A 475 50.23 -30.44 -4.13
C ILE A 475 49.87 -30.49 -5.60
N GLU A 476 50.81 -30.83 -6.49
CA GLU A 476 50.51 -30.85 -7.92
C GLU A 476 49.43 -31.84 -8.29
N HIS A 477 49.29 -32.92 -7.51
CA HIS A 477 48.31 -33.95 -7.86
C HIS A 477 46.89 -33.43 -7.79
N LEU A 478 46.65 -32.32 -7.08
CA LEU A 478 45.31 -31.73 -7.03
C LEU A 478 44.93 -31.01 -8.31
N ASN A 479 45.86 -30.84 -9.25
CA ASN A 479 45.53 -30.34 -10.58
C ASN A 479 44.90 -31.48 -11.38
N SER A 480 43.70 -31.86 -10.97
CA SER A 480 43.00 -33.00 -11.55
C SER A 480 41.54 -32.93 -11.17
N VAL A 481 40.73 -33.74 -11.86
CA VAL A 481 39.30 -33.81 -11.61
C VAL A 481 39.05 -34.63 -10.35
N PRO A 482 38.18 -34.18 -9.44
CA PRO A 482 37.82 -34.99 -8.28
C PRO A 482 37.28 -36.33 -8.70
N PRO A 483 37.79 -37.43 -8.12
CA PRO A 483 37.29 -38.76 -8.49
C PRO A 483 35.79 -38.88 -8.34
N VAL A 484 35.10 -39.27 -9.41
CA VAL A 484 33.63 -39.26 -9.38
C VAL A 484 33.08 -40.52 -8.73
N LYS A 485 33.78 -41.66 -8.86
CA LYS A 485 33.26 -42.91 -8.31
C LYS A 485 32.88 -42.84 -6.84
N PRO A 486 33.67 -42.24 -5.94
CA PRO A 486 33.24 -42.16 -4.54
C PRO A 486 32.20 -41.09 -4.24
N LEU A 487 31.87 -40.23 -5.21
CA LEU A 487 30.89 -39.18 -5.01
C LEU A 487 29.50 -39.66 -5.43
N ARG A 488 28.49 -38.90 -5.01
CA ARG A 488 27.11 -39.21 -5.39
C ARG A 488 26.90 -39.02 -6.88
N HIS A 489 26.15 -39.95 -7.48
CA HIS A 489 25.78 -39.85 -8.90
C HIS A 489 24.27 -39.69 -9.01
N SER B 3 10.51 42.81 40.92
CA SER B 3 11.78 42.14 41.13
C SER B 3 11.58 40.67 41.51
N PHE B 4 12.33 39.79 40.85
CA PHE B 4 12.18 38.34 40.97
C PHE B 4 13.26 37.75 41.88
N PRO B 5 13.04 36.54 42.40
CA PRO B 5 14.07 35.89 43.22
C PRO B 5 15.41 35.80 42.49
N ASN B 6 16.49 35.74 43.29
CA ASN B 6 17.84 35.75 42.73
C ASN B 6 18.07 34.63 41.74
N SER B 7 17.52 33.45 42.01
CA SER B 7 17.76 32.27 41.18
C SER B 7 16.74 32.11 40.06
N PHE B 8 15.76 33.01 39.95
CA PHE B 8 14.78 32.95 38.88
C PHE B 8 15.46 33.24 37.54
N ARG B 9 15.08 32.48 36.52
CA ARG B 9 15.71 32.58 35.21
C ARG B 9 14.70 32.85 34.10
N PHE B 10 15.05 33.76 33.21
CA PHE B 10 14.27 34.06 32.01
C PHE B 10 14.92 33.41 30.80
N GLY B 11 14.11 32.78 29.97
CA GLY B 11 14.63 32.08 28.81
C GLY B 11 13.57 31.77 27.76
N TRP B 12 13.75 30.65 27.06
CA TRP B 12 12.86 30.30 25.96
C TRP B 12 12.73 28.78 25.83
N SER B 13 11.67 28.36 25.15
CA SER B 13 11.42 26.97 24.82
C SER B 13 11.38 26.81 23.30
N GLN B 14 11.69 25.60 22.85
CA GLN B 14 11.89 25.32 21.43
C GLN B 14 11.71 23.84 21.19
N ALA B 15 11.31 23.50 19.96
CA ALA B 15 11.06 22.10 19.59
C ALA B 15 11.93 21.71 18.39
N GLY B 16 12.32 20.43 18.38
CA GLY B 16 13.21 19.96 17.33
C GLY B 16 12.57 19.98 15.95
N PHE B 17 11.40 19.35 15.82
CA PHE B 17 10.75 19.26 14.51
C PHE B 17 10.41 20.65 13.95
N GLN B 18 10.11 21.60 14.83
CA GLN B 18 9.67 22.92 14.38
C GLN B 18 10.83 23.80 13.94
N SER B 19 12.03 23.62 14.50
CA SER B 19 13.12 24.56 14.30
C SER B 19 14.38 23.97 13.68
N GLU B 20 14.61 22.67 13.78
CA GLU B 20 15.92 22.11 13.40
C GLU B 20 16.16 22.22 11.90
N MET B 21 15.19 21.84 11.09
CA MET B 21 15.40 21.72 9.65
C MET B 21 15.42 23.09 8.97
N GLY B 22 15.99 23.12 7.76
CA GLY B 22 16.09 24.34 7.00
C GLY B 22 17.41 24.50 6.28
N THR B 23 18.44 23.79 6.72
CA THR B 23 19.71 23.83 6.00
C THR B 23 19.94 22.49 5.29
N PRO B 24 20.67 22.49 4.18
CA PRO B 24 20.88 21.23 3.44
C PRO B 24 21.54 20.16 4.30
N GLY B 25 20.96 18.96 4.26
CA GLY B 25 21.42 17.84 5.04
C GLY B 25 20.85 17.73 6.44
N SER B 26 20.02 18.69 6.85
CA SER B 26 19.43 18.65 8.19
C SER B 26 18.09 17.93 8.22
N GLU B 27 17.56 17.55 7.07
CA GLU B 27 16.23 16.95 7.00
C GLU B 27 16.20 15.62 7.77
N ASP B 28 15.13 15.43 8.54
CA ASP B 28 14.85 14.17 9.23
C ASP B 28 13.55 13.63 8.64
N PRO B 29 13.61 12.75 7.64
CA PRO B 29 12.39 12.23 7.01
C PRO B 29 11.76 11.05 7.72
N ASN B 30 12.31 10.58 8.84
CA ASN B 30 11.92 9.31 9.42
C ASN B 30 10.97 9.47 10.61
N THR B 31 9.99 10.37 10.52
CA THR B 31 8.99 10.52 11.57
C THR B 31 7.60 10.41 10.98
N ASP B 32 6.65 10.05 11.85
CA ASP B 32 5.24 10.10 11.46
C ASP B 32 4.82 11.50 11.04
N TRP B 33 5.32 12.52 11.76
CA TRP B 33 4.94 13.90 11.43
C TRP B 33 5.46 14.34 10.07
N TYR B 34 6.69 13.93 9.73
CA TYR B 34 7.26 14.30 8.42
C TYR B 34 6.43 13.71 7.29
N LYS B 35 6.16 12.41 7.37
CA LYS B 35 5.30 11.77 6.37
C LYS B 35 3.91 12.40 6.36
N TRP B 36 3.40 12.75 7.54
CA TRP B 36 2.05 13.29 7.66
C TRP B 36 1.87 14.59 6.88
N VAL B 37 2.83 15.52 7.01
CA VAL B 37 2.71 16.82 6.36
C VAL B 37 3.10 16.78 4.89
N HIS B 38 3.74 15.71 4.43
CA HIS B 38 4.03 15.54 3.01
C HIS B 38 2.94 14.74 2.28
N ASP B 39 1.93 14.26 3.00
CA ASP B 39 0.96 13.35 2.40
C ASP B 39 0.05 14.08 1.42
N PRO B 40 -0.07 13.60 0.17
CA PRO B 40 -0.93 14.30 -0.80
C PRO B 40 -2.39 14.42 -0.37
N GLU B 41 -2.97 13.37 0.21
CA GLU B 41 -4.38 13.45 0.62
C GLU B 41 -4.58 14.44 1.76
N ASN B 42 -3.67 14.44 2.75
CA ASN B 42 -3.76 15.44 3.81
C ASN B 42 -3.67 16.86 3.25
N MET B 43 -2.82 17.06 2.23
CA MET B 43 -2.70 18.39 1.62
C MET B 43 -3.97 18.78 0.88
N ALA B 44 -4.56 17.85 0.12
CA ALA B 44 -5.75 18.19 -0.64
C ALA B 44 -6.94 18.45 0.27
N ALA B 45 -7.01 17.78 1.41
CA ALA B 45 -8.08 18.02 2.38
C ALA B 45 -7.89 19.29 3.17
N GLY B 46 -6.72 19.94 3.06
CA GLY B 46 -6.45 21.08 3.90
C GLY B 46 -6.21 20.74 5.35
N LEU B 47 -5.94 19.48 5.66
CA LEU B 47 -5.57 19.12 7.03
C LEU B 47 -4.21 19.70 7.40
N VAL B 48 -3.29 19.80 6.45
CA VAL B 48 -2.01 20.44 6.65
C VAL B 48 -1.88 21.59 5.65
N SER B 49 -1.00 22.55 5.99
CA SER B 49 -0.94 23.81 5.26
C SER B 49 -0.32 23.68 3.87
N GLY B 50 0.47 22.64 3.63
CA GLY B 50 1.27 22.55 2.43
C GLY B 50 2.69 23.03 2.61
N ASP B 51 2.97 23.80 3.67
CA ASP B 51 4.34 24.14 4.02
C ASP B 51 5.07 22.88 4.49
N LEU B 52 6.38 22.86 4.28
CA LEU B 52 7.21 21.72 4.59
C LEU B 52 8.30 22.10 5.59
N PRO B 53 8.53 21.28 6.62
CA PRO B 53 9.49 21.69 7.68
C PRO B 53 10.93 21.79 7.19
N GLU B 54 11.30 21.11 6.11
CA GLU B 54 12.67 21.20 5.62
C GLU B 54 13.01 22.58 5.06
N ASN B 55 12.04 23.49 4.97
CA ASN B 55 12.28 24.88 4.61
C ASN B 55 12.26 25.80 5.83
N GLY B 56 12.58 25.26 7.01
CA GLY B 56 12.43 25.98 8.25
C GLY B 56 13.62 26.87 8.61
N PRO B 57 13.72 27.24 9.89
CA PRO B 57 14.70 28.26 10.30
C PRO B 57 16.14 27.77 10.46
N GLY B 58 16.38 26.46 10.39
CA GLY B 58 17.74 25.95 10.33
C GLY B 58 18.52 25.93 11.64
N TYR B 59 17.87 25.57 12.74
CA TYR B 59 18.57 25.50 14.03
C TYR B 59 19.65 24.42 14.05
N TRP B 60 19.43 23.31 13.35
CA TRP B 60 20.42 22.22 13.32
C TRP B 60 21.79 22.72 12.89
N GLY B 61 21.85 23.57 11.87
CA GLY B 61 23.10 24.10 11.38
C GLY B 61 23.53 25.41 12.00
N ASN B 62 22.55 26.25 12.37
CA ASN B 62 22.81 27.63 12.77
C ASN B 62 22.61 27.87 14.26
N TYR B 63 22.69 26.82 15.09
CA TYR B 63 22.35 26.94 16.51
C TYR B 63 23.19 27.99 17.23
N LYS B 64 24.46 28.16 16.83
CA LYS B 64 25.29 29.17 17.48
C LYS B 64 24.73 30.57 17.30
N THR B 65 24.17 30.87 16.13
CA THR B 65 23.56 32.18 15.92
C THR B 65 22.34 32.37 16.82
N PHE B 66 21.52 31.33 16.96
CA PHE B 66 20.42 31.34 17.92
C PHE B 66 20.93 31.66 19.33
N HIS B 67 21.93 30.91 19.79
CA HIS B 67 22.39 31.04 21.17
C HIS B 67 23.10 32.38 21.38
N ASP B 68 23.81 32.88 20.38
CA ASP B 68 24.40 34.21 20.46
C ASP B 68 23.33 35.26 20.73
N ASN B 69 22.22 35.21 19.97
CA ASN B 69 21.17 36.20 20.16
C ASN B 69 20.51 36.05 21.53
N ALA B 70 20.30 34.82 21.99
CA ALA B 70 19.72 34.61 23.31
C ALA B 70 20.61 35.20 24.40
N GLN B 71 21.93 35.05 24.25
CA GLN B 71 22.86 35.61 25.22
C GLN B 71 22.83 37.13 25.21
N LYS B 72 22.78 37.73 24.01
CA LYS B 72 22.62 39.17 23.88
C LYS B 72 21.33 39.65 24.52
N MET B 73 20.29 38.82 24.52
CA MET B 73 19.00 39.14 25.11
C MET B 73 18.97 38.95 26.62
N GLY B 74 20.06 38.47 27.22
CA GLY B 74 20.14 38.30 28.66
C GLY B 74 19.47 37.05 29.20
N LEU B 75 19.16 36.08 28.35
CA LEU B 75 18.45 34.88 28.78
C LEU B 75 19.41 33.94 29.50
N LYS B 76 18.87 33.19 30.46
CA LYS B 76 19.71 32.32 31.28
C LYS B 76 19.20 30.88 31.38
N ILE B 77 18.23 30.49 30.56
CA ILE B 77 17.68 29.14 30.61
C ILE B 77 17.07 28.81 29.25
N ALA B 78 17.14 27.52 28.89
CA ALA B 78 16.56 27.04 27.63
C ALA B 78 16.01 25.64 27.84
N ARG B 79 14.87 25.36 27.20
CA ARG B 79 14.29 24.03 27.19
C ARG B 79 14.22 23.57 25.74
N LEU B 80 14.90 22.46 25.44
CA LEU B 80 14.98 21.88 24.11
C LEU B 80 14.69 20.39 24.21
N ASN B 81 14.53 19.74 23.07
CA ASN B 81 14.34 18.29 23.04
C ASN B 81 15.24 17.66 21.99
N VAL B 82 15.55 16.37 22.21
CA VAL B 82 16.19 15.54 21.19
C VAL B 82 15.09 14.82 20.41
N GLU B 83 15.32 14.63 19.12
CA GLU B 83 14.39 13.89 18.27
C GLU B 83 14.77 12.41 18.30
N TRP B 84 13.90 11.60 18.90
CA TRP B 84 14.04 10.15 18.93
C TRP B 84 14.46 9.58 17.58
N SER B 85 13.80 10.04 16.50
CA SER B 85 14.06 9.53 15.16
C SER B 85 15.48 9.80 14.69
N ARG B 86 16.10 10.89 15.13
CA ARG B 86 17.47 11.17 14.71
C ARG B 86 18.46 10.19 15.35
N ILE B 87 18.20 9.77 16.58
CA ILE B 87 19.14 8.90 17.28
C ILE B 87 18.94 7.45 16.87
N PHE B 88 17.69 7.03 16.68
CA PHE B 88 17.36 5.65 16.32
C PHE B 88 16.47 5.66 15.07
N PRO B 89 17.06 5.89 13.89
CA PRO B 89 16.25 5.93 12.67
C PRO B 89 15.79 4.58 12.17
N ASN B 90 16.41 3.48 12.62
CA ASN B 90 16.11 2.15 12.12
C ASN B 90 15.40 1.32 13.18
N PRO B 91 14.59 0.34 12.75
CA PRO B 91 13.87 -0.49 13.73
C PRO B 91 14.82 -1.23 14.65
N LEU B 92 14.44 -1.31 15.92
CA LEU B 92 15.14 -2.19 16.85
C LEU B 92 14.43 -3.55 16.90
N PRO B 93 15.17 -4.63 17.11
CA PRO B 93 14.54 -5.96 17.07
C PRO B 93 13.56 -6.16 18.21
N ARG B 94 12.57 -6.99 17.95
CA ARG B 94 11.53 -7.30 18.93
C ARG B 94 12.18 -7.84 20.22
N PRO B 95 11.74 -7.39 21.38
CA PRO B 95 12.32 -7.91 22.63
C PRO B 95 11.95 -9.38 22.86
N GLN B 96 12.83 -10.09 23.55
CA GLN B 96 12.65 -11.52 23.77
C GLN B 96 11.55 -11.80 24.79
N ASN B 97 11.60 -11.13 25.94
CA ASN B 97 10.68 -11.36 27.05
C ASN B 97 9.80 -10.13 27.22
N PHE B 98 8.73 -10.05 26.43
CA PHE B 98 7.77 -8.96 26.49
C PHE B 98 6.47 -9.35 25.78
N ASP B 99 5.36 -9.37 26.50
CA ASP B 99 4.08 -9.72 25.94
C ASP B 99 3.34 -8.44 25.58
N GLU B 100 3.16 -8.20 24.28
CA GLU B 100 2.55 -6.96 23.81
C GLU B 100 1.04 -6.94 23.97
N SER B 101 0.41 -8.07 24.29
CA SER B 101 -1.03 -8.07 24.57
C SER B 101 -1.33 -7.67 26.01
N LYS B 102 -0.31 -7.56 26.86
CA LYS B 102 -0.51 -7.19 28.25
C LYS B 102 -0.77 -5.70 28.35
N GLN B 103 -1.81 -5.32 29.10
CA GLN B 103 -2.28 -3.94 29.09
C GLN B 103 -1.34 -3.02 29.86
N ASP B 104 -0.79 -3.49 30.97
CA ASP B 104 -0.02 -2.66 31.88
C ASP B 104 1.48 -2.92 31.70
N VAL B 105 2.26 -1.85 31.62
CA VAL B 105 3.72 -1.92 31.64
C VAL B 105 4.16 -1.35 32.99
N THR B 106 4.39 -2.23 33.97
CA THR B 106 4.72 -1.77 35.31
C THR B 106 6.22 -1.61 35.54
N GLU B 107 7.06 -2.21 34.72
CA GLU B 107 8.50 -2.02 34.87
C GLU B 107 9.20 -2.29 33.55
N VAL B 108 10.25 -1.52 33.30
CA VAL B 108 11.16 -1.72 32.19
C VAL B 108 12.58 -1.77 32.76
N GLU B 109 13.21 -2.93 32.68
CA GLU B 109 14.53 -3.11 33.28
C GLU B 109 15.58 -2.29 32.53
N ILE B 110 16.38 -1.53 33.28
CA ILE B 110 17.49 -0.76 32.74
C ILE B 110 18.77 -1.18 33.46
N ASN B 111 19.79 -1.54 32.68
CA ASN B 111 21.10 -1.85 33.27
C ASN B 111 22.19 -1.52 32.27
N GLU B 112 23.44 -1.56 32.76
CA GLU B 112 24.60 -1.15 31.98
C GLU B 112 24.70 -1.93 30.67
N ASN B 113 24.55 -3.26 30.74
CA ASN B 113 24.73 -4.08 29.55
C ASN B 113 23.65 -3.80 28.51
N GLU B 114 22.41 -3.57 28.96
CA GLU B 114 21.34 -3.23 28.04
C GLU B 114 21.59 -1.89 27.36
N LEU B 115 22.10 -0.91 28.11
CA LEU B 115 22.42 0.39 27.53
C LEU B 115 23.52 0.27 26.48
N LYS B 116 24.53 -0.56 26.76
CA LYS B 116 25.61 -0.76 25.80
C LYS B 116 25.11 -1.43 24.53
N ARG B 117 24.14 -2.34 24.66
CA ARG B 117 23.54 -2.94 23.47
C ARG B 117 22.76 -1.92 22.66
N LEU B 118 22.00 -1.05 23.34
CA LEU B 118 21.30 0.04 22.64
C LEU B 118 22.28 0.92 21.89
N ASP B 119 23.44 1.20 22.50
CA ASP B 119 24.44 2.06 21.88
C ASP B 119 24.83 1.55 20.50
N GLU B 120 24.80 0.23 20.30
CA GLU B 120 25.20 -0.35 19.01
C GLU B 120 24.28 0.08 17.88
N TYR B 121 23.03 0.45 18.18
CA TYR B 121 22.06 0.86 17.16
C TYR B 121 21.96 2.37 16.98
N ALA B 122 22.54 3.17 17.87
CA ALA B 122 22.36 4.61 17.85
C ALA B 122 23.17 5.28 16.74
N ASN B 123 22.63 6.37 16.20
CA ASN B 123 23.34 7.18 15.23
C ASN B 123 24.32 8.08 15.97
N LYS B 124 25.61 7.79 15.88
CA LYS B 124 26.61 8.51 16.66
C LYS B 124 26.84 9.93 16.17
N ASP B 125 26.76 10.16 14.86
CA ASP B 125 26.90 11.52 14.34
C ASP B 125 25.81 12.43 14.89
N ALA B 126 24.55 11.97 14.81
CA ALA B 126 23.46 12.76 15.36
C ALA B 126 23.63 12.96 16.86
N LEU B 127 24.10 11.93 17.56
CA LEU B 127 24.33 12.03 19.00
C LEU B 127 25.38 13.08 19.31
N ASN B 128 26.50 13.04 18.61
CA ASN B 128 27.56 14.01 18.85
C ASN B 128 27.13 15.43 18.48
N HIS B 129 26.33 15.56 17.43
CA HIS B 129 25.87 16.89 17.04
C HIS B 129 25.00 17.51 18.14
N TYR B 130 24.10 16.72 18.72
CA TYR B 130 23.33 17.22 19.86
C TYR B 130 24.25 17.60 21.01
N ARG B 131 25.28 16.80 21.27
CA ARG B 131 26.24 17.14 22.31
C ARG B 131 26.92 18.48 22.04
N GLU B 132 27.28 18.75 20.78
CA GLU B 132 27.86 20.05 20.43
C GLU B 132 26.86 21.18 20.64
N ILE B 133 25.59 20.97 20.27
CA ILE B 133 24.57 22.01 20.48
C ILE B 133 24.45 22.33 21.97
N PHE B 134 24.35 21.29 22.80
CA PHE B 134 24.13 21.49 24.24
C PHE B 134 25.38 22.02 24.92
N LYS B 135 26.56 21.60 24.46
CA LYS B 135 27.82 22.14 24.98
C LYS B 135 27.89 23.65 24.72
N ASP B 136 27.55 24.08 23.51
CA ASP B 136 27.53 25.51 23.19
C ASP B 136 26.54 26.25 24.08
N LEU B 137 25.38 25.64 24.31
CA LEU B 137 24.38 26.24 25.19
C LEU B 137 24.94 26.47 26.59
N LYS B 138 25.56 25.43 27.16
CA LYS B 138 26.11 25.54 28.50
C LYS B 138 27.28 26.52 28.57
N SER B 139 28.06 26.63 27.50
CA SER B 139 29.21 27.53 27.51
C SER B 139 28.81 29.01 27.59
N ARG B 140 27.56 29.34 27.30
CA ARG B 140 27.05 30.70 27.44
C ARG B 140 26.36 30.95 28.78
N GLY B 141 26.46 30.02 29.72
CA GLY B 141 25.83 30.16 31.02
C GLY B 141 24.32 29.94 31.06
N LEU B 142 23.78 29.20 30.11
CA LEU B 142 22.34 28.90 30.06
C LEU B 142 22.06 27.62 30.84
N TYR B 143 21.15 27.71 31.80
CA TYR B 143 20.58 26.55 32.48
C TYR B 143 19.79 25.71 31.47
N PHE B 144 19.92 24.38 31.55
CA PHE B 144 19.47 23.50 30.48
C PHE B 144 18.42 22.52 31.00
N ILE B 145 17.19 22.66 30.49
CA ILE B 145 16.13 21.67 30.68
C ILE B 145 16.04 20.83 29.41
N LEU B 146 16.31 19.53 29.53
CA LEU B 146 16.24 18.62 28.39
C LEU B 146 14.91 17.88 28.42
N ASN B 147 14.15 18.00 27.34
CA ASN B 147 12.91 17.28 27.14
C ASN B 147 13.16 16.12 26.20
N MET B 148 12.54 14.97 26.48
CA MET B 148 12.79 13.77 25.68
C MET B 148 11.89 13.66 24.46
N TYR B 149 10.70 14.24 24.47
CA TYR B 149 9.71 13.96 23.44
C TYR B 149 8.85 15.18 23.18
N HIS B 150 8.75 15.58 21.92
CA HIS B 150 7.94 16.73 21.52
C HIS B 150 7.17 16.43 20.23
N TRP B 151 6.56 15.23 20.16
CA TRP B 151 5.43 14.78 19.33
C TRP B 151 5.79 13.80 18.22
N PRO B 152 6.74 14.08 17.32
CA PRO B 152 7.04 13.10 16.26
C PRO B 152 7.65 11.82 16.83
N LEU B 153 7.19 10.70 16.30
CA LEU B 153 7.70 9.38 16.62
C LEU B 153 8.47 8.82 15.44
N PRO B 154 9.44 7.94 15.67
CA PRO B 154 10.09 7.26 14.56
C PRO B 154 9.07 6.51 13.70
N LEU B 155 9.27 6.57 12.38
CA LEU B 155 8.35 5.92 11.45
C LEU B 155 8.23 4.42 11.75
N TRP B 156 9.32 3.78 12.18
CA TRP B 156 9.24 2.36 12.49
C TRP B 156 8.36 2.08 13.70
N LEU B 157 8.00 3.10 14.48
CA LEU B 157 7.04 2.93 15.57
C LEU B 157 5.64 3.42 15.24
N HIS B 158 5.46 4.24 14.18
CA HIS B 158 4.14 4.78 13.87
C HIS B 158 4.07 5.17 12.39
N ASP B 159 3.27 4.44 11.62
CA ASP B 159 2.88 4.84 10.27
C ASP B 159 1.52 5.50 10.38
N PRO B 160 1.43 6.83 10.34
CA PRO B 160 0.15 7.49 10.63
C PRO B 160 -0.86 7.44 9.50
N ILE B 161 -0.40 7.31 8.25
CA ILE B 161 -1.34 7.21 7.14
C ILE B 161 -2.10 5.90 7.20
N ARG B 162 -1.42 4.82 7.58
CA ARG B 162 -2.07 3.53 7.73
C ARG B 162 -3.17 3.58 8.79
N VAL B 163 -2.87 4.20 9.93
CA VAL B 163 -3.87 4.30 10.99
C VAL B 163 -5.02 5.21 10.58
N ARG B 164 -4.72 6.31 9.89
CA ARG B 164 -5.78 7.20 9.40
C ARG B 164 -6.79 6.44 8.56
N ARG B 165 -6.31 5.50 7.74
CA ARG B 165 -7.17 4.72 6.86
C ARG B 165 -7.92 3.61 7.59
N GLY B 166 -7.72 3.47 8.90
CA GLY B 166 -8.40 2.43 9.66
C GLY B 166 -7.70 1.09 9.71
N ASP B 167 -6.44 1.02 9.28
CA ASP B 167 -5.63 -0.19 9.34
C ASP B 167 -4.77 -0.16 10.59
N PHE B 168 -4.99 -1.13 11.49
CA PHE B 168 -4.27 -1.19 12.75
C PHE B 168 -3.31 -2.37 12.83
N THR B 169 -2.88 -2.91 11.69
CA THR B 169 -1.95 -4.03 11.67
C THR B 169 -0.50 -3.60 11.55
N GLY B 170 -0.22 -2.29 11.48
CA GLY B 170 1.14 -1.82 11.39
C GLY B 170 1.59 -1.15 12.67
N PRO B 171 2.71 -0.45 12.61
CA PRO B 171 3.17 0.32 13.79
C PRO B 171 2.18 1.42 14.11
N SER B 172 1.63 1.36 15.33
CA SER B 172 0.45 2.15 15.70
C SER B 172 0.75 3.21 16.77
N GLY B 173 2.01 3.61 16.93
CA GLY B 173 2.30 4.73 17.81
C GLY B 173 1.90 4.47 19.25
N TRP B 174 1.26 5.47 19.87
CA TRP B 174 0.90 5.36 21.27
C TRP B 174 -0.24 4.38 21.54
N LEU B 175 -0.79 3.75 20.51
CA LEU B 175 -1.73 2.65 20.72
C LEU B 175 -1.05 1.33 21.04
N SER B 176 0.28 1.26 20.96
CA SER B 176 1.02 0.03 21.20
C SER B 176 1.92 0.17 22.42
N THR B 177 1.92 -0.84 23.29
CA THR B 177 2.83 -0.84 24.43
C THR B 177 4.29 -1.02 24.00
N ARG B 178 4.52 -1.47 22.77
CA ARG B 178 5.86 -1.47 22.19
C ARG B 178 6.46 -0.08 22.23
N THR B 179 5.66 0.94 21.92
CA THR B 179 6.13 2.32 22.01
C THR B 179 6.44 2.72 23.44
N VAL B 180 5.63 2.24 24.39
CA VAL B 180 5.88 2.50 25.81
C VAL B 180 7.22 1.91 26.22
N TYR B 181 7.45 0.65 25.87
CA TYR B 181 8.69 -0.03 26.24
C TYR B 181 9.90 0.68 25.66
N GLU B 182 9.86 0.99 24.36
CA GLU B 182 11.02 1.60 23.72
C GLU B 182 11.25 3.05 24.19
N PHE B 183 10.18 3.78 24.52
CA PHE B 183 10.37 5.15 24.98
C PHE B 183 11.12 5.20 26.31
N ALA B 184 10.82 4.27 27.22
CA ALA B 184 11.53 4.22 28.50
C ALA B 184 13.01 3.97 28.28
N ARG B 185 13.34 3.07 27.36
CA ARG B 185 14.75 2.77 27.10
C ARG B 185 15.43 3.94 26.39
N PHE B 186 14.72 4.60 25.48
CA PHE B 186 15.26 5.82 24.86
C PHE B 186 15.59 6.88 25.90
N SER B 187 14.65 7.13 26.82
CA SER B 187 14.87 8.16 27.83
C SER B 187 16.06 7.84 28.73
N ALA B 188 16.16 6.59 29.19
CA ALA B 188 17.30 6.20 30.02
C ALA B 188 18.60 6.33 29.24
N TYR B 189 18.59 5.96 27.95
CA TYR B 189 19.79 6.04 27.14
C TYR B 189 20.27 7.49 26.99
N ILE B 190 19.35 8.41 26.73
CA ILE B 190 19.73 9.81 26.54
C ILE B 190 20.30 10.40 27.82
N ALA B 191 19.65 10.13 28.96
CA ALA B 191 20.18 10.60 30.23
C ALA B 191 21.56 10.00 30.49
N TRP B 192 21.73 8.71 30.16
CA TRP B 192 23.03 8.05 30.30
C TRP B 192 24.11 8.81 29.52
N LYS B 193 23.76 9.33 28.35
CA LYS B 193 24.72 9.99 27.47
C LYS B 193 24.93 11.47 27.80
N PHE B 194 23.92 12.16 28.32
CA PHE B 194 23.96 13.63 28.42
C PHE B 194 23.87 14.16 29.85
N ASP B 195 23.87 13.30 30.88
CA ASP B 195 23.62 13.78 32.24
C ASP B 195 24.60 14.87 32.66
N ASP B 196 25.84 14.82 32.18
CA ASP B 196 26.83 15.83 32.54
C ASP B 196 26.44 17.23 32.06
N LEU B 197 25.62 17.33 31.00
CA LEU B 197 25.22 18.62 30.44
C LEU B 197 23.86 19.09 30.93
N VAL B 198 23.02 18.18 31.40
CA VAL B 198 21.63 18.49 31.73
C VAL B 198 21.54 19.02 33.16
N ASP B 199 20.66 19.99 33.37
CA ASP B 199 20.33 20.46 34.71
C ASP B 199 19.05 19.82 35.24
N GLU B 200 17.98 19.81 34.43
CA GLU B 200 16.73 19.14 34.79
C GLU B 200 16.14 18.48 33.55
N TYR B 201 15.37 17.42 33.77
CA TYR B 201 14.78 16.63 32.70
C TYR B 201 13.28 16.86 32.62
N SER B 202 12.74 16.72 31.40
CA SER B 202 11.31 16.55 31.17
C SER B 202 11.12 15.31 30.29
N THR B 203 10.10 14.50 30.62
CA THR B 203 9.88 13.30 29.82
C THR B 203 9.23 13.62 28.47
N MET B 204 8.23 14.49 28.47
CA MET B 204 7.48 14.74 27.24
C MET B 204 6.82 16.12 27.30
N ASN B 205 6.42 16.59 26.13
CA ASN B 205 5.76 17.88 25.95
C ASN B 205 4.31 17.66 25.56
N GLU B 206 3.40 18.17 26.39
CA GLU B 206 1.97 18.23 26.07
C GLU B 206 1.39 16.91 25.57
N PRO B 207 1.47 15.84 26.37
CA PRO B 207 0.86 14.57 25.93
C PRO B 207 -0.66 14.66 25.76
N ASN B 208 -1.32 15.57 26.46
CA ASN B 208 -2.76 15.73 26.28
C ASN B 208 -3.12 16.23 24.88
N VAL B 209 -2.24 17.02 24.26
CA VAL B 209 -2.50 17.48 22.89
C VAL B 209 -2.28 16.35 21.90
N VAL B 210 -1.25 15.53 22.12
CA VAL B 210 -0.98 14.39 21.24
C VAL B 210 -2.19 13.45 21.19
N GLY B 211 -2.70 13.07 22.36
CA GLY B 211 -3.85 12.17 22.38
C GLY B 211 -5.14 12.86 22.02
N GLY B 212 -5.30 14.12 22.42
CA GLY B 212 -6.56 14.81 22.20
C GLY B 212 -6.78 15.19 20.74
N LEU B 213 -5.79 15.84 20.14
CA LEU B 213 -5.94 16.23 18.74
C LEU B 213 -5.74 15.06 17.78
N GLY B 214 -4.90 14.09 18.17
CA GLY B 214 -4.67 12.96 17.29
C GLY B 214 -5.88 12.08 17.07
N TYR B 215 -6.75 11.96 18.06
CA TYR B 215 -7.84 10.99 18.01
C TYR B 215 -9.22 11.57 18.29
N VAL B 216 -9.34 12.87 18.60
CA VAL B 216 -10.66 13.47 18.80
C VAL B 216 -10.78 14.73 17.94
N GLY B 217 -9.89 15.70 18.19
CA GLY B 217 -9.92 16.93 17.43
C GLY B 217 -9.28 16.80 16.06
N VAL B 218 -9.86 15.97 15.20
CA VAL B 218 -9.20 15.59 13.95
C VAL B 218 -9.21 16.68 12.89
N LYS B 219 -10.02 17.73 13.05
CA LYS B 219 -9.93 18.85 12.11
C LYS B 219 -8.63 19.64 12.29
N SER B 220 -7.94 19.44 13.41
CA SER B 220 -6.67 20.13 13.66
C SER B 220 -5.56 19.64 12.74
N GLY B 221 -5.71 18.49 12.10
CA GLY B 221 -4.67 17.98 11.23
C GLY B 221 -3.49 17.37 11.96
N PHE B 222 -3.71 16.81 13.16
CA PHE B 222 -2.66 16.10 13.89
C PHE B 222 -2.74 14.61 13.61
N PRO B 223 -1.59 13.92 13.50
CA PRO B 223 -1.58 12.48 13.22
C PRO B 223 -1.99 11.65 14.43
N PRO B 224 -2.62 10.49 14.20
CA PRO B 224 -2.96 9.93 12.89
C PRO B 224 -4.32 10.40 12.37
N GLY B 225 -5.00 11.24 13.14
CA GLY B 225 -6.28 11.77 12.69
C GLY B 225 -7.39 10.73 12.57
N TYR B 226 -7.43 9.76 13.49
CA TYR B 226 -8.46 8.73 13.50
C TYR B 226 -9.42 9.04 14.65
N LEU B 227 -10.67 9.35 14.31
CA LEU B 227 -11.64 9.82 15.29
C LEU B 227 -12.16 8.65 16.11
N SER B 228 -11.82 8.65 17.40
CA SER B 228 -12.24 7.58 18.32
C SER B 228 -12.04 7.97 19.78
N PHE B 229 -13.13 8.10 20.54
CA PHE B 229 -13.03 8.27 21.99
C PHE B 229 -12.19 7.16 22.61
N GLU B 230 -12.48 5.91 22.23
CA GLU B 230 -11.85 4.77 22.89
C GLU B 230 -10.35 4.76 22.65
N LEU B 231 -9.92 4.96 21.39
CA LEU B 231 -8.50 4.95 21.09
C LEU B 231 -7.79 6.16 21.67
N SER B 232 -8.51 7.27 21.83
CA SER B 232 -7.95 8.41 22.54
C SER B 232 -7.61 8.04 23.97
N ARG B 233 -8.51 7.30 24.64
CA ARG B 233 -8.24 6.85 26.01
C ARG B 233 -7.05 5.89 26.06
N ARG B 234 -6.97 4.95 25.10
CA ARG B 234 -5.87 3.99 25.11
C ARG B 234 -4.53 4.70 24.89
N ALA B 235 -4.51 5.67 23.97
CA ALA B 235 -3.29 6.43 23.75
C ALA B 235 -2.86 7.17 25.01
N MET B 236 -3.80 7.81 25.69
CA MET B 236 -3.46 8.53 26.93
C MET B 236 -3.04 7.56 28.02
N TYR B 237 -3.69 6.39 28.09
CA TYR B 237 -3.29 5.37 29.06
C TYR B 237 -1.84 4.95 28.83
N ASN B 238 -1.49 4.64 27.57
CA ASN B 238 -0.12 4.22 27.27
C ASN B 238 0.88 5.34 27.51
N ILE B 239 0.50 6.58 27.19
CA ILE B 239 1.46 7.67 27.34
C ILE B 239 1.72 7.95 28.82
N ILE B 240 0.74 7.67 29.69
CA ILE B 240 0.95 7.83 31.13
C ILE B 240 1.94 6.80 31.64
N GLN B 241 1.78 5.53 31.26
CA GLN B 241 2.77 4.52 31.66
C GLN B 241 4.13 4.82 31.07
N ALA B 242 4.18 5.33 29.85
CA ALA B 242 5.45 5.68 29.22
C ALA B 242 6.19 6.74 30.03
N HIS B 243 5.45 7.71 30.57
CA HIS B 243 6.07 8.71 31.42
C HIS B 243 6.67 8.08 32.68
N ALA B 244 5.88 7.23 33.36
CA ALA B 244 6.36 6.61 34.60
C ALA B 244 7.59 5.74 34.35
N ARG B 245 7.57 4.95 33.27
CA ARG B 245 8.72 4.10 32.98
C ARG B 245 9.92 4.92 32.53
N ALA B 246 9.69 6.03 31.85
CA ALA B 246 10.79 6.94 31.48
C ALA B 246 11.36 7.62 32.72
N TYR B 247 10.49 8.00 33.66
CA TYR B 247 10.97 8.57 34.92
C TYR B 247 11.90 7.59 35.63
N ASP B 248 11.45 6.35 35.80
CA ASP B 248 12.28 5.32 36.44
C ASP B 248 13.55 5.06 35.63
N GLY B 249 13.46 5.07 34.30
CA GLY B 249 14.63 4.85 33.49
C GLY B 249 15.69 5.92 33.69
N ILE B 250 15.27 7.19 33.73
CA ILE B 250 16.20 8.28 33.94
C ILE B 250 16.80 8.22 35.33
N LYS B 251 15.97 7.95 36.35
CA LYS B 251 16.46 7.90 37.72
C LYS B 251 17.44 6.75 37.95
N SER B 252 17.46 5.74 37.08
CA SER B 252 18.42 4.66 37.24
C SER B 252 19.83 5.06 36.79
N VAL B 253 19.98 6.20 36.12
CA VAL B 253 21.29 6.69 35.70
C VAL B 253 21.56 8.12 36.16
N SER B 254 20.59 8.77 36.80
CA SER B 254 20.75 10.18 37.16
C SER B 254 20.02 10.45 38.48
N LYS B 255 20.50 11.45 39.21
CA LYS B 255 19.85 11.92 40.43
C LYS B 255 19.16 13.27 40.24
N LYS B 256 19.12 13.77 39.01
CA LYS B 256 18.63 15.12 38.75
C LYS B 256 17.10 15.12 38.61
N PRO B 257 16.47 16.28 38.79
CA PRO B 257 15.00 16.33 38.80
C PRO B 257 14.40 15.93 37.46
N VAL B 258 13.26 15.25 37.51
CA VAL B 258 12.54 14.79 36.34
C VAL B 258 11.10 15.27 36.43
N GLY B 259 10.66 16.04 35.44
CA GLY B 259 9.31 16.56 35.41
C GLY B 259 8.56 16.21 34.14
N ILE B 260 7.53 17.00 33.83
CA ILE B 260 6.75 16.83 32.60
C ILE B 260 6.18 18.19 32.21
N ILE B 261 5.91 18.36 30.91
CA ILE B 261 5.41 19.62 30.36
C ILE B 261 4.02 19.37 29.77
N TYR B 262 3.06 20.22 30.13
CA TYR B 262 1.64 19.96 29.89
C TYR B 262 0.93 21.22 29.44
N ALA B 263 0.02 21.07 28.47
CA ALA B 263 -0.74 22.20 27.93
C ALA B 263 -1.92 22.54 28.83
N ASN B 264 -2.08 23.83 29.15
CA ASN B 264 -3.10 24.28 30.08
C ASN B 264 -3.94 25.42 29.49
N SER B 265 -5.19 25.47 29.92
CA SER B 265 -6.03 26.65 29.78
C SER B 265 -6.54 27.05 31.16
N SER B 266 -6.89 28.32 31.30
CA SER B 266 -7.60 28.79 32.48
C SER B 266 -9.09 28.68 32.20
N PHE B 267 -9.76 27.79 32.91
CA PHE B 267 -11.19 27.59 32.70
C PHE B 267 -11.97 28.62 33.49
N GLN B 268 -12.79 29.41 32.78
CA GLN B 268 -13.49 30.55 33.35
C GLN B 268 -15.00 30.41 33.18
N PRO B 269 -15.79 30.85 34.16
CA PRO B 269 -17.25 30.69 34.05
C PRO B 269 -17.88 31.82 33.24
N LEU B 270 -18.81 31.43 32.36
CA LEU B 270 -19.54 32.43 31.57
C LEU B 270 -20.33 33.37 32.47
N THR B 271 -21.07 32.82 33.42
CA THR B 271 -21.81 33.57 34.41
C THR B 271 -21.41 33.08 35.79
N ASP B 272 -21.86 33.79 36.83
CA ASP B 272 -21.56 33.36 38.20
C ASP B 272 -22.25 32.06 38.59
N LYS B 273 -23.14 31.54 37.74
CA LYS B 273 -23.80 30.27 37.98
C LYS B 273 -23.03 29.10 37.37
N ASP B 274 -21.86 29.34 36.80
CA ASP B 274 -21.11 28.31 36.08
C ASP B 274 -19.84 27.89 36.81
N MET B 275 -19.72 28.16 38.11
CA MET B 275 -18.50 27.81 38.82
C MET B 275 -18.30 26.30 38.92
N GLU B 276 -19.37 25.52 38.94
CA GLU B 276 -19.21 24.08 39.01
C GLU B 276 -18.78 23.51 37.65
N ALA B 277 -19.14 24.17 36.55
CA ALA B 277 -18.63 23.77 35.25
C ALA B 277 -17.13 23.95 35.17
N VAL B 278 -16.59 25.00 35.80
CA VAL B 278 -15.15 25.22 35.85
C VAL B 278 -14.47 24.04 36.55
N GLU B 279 -15.00 23.61 37.69
CA GLU B 279 -14.39 22.52 38.43
C GLU B 279 -14.42 21.22 37.62
N MET B 280 -15.51 21.00 36.88
CA MET B 280 -15.62 19.82 36.03
C MET B 280 -14.59 19.86 34.91
N ALA B 281 -14.45 21.02 34.25
CA ALA B 281 -13.50 21.13 33.15
C ALA B 281 -12.06 20.93 33.62
N GLU B 282 -11.73 21.43 34.80
CA GLU B 282 -10.38 21.23 35.34
C GLU B 282 -10.13 19.76 35.64
N ASN B 283 -11.12 19.06 36.21
CA ASN B 283 -10.99 17.63 36.45
C ASN B 283 -10.72 16.87 35.16
N ASP B 284 -11.53 17.12 34.13
CA ASP B 284 -11.48 16.32 32.91
C ASP B 284 -10.29 16.66 32.02
N ASN B 285 -9.70 17.84 32.16
CA ASN B 285 -8.62 18.27 31.28
C ASN B 285 -7.28 18.41 31.97
N ARG B 286 -7.22 18.35 33.30
CA ARG B 286 -5.99 18.65 34.02
C ARG B 286 -5.74 17.70 35.18
N TRP B 287 -6.65 17.67 36.16
CA TRP B 287 -6.37 16.97 37.41
C TRP B 287 -6.35 15.45 37.25
N TRP B 288 -7.16 14.89 36.36
CA TRP B 288 -7.15 13.44 36.17
C TRP B 288 -5.76 12.97 35.77
N PHE B 289 -5.07 13.75 34.92
CA PHE B 289 -3.77 13.34 34.41
C PHE B 289 -2.72 13.41 35.51
N PHE B 290 -2.69 14.52 36.25
CA PHE B 290 -1.63 14.71 37.23
C PHE B 290 -1.88 13.91 38.51
N ASP B 291 -3.15 13.66 38.86
CA ASP B 291 -3.41 12.74 39.95
C ASP B 291 -2.87 11.34 39.64
N ALA B 292 -2.88 10.96 38.36
CA ALA B 292 -2.36 9.65 37.96
C ALA B 292 -0.85 9.56 38.16
N ILE B 293 -0.10 10.54 37.65
CA ILE B 293 1.36 10.42 37.68
C ILE B 293 1.99 10.93 38.97
N ILE B 294 1.25 11.62 39.81
CA ILE B 294 1.75 12.06 41.11
C ILE B 294 1.26 11.14 42.23
N ARG B 295 -0.05 10.87 42.28
CA ARG B 295 -0.62 10.07 43.36
C ARG B 295 -0.95 8.64 42.93
N GLY B 296 -0.73 8.29 41.66
CA GLY B 296 -1.02 6.94 41.19
C GLY B 296 -2.47 6.63 40.93
N GLU B 297 -3.36 7.61 40.99
CA GLU B 297 -4.80 7.36 40.90
C GLU B 297 -5.20 7.39 39.42
N ILE B 298 -5.62 6.25 38.89
CA ILE B 298 -6.04 6.14 37.50
C ILE B 298 -7.28 5.25 37.42
N THR B 299 -7.91 5.26 36.25
CA THR B 299 -9.01 4.37 35.90
C THR B 299 -8.57 3.49 34.73
N ARG B 300 -8.52 2.18 34.96
CA ARG B 300 -8.14 1.23 33.92
C ARG B 300 -9.42 0.60 33.38
N GLY B 301 -9.76 0.89 32.12
CA GLY B 301 -10.96 0.38 31.52
C GLY B 301 -12.21 0.91 32.19
N ASN B 302 -12.78 0.14 33.12
CA ASN B 302 -14.08 0.46 33.68
C ASN B 302 -14.00 1.29 34.98
N GLU B 303 -13.15 0.90 35.92
CA GLU B 303 -13.23 1.44 37.27
C GLU B 303 -11.85 1.88 37.77
N LYS B 304 -11.84 2.50 38.95
CA LYS B 304 -10.72 3.26 39.47
C LYS B 304 -9.84 2.41 40.39
N ILE B 305 -8.54 2.73 40.38
CA ILE B 305 -7.54 2.00 41.16
C ILE B 305 -6.48 2.96 41.68
N VAL B 306 -5.42 2.43 42.29
CA VAL B 306 -4.23 3.18 42.68
C VAL B 306 -3.03 2.31 42.35
N ARG B 307 -2.28 2.67 41.32
CA ARG B 307 -1.13 1.89 40.88
C ARG B 307 0.15 2.40 41.56
N ASP B 308 0.82 1.50 42.29
CA ASP B 308 2.05 1.87 42.96
C ASP B 308 3.16 2.19 41.96
N ASP B 309 3.12 1.59 40.77
CA ASP B 309 4.14 1.82 39.76
C ASP B 309 4.00 3.18 39.09
N LEU B 310 2.90 3.89 39.33
CA LEU B 310 2.72 5.25 38.82
C LEU B 310 2.94 6.32 39.87
N LYS B 311 2.75 5.98 41.14
CA LYS B 311 2.78 6.97 42.21
C LYS B 311 4.16 7.59 42.37
N GLY B 312 4.19 8.90 42.59
CA GLY B 312 5.42 9.61 42.92
C GLY B 312 6.39 9.81 41.78
N ARG B 313 5.95 9.67 40.53
CA ARG B 313 6.83 9.82 39.37
C ARG B 313 6.85 11.24 38.82
N LEU B 314 7.13 12.23 39.67
CA LEU B 314 7.22 13.61 39.18
C LEU B 314 7.93 14.47 40.22
N ASP B 315 8.93 15.23 39.77
CA ASP B 315 9.65 16.14 40.65
C ASP B 315 9.29 17.60 40.46
N TRP B 316 8.81 17.98 39.27
CA TRP B 316 8.42 19.35 38.99
C TRP B 316 7.43 19.36 37.84
N ILE B 317 6.75 20.49 37.67
CA ILE B 317 5.67 20.61 36.69
C ILE B 317 6.00 21.74 35.73
N GLY B 318 6.00 21.43 34.43
CA GLY B 318 6.12 22.45 33.39
C GLY B 318 4.77 22.97 32.98
N VAL B 319 4.49 24.24 33.26
CA VAL B 319 3.20 24.84 33.01
C VAL B 319 3.25 25.58 31.67
N ASN B 320 2.57 25.05 30.67
CA ASN B 320 2.34 25.75 29.41
C ASN B 320 1.00 26.48 29.46
N TYR B 321 0.98 27.71 28.94
CA TYR B 321 -0.23 28.52 28.98
C TYR B 321 -0.23 29.54 27.86
N TYR B 322 -1.38 29.75 27.22
CA TYR B 322 -1.53 30.89 26.33
C TYR B 322 -2.89 31.60 26.37
N THR B 323 -3.98 30.95 26.78
CA THR B 323 -5.26 31.65 26.86
C THR B 323 -6.23 30.86 27.74
N ARG B 324 -7.43 31.39 27.89
CA ARG B 324 -8.47 30.82 28.74
C ARG B 324 -9.43 29.97 27.91
N THR B 325 -10.33 29.31 28.62
CA THR B 325 -11.47 28.62 28.02
C THR B 325 -12.71 28.93 28.85
N VAL B 326 -13.74 29.46 28.20
CA VAL B 326 -14.97 29.87 28.87
C VAL B 326 -15.97 28.73 28.78
N VAL B 327 -16.54 28.32 29.92
CA VAL B 327 -17.43 27.18 29.98
C VAL B 327 -18.74 27.60 30.65
N LYS B 328 -19.79 26.84 30.37
CA LYS B 328 -21.08 27.06 31.02
C LYS B 328 -21.70 25.72 31.38
N ARG B 329 -22.57 25.75 32.39
CA ARG B 329 -23.26 24.55 32.82
C ARG B 329 -24.33 24.16 31.83
N THR B 330 -24.40 22.86 31.51
CA THR B 330 -25.54 22.26 30.84
C THR B 330 -26.22 21.31 31.81
N GLU B 331 -27.29 20.66 31.35
CA GLU B 331 -27.87 19.62 32.17
C GLU B 331 -27.05 18.33 32.09
N LYS B 332 -26.49 18.04 30.92
CA LYS B 332 -25.64 16.87 30.76
C LYS B 332 -24.28 17.04 31.42
N GLY B 333 -23.81 18.27 31.60
CA GLY B 333 -22.51 18.50 32.21
C GLY B 333 -21.98 19.93 32.04
N TYR B 334 -21.12 20.12 31.06
CA TYR B 334 -20.60 21.45 30.73
C TYR B 334 -20.22 21.47 29.26
N VAL B 335 -20.12 22.68 28.72
CA VAL B 335 -19.65 22.89 27.35
C VAL B 335 -18.81 24.15 27.32
N SER B 336 -17.83 24.16 26.41
CA SER B 336 -16.98 25.32 26.18
C SER B 336 -17.54 26.15 25.03
N LEU B 337 -17.32 27.46 25.11
CA LEU B 337 -17.99 28.41 24.22
C LEU B 337 -17.04 28.97 23.17
N GLY B 338 -17.51 29.02 21.93
CA GLY B 338 -16.80 29.73 20.90
C GLY B 338 -16.86 31.22 21.09
N GLY B 339 -15.96 31.92 20.41
CA GLY B 339 -15.84 33.36 20.57
C GLY B 339 -15.05 33.80 21.78
N TYR B 340 -14.49 32.87 22.55
CA TYR B 340 -13.58 33.15 23.64
C TYR B 340 -12.37 32.24 23.53
N GLY B 341 -11.27 32.64 24.18
CA GLY B 341 -10.13 31.76 24.37
C GLY B 341 -9.52 31.27 23.06
N HIS B 342 -9.53 29.95 22.88
CA HIS B 342 -8.91 29.33 21.71
C HIS B 342 -9.71 29.57 20.44
N GLY B 343 -11.01 29.83 20.57
CA GLY B 343 -11.89 29.79 19.41
C GLY B 343 -12.45 31.12 18.97
N CYS B 344 -11.57 32.12 18.81
CA CYS B 344 -11.95 33.43 18.32
C CYS B 344 -11.54 33.60 16.87
N GLU B 345 -12.06 34.65 16.25
CA GLU B 345 -11.57 35.06 14.94
C GLU B 345 -10.14 35.58 15.06
N ARG B 346 -9.37 35.39 13.99
CA ARG B 346 -8.00 35.89 13.94
C ARG B 346 -7.99 37.40 13.76
N ASN B 347 -7.08 38.07 14.47
CA ASN B 347 -6.86 39.51 14.35
C ASN B 347 -8.18 40.28 14.48
N SER B 348 -8.82 40.09 15.64
CA SER B 348 -10.13 40.65 15.89
C SER B 348 -10.31 40.88 17.39
N VAL B 349 -11.54 40.80 17.87
CA VAL B 349 -11.85 40.91 19.29
C VAL B 349 -12.73 39.74 19.67
N SER B 350 -12.61 39.32 20.93
CA SER B 350 -13.47 38.26 21.46
C SER B 350 -14.84 38.83 21.81
N LEU B 351 -15.76 37.94 22.19
CA LEU B 351 -17.07 38.38 22.63
C LEU B 351 -17.01 39.20 23.92
N ALA B 352 -15.90 39.15 24.64
CA ALA B 352 -15.69 39.97 25.82
C ALA B 352 -14.93 41.25 25.50
N GLY B 353 -14.69 41.54 24.22
CA GLY B 353 -14.01 42.77 23.84
C GLY B 353 -12.50 42.76 23.96
N LEU B 354 -11.87 41.56 24.09
CA LEU B 354 -10.42 41.49 24.24
C LEU B 354 -9.76 41.12 22.91
N PRO B 355 -8.57 41.66 22.63
CA PRO B 355 -7.95 41.44 21.32
C PRO B 355 -7.49 40.00 21.13
N THR B 356 -7.52 39.55 19.88
CA THR B 356 -7.13 38.20 19.51
C THR B 356 -5.91 38.24 18.59
N SER B 357 -5.13 37.15 18.62
CA SER B 357 -3.86 37.07 17.93
C SER B 357 -4.03 36.64 16.47
N ASP B 358 -2.90 36.48 15.77
CA ASP B 358 -2.91 35.93 14.42
C ASP B 358 -3.50 34.53 14.38
N PHE B 359 -3.52 33.82 15.51
CA PHE B 359 -4.05 32.48 15.61
C PHE B 359 -5.49 32.45 16.09
N GLY B 360 -6.06 33.60 16.46
CA GLY B 360 -7.40 33.64 17.02
C GLY B 360 -7.47 33.33 18.50
N TRP B 361 -6.42 33.61 19.26
CA TRP B 361 -6.36 33.31 20.68
C TRP B 361 -6.51 34.60 21.49
N GLU B 362 -7.32 34.51 22.55
CA GLU B 362 -7.72 35.70 23.30
C GLU B 362 -6.66 36.12 24.32
N PHE B 363 -6.47 37.43 24.44
CA PHE B 363 -5.55 38.03 25.42
C PHE B 363 -6.15 37.90 26.82
N PHE B 364 -5.52 37.08 27.68
CA PHE B 364 -6.04 36.83 29.02
C PHE B 364 -4.91 36.43 29.96
N PRO B 365 -4.06 37.39 30.34
CA PRO B 365 -2.91 37.03 31.20
C PRO B 365 -3.28 36.61 32.61
N GLU B 366 -4.38 37.12 33.17
CA GLU B 366 -4.80 36.70 34.51
C GLU B 366 -4.91 35.18 34.65
N GLY B 367 -5.23 34.50 33.55
CA GLY B 367 -5.36 33.05 33.60
C GLY B 367 -4.09 32.34 34.01
N LEU B 368 -2.93 32.93 33.72
CA LEU B 368 -1.66 32.31 34.11
C LEU B 368 -1.52 32.29 35.62
N TYR B 369 -1.96 33.35 36.29
CA TYR B 369 -2.00 33.34 37.75
C TYR B 369 -2.94 32.26 38.26
N ASP B 370 -4.10 32.12 37.62
CA ASP B 370 -5.07 31.11 38.01
C ASP B 370 -4.47 29.72 37.94
N VAL B 371 -3.77 29.41 36.84
CA VAL B 371 -3.24 28.06 36.63
C VAL B 371 -2.07 27.77 37.56
N LEU B 372 -1.16 28.73 37.73
CA LEU B 372 0.02 28.51 38.56
C LEU B 372 -0.37 28.27 40.02
N THR B 373 -1.25 29.12 40.56
CA THR B 373 -1.62 28.98 41.97
C THR B 373 -2.40 27.69 42.22
N LYS B 374 -3.23 27.29 41.27
CA LYS B 374 -4.02 26.07 41.47
C LYS B 374 -3.14 24.82 41.45
N TYR B 375 -2.17 24.77 40.53
CA TYR B 375 -1.20 23.67 40.56
C TYR B 375 -0.44 23.64 41.88
N TRP B 376 -0.04 24.81 42.38
CA TRP B 376 0.74 24.87 43.60
C TRP B 376 -0.07 24.36 44.79
N ASN B 377 -1.31 24.83 44.92
CA ASN B 377 -2.13 24.44 46.07
C ASN B 377 -2.46 22.96 46.05
N ARG B 378 -2.51 22.33 44.88
CA ARG B 378 -2.92 20.93 44.83
C ARG B 378 -1.75 19.98 45.07
N TYR B 379 -0.57 20.25 44.51
CA TYR B 379 0.55 19.33 44.57
C TYR B 379 1.78 19.85 45.29
N HIS B 380 1.94 21.17 45.41
CA HIS B 380 3.11 21.78 46.06
C HIS B 380 4.42 21.27 45.46
N LEU B 381 4.43 21.09 44.15
CA LEU B 381 5.65 20.86 43.39
C LEU B 381 6.05 22.14 42.67
N TYR B 382 7.35 22.43 42.64
CA TYR B 382 7.79 23.66 42.00
C TYR B 382 7.59 23.58 40.50
N MET B 383 7.54 24.75 39.86
CA MET B 383 7.12 24.85 38.48
C MET B 383 8.06 25.73 37.66
N TYR B 384 8.08 25.47 36.36
CA TYR B 384 8.58 26.39 35.35
C TYR B 384 7.44 26.73 34.41
N VAL B 385 7.35 27.99 34.01
CA VAL B 385 6.46 28.36 32.90
C VAL B 385 7.21 28.00 31.63
N THR B 386 6.89 26.84 31.06
CA THR B 386 7.65 26.29 29.94
C THR B 386 7.10 26.73 28.58
N TYR B 387 5.97 27.43 28.54
CA TYR B 387 5.44 27.94 27.28
C TYR B 387 4.55 29.15 27.58
N ASN B 388 4.84 30.25 26.91
CA ASN B 388 3.95 31.42 26.90
C ASN B 388 4.37 32.29 25.73
N GLY B 389 3.44 32.57 24.82
CA GLY B 389 3.77 33.32 23.62
C GLY B 389 2.52 33.63 22.82
N ILE B 390 2.74 34.29 21.68
CA ILE B 390 1.63 34.78 20.87
C ILE B 390 2.06 34.77 19.41
N ALA B 391 1.13 34.41 18.52
CA ALA B 391 1.34 34.49 17.09
C ALA B 391 1.11 35.93 16.65
N ASP B 392 2.17 36.61 16.22
CA ASP B 392 2.12 38.05 16.01
C ASP B 392 3.27 38.51 15.14
N ASP B 393 3.09 38.44 13.81
CA ASP B 393 4.16 38.81 12.89
C ASP B 393 4.51 40.29 13.00
N ALA B 394 3.49 41.15 13.12
CA ALA B 394 3.70 42.59 13.14
C ALA B 394 4.26 43.11 14.46
N ASP B 395 4.18 42.31 15.53
CA ASP B 395 4.63 42.66 16.89
C ASP B 395 3.75 43.73 17.55
N TYR B 396 2.49 43.85 17.14
CA TYR B 396 1.62 44.86 17.74
C TYR B 396 1.29 44.53 19.19
N GLN B 397 1.00 43.26 19.48
CA GLN B 397 0.49 42.87 20.79
C GLN B 397 1.54 42.23 21.70
N ARG B 398 2.57 41.60 21.13
CA ARG B 398 3.54 40.86 21.94
C ARG B 398 4.19 41.68 23.05
N PRO B 399 4.53 42.96 22.87
CA PRO B 399 5.08 43.71 24.02
C PRO B 399 4.15 43.74 25.22
N TYR B 400 2.85 43.94 24.99
CA TYR B 400 1.88 43.86 26.08
C TYR B 400 1.74 42.43 26.59
N TYR B 401 1.69 41.46 25.67
CA TYR B 401 1.54 40.05 26.05
C TYR B 401 2.70 39.61 26.94
N LEU B 402 3.92 39.96 26.56
CA LEU B 402 5.10 39.56 27.31
C LEU B 402 5.08 40.12 28.73
N VAL B 403 4.94 41.45 28.86
CA VAL B 403 5.06 42.07 30.17
C VAL B 403 3.91 41.68 31.08
N SER B 404 2.69 41.58 30.53
CA SER B 404 1.51 41.24 31.33
C SER B 404 1.65 39.85 31.95
N HIS B 405 2.08 38.87 31.17
CA HIS B 405 2.18 37.50 31.68
C HIS B 405 3.33 37.35 32.65
N VAL B 406 4.44 38.06 32.39
CA VAL B 406 5.54 38.08 33.36
C VAL B 406 5.09 38.68 34.68
N TYR B 407 4.26 39.72 34.62
CA TYR B 407 3.71 40.30 35.84
C TYR B 407 2.86 39.29 36.60
N GLN B 408 2.06 38.49 35.89
CA GLN B 408 1.24 37.49 36.58
C GLN B 408 2.09 36.42 37.22
N VAL B 409 3.24 36.08 36.65
CA VAL B 409 4.16 35.15 37.30
C VAL B 409 4.66 35.73 38.61
N HIS B 410 5.06 37.01 38.59
CA HIS B 410 5.47 37.69 39.80
C HIS B 410 4.38 37.66 40.87
N ARG B 411 3.13 37.87 40.46
CA ARG B 411 2.03 37.79 41.41
C ARG B 411 1.89 36.41 42.00
N ALA B 412 2.03 35.37 41.17
CA ALA B 412 1.92 33.99 41.68
C ALA B 412 3.02 33.70 42.69
N ILE B 413 4.24 34.18 42.44
CA ILE B 413 5.32 33.98 43.41
C ILE B 413 5.00 34.71 44.71
N ASN B 414 4.45 35.93 44.63
CA ASN B 414 4.11 36.64 45.86
C ASN B 414 3.04 35.90 46.67
N SER B 415 2.17 35.13 46.01
CA SER B 415 1.17 34.34 46.70
C SER B 415 1.74 33.07 47.33
N GLY B 416 2.98 32.70 47.03
CA GLY B 416 3.60 31.52 47.61
C GLY B 416 3.90 30.40 46.65
N ALA B 417 3.52 30.51 45.38
CA ALA B 417 3.82 29.46 44.41
C ALA B 417 5.30 29.46 44.09
N ASP B 418 5.92 28.27 44.09
CA ASP B 418 7.35 28.13 43.82
C ASP B 418 7.52 28.02 42.31
N VAL B 419 7.73 29.17 41.66
CA VAL B 419 7.96 29.24 40.22
C VAL B 419 9.38 29.74 40.00
N ARG B 420 10.16 29.00 39.23
CA ARG B 420 11.60 29.21 39.17
C ARG B 420 12.09 29.73 37.83
N GLY B 421 11.21 29.92 36.85
CA GLY B 421 11.63 30.46 35.58
C GLY B 421 10.47 30.70 34.65
N TYR B 422 10.70 31.58 33.66
CA TYR B 422 9.73 31.90 32.62
C TYR B 422 10.40 31.67 31.27
N LEU B 423 9.82 30.78 30.46
CA LEU B 423 10.39 30.42 29.16
C LEU B 423 9.40 30.79 28.07
N HIS B 424 9.73 31.83 27.31
CA HIS B 424 8.84 32.34 26.26
C HIS B 424 8.85 31.42 25.06
N TRP B 425 7.70 31.28 24.42
CA TRP B 425 7.62 30.61 23.13
C TRP B 425 7.40 31.64 22.01
N SER B 426 8.41 31.87 21.18
CA SER B 426 9.71 31.19 21.23
C SER B 426 10.80 32.21 20.92
N LEU B 427 12.05 31.76 20.90
CA LEU B 427 13.15 32.65 20.58
C LEU B 427 13.00 33.19 19.15
N ALA B 428 12.72 32.31 18.19
CA ALA B 428 12.55 32.70 16.80
C ALA B 428 11.34 32.00 16.21
N ASP B 429 10.81 32.56 15.11
CA ASP B 429 9.72 31.93 14.36
C ASP B 429 10.09 30.51 13.97
N ASN B 430 9.08 29.67 13.80
CA ASN B 430 9.33 28.27 13.47
C ASN B 430 8.09 27.66 12.81
N TYR B 431 8.18 26.36 12.49
CA TYR B 431 7.14 25.62 11.78
C TYR B 431 6.05 25.22 12.76
N GLU B 432 4.86 25.82 12.62
CA GLU B 432 3.77 25.58 13.58
C GLU B 432 2.84 24.45 13.10
N TRP B 433 3.42 23.26 13.01
CA TRP B 433 2.69 21.98 12.87
C TRP B 433 1.79 22.08 11.63
N ALA B 434 0.50 21.77 11.74
CA ALA B 434 -0.37 21.75 10.57
C ALA B 434 -0.62 23.13 9.98
N SER B 435 -0.36 24.21 10.75
CA SER B 435 -0.55 25.56 10.25
C SER B 435 0.64 26.08 9.45
N GLY B 436 1.77 25.39 9.45
CA GLY B 436 2.92 25.84 8.67
C GLY B 436 3.59 27.07 9.25
N PHE B 437 4.26 27.81 8.37
CA PHE B 437 5.12 28.92 8.79
C PHE B 437 4.37 30.23 9.02
N SER B 438 3.08 30.32 8.67
CA SER B 438 2.41 31.62 8.73
C SER B 438 2.15 32.09 10.16
N MET B 439 2.15 31.19 11.14
CA MET B 439 2.00 31.57 12.54
C MET B 439 3.38 31.80 13.14
N ARG B 440 3.69 33.06 13.47
CA ARG B 440 5.04 33.46 13.84
C ARG B 440 5.05 33.86 15.32
N PHE B 441 5.69 33.03 16.15
CA PHE B 441 5.72 33.20 17.59
C PHE B 441 7.01 33.81 18.11
N GLY B 442 7.95 34.15 17.23
CA GLY B 442 9.30 34.49 17.66
C GLY B 442 9.42 35.89 18.25
N LEU B 443 10.25 35.99 19.29
CA LEU B 443 10.84 37.28 19.62
C LEU B 443 11.71 37.78 18.48
N LEU B 444 12.31 36.86 17.73
CA LEU B 444 13.08 37.17 16.54
C LEU B 444 12.30 36.74 15.30
N LYS B 445 12.24 37.64 14.31
CA LYS B 445 11.58 37.32 13.04
C LYS B 445 12.56 36.61 12.11
N VAL B 446 12.09 35.55 11.46
CA VAL B 446 12.91 34.74 10.56
C VAL B 446 12.55 35.07 9.12
N ASP B 447 13.58 35.37 8.32
CA ASP B 447 13.45 35.41 6.86
C ASP B 447 13.78 34.01 6.35
N TYR B 448 12.77 33.28 5.90
CA TYR B 448 13.00 31.89 5.52
C TYR B 448 13.76 31.73 4.22
N ASN B 449 13.95 32.80 3.45
CA ASN B 449 14.78 32.71 2.26
C ASN B 449 16.27 32.75 2.61
N THR B 450 16.66 33.67 3.49
CA THR B 450 18.05 33.85 3.88
C THR B 450 18.40 33.18 5.21
N LYS B 451 17.41 32.82 6.01
CA LYS B 451 17.58 32.31 7.37
C LYS B 451 18.14 33.36 8.33
N ARG B 452 18.10 34.64 7.95
CA ARG B 452 18.52 35.70 8.85
C ARG B 452 17.47 35.94 9.93
N LEU B 453 17.94 36.35 11.10
CA LEU B 453 17.10 36.66 12.24
C LEU B 453 17.07 38.17 12.48
N TYR B 454 15.87 38.69 12.80
CA TYR B 454 15.67 40.11 13.07
C TYR B 454 15.03 40.27 14.43
N TRP B 455 15.41 41.32 15.15
CA TRP B 455 14.87 41.61 16.47
C TRP B 455 13.59 42.41 16.34
N ARG B 456 12.46 41.79 16.70
CA ARG B 456 11.26 42.57 16.90
C ARG B 456 11.43 43.41 18.15
N PRO B 457 10.72 44.55 18.25
CA PRO B 457 10.88 45.40 19.45
C PRO B 457 10.58 44.67 20.75
N SER B 458 9.67 43.69 20.74
CA SER B 458 9.41 42.91 21.94
C SER B 458 10.66 42.17 22.42
N ALA B 459 11.59 41.86 21.52
CA ALA B 459 12.87 41.28 21.92
C ALA B 459 13.70 42.27 22.73
N LEU B 460 13.65 43.55 22.34
CA LEU B 460 14.32 44.58 23.14
C LEU B 460 13.65 44.74 24.50
N VAL B 461 12.33 44.60 24.55
CA VAL B 461 11.61 44.65 25.84
C VAL B 461 12.05 43.48 26.72
N TYR B 462 12.14 42.28 26.14
CA TYR B 462 12.53 41.12 26.91
C TYR B 462 13.95 41.26 27.44
N ARG B 463 14.86 41.86 26.65
CA ARG B 463 16.21 42.09 27.12
C ARG B 463 16.21 42.97 28.37
N GLU B 464 15.36 43.99 28.40
CA GLU B 464 15.24 44.81 29.61
C GLU B 464 14.79 43.98 30.81
N ILE B 465 13.82 43.09 30.61
CA ILE B 465 13.34 42.26 31.71
C ILE B 465 14.45 41.31 32.18
N ALA B 466 15.09 40.61 31.23
CA ALA B 466 16.02 39.55 31.61
C ALA B 466 17.30 40.11 32.22
N THR B 467 17.86 41.18 31.65
CA THR B 467 19.12 41.70 32.17
C THR B 467 18.93 42.36 33.53
N ASN B 468 17.73 42.87 33.82
CA ASN B 468 17.46 43.47 35.12
C ASN B 468 16.82 42.50 36.11
N GLY B 469 16.42 41.31 35.66
CA GLY B 469 15.71 40.38 36.52
C GLY B 469 14.42 40.94 37.08
N ALA B 470 13.74 41.80 36.32
CA ALA B 470 12.54 42.47 36.81
C ALA B 470 11.86 43.21 35.66
N ILE B 471 10.57 43.48 35.84
CA ILE B 471 9.88 44.46 35.03
C ILE B 471 10.30 45.83 35.56
N THR B 472 11.13 46.54 34.79
CA THR B 472 11.62 47.83 35.23
C THR B 472 10.50 48.87 35.22
N ASP B 473 10.72 49.95 35.96
CA ASP B 473 9.78 51.07 35.95
C ASP B 473 9.52 51.56 34.53
N GLU B 474 10.57 51.55 33.69
CA GLU B 474 10.43 52.12 32.36
CA GLU B 474 10.48 52.06 32.32
C GLU B 474 9.32 51.44 31.55
N ILE B 475 9.08 50.14 31.76
CA ILE B 475 8.20 49.37 30.89
C ILE B 475 6.95 48.87 31.61
N GLU B 476 6.66 49.41 32.81
CA GLU B 476 5.51 48.91 33.57
C GLU B 476 4.19 49.12 32.84
N HIS B 477 4.11 50.15 31.98
CA HIS B 477 2.86 50.46 31.30
C HIS B 477 2.43 49.35 30.35
N LEU B 478 3.36 48.48 29.93
CA LEU B 478 3.01 47.37 29.07
C LEU B 478 2.27 46.27 29.81
N ASN B 479 2.14 46.36 31.13
CA ASN B 479 1.29 45.46 31.90
C ASN B 479 -0.16 45.92 31.75
N SER B 480 -0.68 45.74 30.53
CA SER B 480 -2.00 46.23 30.17
C SER B 480 -2.45 45.54 28.89
N VAL B 481 -3.74 45.68 28.59
CA VAL B 481 -4.35 45.12 27.40
C VAL B 481 -4.00 45.99 26.19
N PRO B 482 -3.60 45.40 25.06
CA PRO B 482 -3.37 46.19 23.85
C PRO B 482 -4.62 46.97 23.46
N PRO B 483 -4.48 48.27 23.21
CA PRO B 483 -5.67 49.06 22.82
C PRO B 483 -6.35 48.46 21.60
N VAL B 484 -7.65 48.21 21.72
CA VAL B 484 -8.37 47.52 20.66
C VAL B 484 -8.82 48.49 19.57
N LYS B 485 -9.10 49.74 19.93
CA LYS B 485 -9.60 50.71 18.94
C LYS B 485 -8.70 50.85 17.72
N PRO B 486 -7.36 50.94 17.83
CA PRO B 486 -6.54 51.04 16.61
C PRO B 486 -6.33 49.72 15.88
N LEU B 487 -6.75 48.59 16.46
CA LEU B 487 -6.59 47.28 15.85
C LEU B 487 -7.83 46.90 15.04
N ARG B 488 -7.69 45.88 14.19
CA ARG B 488 -8.85 45.39 13.46
C ARG B 488 -9.83 44.75 14.43
N HIS B 489 -11.10 45.13 14.32
CA HIS B 489 -12.14 44.50 15.12
C HIS B 489 -13.50 44.64 14.45
N SER C 3 -11.51 -58.43 -2.18
CA SER C 3 -12.68 -58.41 -3.05
C SER C 3 -13.55 -57.17 -2.80
N PHE C 4 -13.93 -56.49 -3.87
CA PHE C 4 -14.64 -55.23 -3.82
C PHE C 4 -16.13 -55.42 -4.04
N PRO C 5 -16.96 -54.46 -3.65
CA PRO C 5 -18.40 -54.56 -3.90
C PRO C 5 -18.72 -54.79 -5.37
N ASN C 6 -19.88 -55.41 -5.62
CA ASN C 6 -20.26 -55.80 -6.98
C ASN C 6 -20.28 -54.59 -7.91
N SER C 7 -20.74 -53.44 -7.42
CA SER C 7 -20.91 -52.24 -8.24
C SER C 7 -19.67 -51.36 -8.27
N PHE C 8 -18.60 -51.72 -7.56
CA PHE C 8 -17.38 -50.95 -7.60
C PHE C 8 -16.74 -51.04 -8.98
N ARG C 9 -16.21 -49.92 -9.48
CA ARG C 9 -15.69 -49.86 -10.83
C ARG C 9 -14.24 -49.38 -10.84
N PHE C 10 -13.40 -50.05 -11.62
CA PHE C 10 -12.02 -49.65 -11.83
C PHE C 10 -11.89 -48.97 -13.20
N GLY C 11 -11.19 -47.84 -13.25
CA GLY C 11 -11.04 -47.10 -14.49
C GLY C 11 -9.89 -46.10 -14.47
N TRP C 12 -10.08 -45.00 -15.19
CA TRP C 12 -9.02 -44.00 -15.35
C TRP C 12 -9.61 -42.61 -15.49
N SER C 13 -8.76 -41.61 -15.24
CA SER C 13 -9.11 -40.21 -15.43
C SER C 13 -8.18 -39.59 -16.47
N GLN C 14 -8.67 -38.55 -17.13
CA GLN C 14 -8.00 -37.96 -18.28
C GLN C 14 -8.47 -36.52 -18.45
N ALA C 15 -7.62 -35.69 -19.05
CA ALA C 15 -7.91 -34.28 -19.26
C ALA C 15 -7.81 -33.94 -20.74
N GLY C 16 -8.64 -32.97 -21.16
CA GLY C 16 -8.68 -32.61 -22.57
C GLY C 16 -7.39 -31.98 -23.06
N PHE C 17 -6.93 -30.92 -22.38
CA PHE C 17 -5.73 -30.21 -22.82
C PHE C 17 -4.51 -31.11 -22.82
N GLN C 18 -4.44 -32.07 -21.90
CA GLN C 18 -3.25 -32.90 -21.77
C GLN C 18 -3.18 -34.02 -22.81
N SER C 19 -4.32 -34.51 -23.30
CA SER C 19 -4.34 -35.72 -24.11
C SER C 19 -4.94 -35.56 -25.50
N GLU C 20 -5.77 -34.54 -25.75
CA GLU C 20 -6.53 -34.49 -26.99
C GLU C 20 -5.63 -34.25 -28.21
N MET C 21 -4.74 -33.27 -28.13
CA MET C 21 -4.01 -32.85 -29.32
C MET C 21 -2.90 -33.85 -29.68
N GLY C 22 -2.49 -33.81 -30.94
CA GLY C 22 -1.46 -34.69 -31.45
C GLY C 22 -1.76 -35.28 -32.82
N THR C 23 -3.02 -35.27 -33.21
CA THR C 23 -3.45 -35.75 -34.52
C THR C 23 -3.87 -34.59 -35.42
N PRO C 24 -3.81 -34.77 -36.74
CA PRO C 24 -4.16 -33.67 -37.65
C PRO C 24 -5.57 -33.16 -37.40
N GLY C 25 -5.71 -31.84 -37.32
CA GLY C 25 -6.99 -31.21 -37.07
C GLY C 25 -7.38 -31.07 -35.62
N SER C 26 -6.56 -31.54 -34.68
CA SER C 26 -6.90 -31.53 -33.27
C SER C 26 -6.46 -30.27 -32.51
N GLU C 27 -5.65 -29.42 -33.13
CA GLU C 27 -5.06 -28.30 -32.40
C GLU C 27 -6.14 -27.33 -31.92
N ASP C 28 -6.06 -26.96 -30.64
CA ASP C 28 -6.93 -25.93 -30.05
C ASP C 28 -6.07 -24.77 -29.56
N PRO C 29 -5.90 -23.72 -30.35
CA PRO C 29 -5.04 -22.60 -29.95
C PRO C 29 -5.71 -21.54 -29.08
N ASN C 30 -6.98 -21.70 -28.73
CA ASN C 30 -7.78 -20.62 -28.13
C ASN C 30 -7.93 -20.73 -26.63
N THR C 31 -6.86 -21.08 -25.89
CA THR C 31 -6.93 -21.11 -24.43
C THR C 31 -5.80 -20.27 -23.85
N ASP C 32 -6.02 -19.83 -22.61
CA ASP C 32 -4.95 -19.19 -21.86
C ASP C 32 -3.76 -20.12 -21.72
N TRP C 33 -4.01 -21.41 -21.45
CA TRP C 33 -2.91 -22.36 -21.27
C TRP C 33 -2.11 -22.55 -22.56
N TYR C 34 -2.79 -22.59 -23.71
CA TYR C 34 -2.08 -22.73 -24.98
C TYR C 34 -1.16 -21.54 -25.22
N LYS C 35 -1.70 -20.33 -25.10
CA LYS C 35 -0.87 -19.14 -25.25
C LYS C 35 0.24 -19.10 -24.22
N TRP C 36 -0.05 -19.56 -22.99
CA TRP C 36 0.92 -19.50 -21.90
C TRP C 36 2.16 -20.33 -22.20
N VAL C 37 1.98 -21.56 -22.69
CA VAL C 37 3.13 -22.44 -22.93
C VAL C 37 3.87 -22.12 -24.22
N HIS C 38 3.27 -21.33 -25.12
CA HIS C 38 3.96 -20.87 -26.32
C HIS C 38 4.66 -19.53 -26.13
N ASP C 39 4.52 -18.91 -24.97
CA ASP C 39 5.01 -17.54 -24.79
C ASP C 39 6.53 -17.52 -24.77
N PRO C 40 7.17 -16.70 -25.61
CA PRO C 40 8.65 -16.66 -25.62
C PRO C 40 9.28 -16.30 -24.29
N GLU C 41 8.72 -15.33 -23.55
CA GLU C 41 9.30 -14.96 -22.28
C GLU C 41 9.17 -16.07 -21.24
N ASN C 42 8.01 -16.74 -21.18
CA ASN C 42 7.87 -17.88 -20.27
C ASN C 42 8.87 -18.98 -20.61
N MET C 43 9.13 -19.22 -21.89
CA MET C 43 10.09 -20.25 -22.26
C MET C 43 11.51 -19.86 -21.84
N ALA C 44 11.89 -18.60 -22.03
CA ALA C 44 13.24 -18.16 -21.69
C ALA C 44 13.47 -18.17 -20.18
N ALA C 45 12.42 -17.89 -19.39
CA ALA C 45 12.54 -17.96 -17.94
C ALA C 45 12.53 -19.39 -17.40
N GLY C 46 12.23 -20.38 -18.25
CA GLY C 46 12.08 -21.73 -17.76
C GLY C 46 10.81 -21.98 -16.96
N LEU C 47 9.85 -21.07 -17.02
CA LEU C 47 8.56 -21.31 -16.37
C LEU C 47 7.80 -22.47 -17.02
N VAL C 48 7.94 -22.63 -18.35
CA VAL C 48 7.36 -23.73 -19.08
C VAL C 48 8.48 -24.51 -19.74
N SER C 49 8.20 -25.79 -20.04
CA SER C 49 9.25 -26.71 -20.45
C SER C 49 9.75 -26.46 -21.87
N GLY C 50 8.96 -25.80 -22.71
CA GLY C 50 9.24 -25.73 -24.11
C GLY C 50 8.54 -26.78 -24.95
N ASP C 51 8.05 -27.85 -24.33
CA ASP C 51 7.20 -28.81 -25.03
C ASP C 51 5.87 -28.14 -25.36
N LEU C 52 5.28 -28.56 -26.46
CA LEU C 52 4.04 -27.96 -26.92
C LEU C 52 2.95 -29.01 -27.01
N PRO C 53 1.73 -28.73 -26.52
CA PRO C 53 0.71 -29.78 -26.43
C PRO C 53 0.25 -30.32 -27.78
N GLU C 54 0.40 -29.55 -28.87
CA GLU C 54 -0.01 -30.04 -30.17
C GLU C 54 0.86 -31.20 -30.67
N ASN C 55 1.91 -31.58 -29.95
CA ASN C 55 2.68 -32.79 -30.24
C ASN C 55 2.33 -33.92 -29.27
N GLY C 56 1.11 -33.91 -28.74
CA GLY C 56 0.72 -34.85 -27.70
C GLY C 56 0.23 -36.19 -28.20
N PRO C 57 -0.48 -36.93 -27.35
CA PRO C 57 -0.82 -38.33 -27.68
C PRO C 57 -1.99 -38.50 -28.64
N GLY C 58 -2.72 -37.44 -28.98
CA GLY C 58 -3.69 -37.54 -30.06
C GLY C 58 -4.99 -38.26 -29.75
N TYR C 59 -5.56 -38.06 -28.56
CA TYR C 59 -6.82 -38.69 -28.21
C TYR C 59 -7.96 -38.20 -29.11
N TRP C 60 -7.90 -36.95 -29.56
CA TRP C 60 -8.93 -36.40 -30.44
C TRP C 60 -9.12 -37.27 -31.68
N GLY C 61 -8.03 -37.74 -32.27
CA GLY C 61 -8.12 -38.59 -33.44
C GLY C 61 -8.10 -40.08 -33.16
N ASN C 62 -7.42 -40.52 -32.10
CA ASN C 62 -7.16 -41.93 -31.85
C ASN C 62 -7.95 -42.48 -30.67
N TYR C 63 -9.06 -41.85 -30.30
CA TYR C 63 -9.80 -42.28 -29.11
C TYR C 63 -10.24 -43.74 -29.19
N LYS C 64 -10.52 -44.25 -30.38
CA LYS C 64 -10.92 -45.65 -30.50
C LYS C 64 -9.81 -46.58 -30.00
N THR C 65 -8.56 -46.24 -30.30
CA THR C 65 -7.43 -47.05 -29.83
C THR C 65 -7.27 -46.96 -28.33
N PHE C 66 -7.42 -45.76 -27.76
CA PHE C 66 -7.46 -45.61 -26.31
C PHE C 66 -8.52 -46.53 -25.71
N HIS C 67 -9.73 -46.50 -26.26
CA HIS C 67 -10.85 -47.26 -25.70
C HIS C 67 -10.67 -48.76 -25.91
N ASP C 68 -10.09 -49.17 -27.03
CA ASP C 68 -9.75 -50.59 -27.22
C ASP C 68 -8.88 -51.10 -26.09
N ASN C 69 -7.81 -50.36 -25.77
CA ASN C 69 -6.89 -50.79 -24.72
C ASN C 69 -7.55 -50.78 -23.35
N ALA C 70 -8.38 -49.76 -23.08
CA ALA C 70 -9.08 -49.72 -21.79
C ALA C 70 -10.02 -50.91 -21.64
N GLN C 71 -10.70 -51.29 -22.72
CA GLN C 71 -11.59 -52.45 -22.68
C GLN C 71 -10.82 -53.74 -22.47
N LYS C 72 -9.69 -53.91 -23.19
CA LYS C 72 -8.85 -55.09 -22.98
C LYS C 72 -8.33 -55.14 -21.55
N MET C 73 -8.14 -53.98 -20.92
CA MET C 73 -7.67 -53.92 -19.54
C MET C 73 -8.78 -54.18 -18.53
N GLY C 74 -10.03 -54.33 -18.99
CA GLY C 74 -11.12 -54.63 -18.09
C GLY C 74 -11.68 -53.43 -17.35
N LEU C 75 -11.38 -52.21 -17.80
CA LEU C 75 -11.85 -51.02 -17.10
C LEU C 75 -13.33 -50.80 -17.34
N LYS C 76 -14.00 -50.23 -16.34
CA LYS C 76 -15.45 -50.07 -16.37
C LYS C 76 -15.93 -48.64 -16.13
N ILE C 77 -15.03 -47.67 -15.97
CA ILE C 77 -15.43 -46.28 -15.69
C ILE C 77 -14.35 -45.34 -16.23
N ALA C 78 -14.78 -44.17 -16.69
CA ALA C 78 -13.85 -43.16 -17.18
C ALA C 78 -14.34 -41.77 -16.81
N ARG C 79 -13.40 -40.90 -16.43
CA ARG C 79 -13.69 -39.50 -16.16
C ARG C 79 -12.89 -38.65 -17.14
N LEU C 80 -13.60 -37.85 -17.93
CA LEU C 80 -13.04 -36.97 -18.95
C LEU C 80 -13.67 -35.60 -18.80
N ASN C 81 -13.13 -34.63 -19.54
CA ASN C 81 -13.74 -33.30 -19.58
C ASN C 81 -13.84 -32.83 -21.02
N VAL C 82 -14.82 -31.95 -21.27
CA VAL C 82 -14.90 -31.20 -22.51
C VAL C 82 -14.15 -29.89 -22.32
N GLU C 83 -13.48 -29.43 -23.37
CA GLU C 83 -12.77 -28.15 -23.35
C GLU C 83 -13.73 -27.04 -23.76
N TRP C 84 -14.05 -26.17 -22.80
CA TRP C 84 -14.85 -24.97 -23.03
C TRP C 84 -14.47 -24.26 -24.32
N SER C 85 -13.16 -24.07 -24.54
CA SER C 85 -12.68 -23.32 -25.69
C SER C 85 -13.05 -23.99 -27.01
N ARG C 86 -13.16 -25.33 -27.04
CA ARG C 86 -13.54 -25.98 -28.29
C ARG C 86 -14.98 -25.72 -28.67
N ILE C 87 -15.87 -25.59 -27.69
CA ILE C 87 -17.29 -25.40 -27.97
C ILE C 87 -17.60 -23.95 -28.26
N PHE C 88 -16.98 -23.02 -27.52
CA PHE C 88 -17.21 -21.59 -27.67
C PHE C 88 -15.86 -20.89 -27.84
N PRO C 89 -15.27 -20.97 -29.03
CA PRO C 89 -13.96 -20.32 -29.23
C PRO C 89 -14.04 -18.80 -29.36
N ASN C 90 -15.22 -18.25 -29.63
CA ASN C 90 -15.37 -16.84 -29.92
C ASN C 90 -16.11 -16.11 -28.81
N PRO C 91 -15.85 -14.81 -28.63
CA PRO C 91 -16.54 -14.06 -27.58
C PRO C 91 -18.05 -14.06 -27.78
N LEU C 92 -18.74 -14.19 -26.69
CA LEU C 92 -20.19 -14.00 -26.61
C LEU C 92 -20.50 -12.55 -26.20
N PRO C 93 -21.55 -11.95 -26.76
CA PRO C 93 -21.93 -10.55 -26.51
C PRO C 93 -22.03 -10.15 -25.04
N ASP C 104 -20.99 -10.90 -5.27
CA ASP C 104 -21.69 -12.16 -5.13
C ASP C 104 -22.57 -12.47 -6.34
N VAL C 105 -22.45 -13.68 -6.87
CA VAL C 105 -23.32 -14.19 -7.92
C VAL C 105 -24.19 -15.27 -7.27
N THR C 106 -25.40 -14.87 -6.86
CA THR C 106 -26.29 -15.78 -6.15
C THR C 106 -27.24 -16.53 -7.07
N GLU C 107 -27.42 -16.09 -8.31
CA GLU C 107 -28.28 -16.76 -9.26
C GLU C 107 -27.79 -16.50 -10.68
N VAL C 108 -27.90 -17.52 -11.53
CA VAL C 108 -27.74 -17.39 -12.98
C VAL C 108 -28.95 -18.04 -13.63
N GLU C 109 -29.79 -17.24 -14.27
CA GLU C 109 -31.03 -17.76 -14.85
C GLU C 109 -30.74 -18.66 -16.05
N ILE C 110 -31.33 -19.85 -16.03
CA ILE C 110 -31.23 -20.82 -17.13
C ILE C 110 -32.64 -21.14 -17.60
N ASN C 111 -32.89 -20.99 -18.90
CA ASN C 111 -34.17 -21.36 -19.47
C ASN C 111 -33.97 -21.81 -20.91
N GLU C 112 -35.04 -22.39 -21.47
CA GLU C 112 -34.98 -23.02 -22.79
C GLU C 112 -34.50 -22.03 -23.86
N ASN C 113 -35.06 -20.82 -23.87
CA ASN C 113 -34.70 -19.85 -24.90
C ASN C 113 -33.24 -19.42 -24.79
N GLU C 114 -32.75 -19.27 -23.56
CA GLU C 114 -31.35 -18.92 -23.37
C GLU C 114 -30.44 -20.02 -23.91
N LEU C 115 -30.79 -21.28 -23.65
CA LEU C 115 -30.00 -22.39 -24.18
C LEU C 115 -30.02 -22.42 -25.69
N LYS C 116 -31.18 -22.15 -26.29
CA LYS C 116 -31.28 -22.14 -27.75
C LYS C 116 -30.46 -21.00 -28.35
N ARG C 117 -30.41 -19.85 -27.66
CA ARG C 117 -29.54 -18.77 -28.13
C ARG C 117 -28.07 -19.16 -28.03
N LEU C 118 -27.68 -19.80 -26.94
CA LEU C 118 -26.31 -20.29 -26.81
C LEU C 118 -25.98 -21.28 -27.94
N ASP C 119 -26.94 -22.14 -28.28
CA ASP C 119 -26.71 -23.13 -29.33
C ASP C 119 -26.29 -22.50 -30.65
N GLU C 120 -26.79 -21.30 -30.95
CA GLU C 120 -26.44 -20.65 -32.22
C GLU C 120 -24.97 -20.27 -32.28
N TYR C 121 -24.33 -20.06 -31.14
CA TYR C 121 -22.92 -19.68 -31.11
C TYR C 121 -21.97 -20.86 -30.97
N ALA C 122 -22.48 -22.04 -30.64
CA ALA C 122 -21.61 -23.18 -30.34
C ALA C 122 -20.99 -23.72 -31.63
N ASN C 123 -19.76 -24.22 -31.50
CA ASN C 123 -19.07 -24.87 -32.61
C ASN C 123 -19.63 -26.28 -32.77
N LYS C 124 -20.41 -26.49 -33.84
CA LYS C 124 -21.10 -27.77 -34.00
C LYS C 124 -20.13 -28.90 -34.37
N ASP C 125 -19.07 -28.59 -35.11
CA ASP C 125 -18.07 -29.61 -35.43
C ASP C 125 -17.48 -30.22 -34.16
N ALA C 126 -17.03 -29.36 -33.25
CA ALA C 126 -16.47 -29.85 -31.98
C ALA C 126 -17.52 -30.59 -31.18
N LEU C 127 -18.76 -30.11 -31.18
CA LEU C 127 -19.84 -30.74 -30.42
C LEU C 127 -20.11 -32.15 -30.96
N ASN C 128 -20.21 -32.30 -32.28
CA ASN C 128 -20.46 -33.62 -32.85
C ASN C 128 -19.29 -34.55 -32.60
N HIS C 129 -18.06 -34.02 -32.64
CA HIS C 129 -16.89 -34.86 -32.41
C HIS C 129 -16.88 -35.42 -31.00
N TYR C 130 -17.17 -34.57 -30.00
CA TYR C 130 -17.27 -35.06 -28.64
C TYR C 130 -18.36 -36.12 -28.51
N ARG C 131 -19.49 -35.93 -29.19
CA ARG C 131 -20.54 -36.93 -29.16
C ARG C 131 -20.05 -38.27 -29.69
N GLU C 132 -19.29 -38.24 -30.79
CA GLU C 132 -18.75 -39.48 -31.33
C GLU C 132 -17.78 -40.15 -30.36
N ILE C 133 -16.94 -39.36 -29.69
CA ILE C 133 -16.02 -39.92 -28.70
C ILE C 133 -16.79 -40.56 -27.55
N PHE C 134 -17.76 -39.84 -27.00
CA PHE C 134 -18.49 -40.34 -25.83
C PHE C 134 -19.38 -41.52 -26.19
N LYS C 135 -19.94 -41.54 -27.39
CA LYS C 135 -20.72 -42.70 -27.84
C LYS C 135 -19.84 -43.94 -27.89
N ASP C 136 -18.65 -43.83 -28.48
CA ASP C 136 -17.73 -44.96 -28.53
C ASP C 136 -17.34 -45.41 -27.13
N LEU C 137 -17.14 -44.45 -26.21
CA LEU C 137 -16.85 -44.78 -24.82
C LEU C 137 -17.95 -45.64 -24.22
N LYS C 138 -19.20 -45.19 -24.35
CA LYS C 138 -20.32 -45.92 -23.75
C LYS C 138 -20.51 -47.29 -24.38
N SER C 139 -20.20 -47.42 -25.67
CA SER C 139 -20.37 -48.71 -26.36
C SER C 139 -19.42 -49.78 -25.84
N ARG C 140 -18.39 -49.42 -25.09
CA ARG C 140 -17.52 -50.38 -24.45
C ARG C 140 -18.00 -50.77 -23.06
N GLY C 141 -19.19 -50.32 -22.67
CA GLY C 141 -19.67 -50.58 -21.33
C GLY C 141 -19.01 -49.78 -20.24
N LEU C 142 -18.45 -48.62 -20.58
CA LEU C 142 -17.79 -47.76 -19.60
C LEU C 142 -18.78 -46.78 -18.98
N TYR C 143 -18.87 -46.80 -17.65
CA TYR C 143 -19.57 -45.78 -16.89
C TYR C 143 -18.86 -44.43 -17.05
N PHE C 144 -19.63 -43.37 -17.25
CA PHE C 144 -19.09 -42.10 -17.75
C PHE C 144 -19.33 -40.98 -16.73
N ILE C 145 -18.24 -40.45 -16.19
CA ILE C 145 -18.27 -39.22 -15.39
C ILE C 145 -17.76 -38.09 -16.27
N LEU C 146 -18.63 -37.11 -16.53
CA LEU C 146 -18.27 -35.96 -17.35
C LEU C 146 -17.93 -34.77 -16.46
N ASN C 147 -16.72 -34.25 -16.63
CA ASN C 147 -16.24 -33.06 -15.91
C ASN C 147 -16.31 -31.86 -16.85
N MET C 148 -16.70 -30.71 -16.32
CA MET C 148 -16.88 -29.55 -17.18
C MET C 148 -15.61 -28.73 -17.38
N TYR C 149 -14.68 -28.76 -16.43
CA TYR C 149 -13.57 -27.81 -16.45
C TYR C 149 -12.32 -28.47 -15.88
N HIS C 150 -11.21 -28.39 -16.62
CA HIS C 150 -9.94 -28.96 -16.20
C HIS C 150 -8.78 -28.02 -16.53
N TRP C 151 -8.99 -26.70 -16.27
CA TRP C 151 -8.03 -25.61 -16.07
C TRP C 151 -7.98 -24.59 -17.22
N PRO C 152 -7.77 -24.97 -18.48
CA PRO C 152 -7.72 -23.95 -19.54
C PRO C 152 -9.08 -23.27 -19.72
N LEU C 153 -9.03 -21.95 -19.88
CA LEU C 153 -10.16 -21.08 -20.15
C LEU C 153 -10.08 -20.55 -21.58
N PRO C 154 -11.21 -20.25 -22.21
CA PRO C 154 -11.17 -19.58 -23.51
C PRO C 154 -10.39 -18.28 -23.43
N LEU C 155 -9.60 -18.01 -24.46
CA LEU C 155 -8.77 -16.81 -24.49
C LEU C 155 -9.61 -15.55 -24.33
N TRP C 156 -10.83 -15.54 -24.90
CA TRP C 156 -11.68 -14.35 -24.75
C TRP C 156 -12.10 -14.11 -23.31
N LEU C 157 -11.90 -15.09 -22.42
CA LEU C 157 -12.15 -14.88 -21.00
C LEU C 157 -10.88 -14.66 -20.18
N HIS C 158 -9.70 -14.99 -20.70
CA HIS C 158 -8.47 -14.82 -19.90
C HIS C 158 -7.28 -14.71 -20.84
N ASP C 159 -6.66 -13.52 -20.88
CA ASP C 159 -5.36 -13.34 -21.49
C ASP C 159 -4.34 -13.39 -20.37
N PRO C 160 -3.61 -14.50 -20.18
CA PRO C 160 -2.76 -14.63 -18.99
C PRO C 160 -1.46 -13.85 -19.09
N ILE C 161 -0.96 -13.56 -20.29
CA ILE C 161 0.26 -12.77 -20.42
C ILE C 161 0.02 -11.33 -19.97
N ARG C 162 -1.15 -10.80 -20.29
CA ARG C 162 -1.51 -9.44 -19.86
C ARG C 162 -1.56 -9.35 -18.34
N VAL C 163 -2.16 -10.34 -17.68
CA VAL C 163 -2.25 -10.33 -16.22
C VAL C 163 -0.87 -10.53 -15.62
N ARG C 164 -0.06 -11.42 -16.20
CA ARG C 164 1.31 -11.61 -15.71
C ARG C 164 2.07 -10.29 -15.67
N ARG C 165 1.87 -9.44 -16.67
CA ARG C 165 2.54 -8.16 -16.77
C ARG C 165 1.95 -7.10 -15.85
N GLY C 166 0.90 -7.43 -15.09
CA GLY C 166 0.29 -6.48 -14.18
C GLY C 166 -0.80 -5.61 -14.77
N ASP C 167 -1.29 -5.94 -15.96
CA ASP C 167 -2.38 -5.22 -16.61
C ASP C 167 -3.68 -5.98 -16.34
N PHE C 168 -4.61 -5.32 -15.63
CA PHE C 168 -5.87 -5.94 -15.25
C PHE C 168 -7.06 -5.31 -15.98
N THR C 169 -6.82 -4.70 -17.14
CA THR C 169 -7.88 -4.07 -17.92
C THR C 169 -8.44 -5.00 -19.00
N GLY C 170 -7.90 -6.22 -19.11
CA GLY C 170 -8.38 -7.17 -20.10
C GLY C 170 -9.13 -8.32 -19.46
N PRO C 171 -9.40 -9.36 -20.25
CA PRO C 171 -10.06 -10.56 -19.69
C PRO C 171 -9.16 -11.21 -18.65
N SER C 172 -9.67 -11.30 -17.42
CA SER C 172 -8.84 -11.63 -16.27
C SER C 172 -9.21 -12.97 -15.62
N GLY C 173 -9.85 -13.87 -16.37
CA GLY C 173 -10.07 -15.22 -15.86
C GLY C 173 -10.91 -15.23 -14.61
N TRP C 174 -10.49 -16.05 -13.64
CA TRP C 174 -11.26 -16.22 -12.41
C TRP C 174 -11.22 -14.99 -11.50
N LEU C 175 -10.53 -13.92 -11.88
CA LEU C 175 -10.63 -12.66 -11.14
C LEU C 175 -11.88 -11.88 -11.51
N SER C 176 -12.60 -12.29 -12.55
CA SER C 176 -13.77 -11.58 -13.05
C SER C 176 -15.02 -12.43 -12.87
N THR C 177 -16.09 -11.81 -12.37
CA THR C 177 -17.36 -12.50 -12.26
C THR C 177 -18.00 -12.79 -13.61
N ARG C 178 -17.54 -12.15 -14.69
CA ARG C 178 -18.00 -12.55 -16.02
C ARG C 178 -17.71 -14.03 -16.27
N THR C 179 -16.55 -14.50 -15.82
CA THR C 179 -16.20 -15.91 -15.98
C THR C 179 -17.14 -16.79 -15.18
N VAL C 180 -17.54 -16.36 -13.98
CA VAL C 180 -18.49 -17.12 -13.17
C VAL C 180 -19.81 -17.26 -13.92
N TYR C 181 -20.32 -16.13 -14.43
CA TYR C 181 -21.60 -16.14 -15.13
C TYR C 181 -21.56 -17.06 -16.35
N GLU C 182 -20.53 -16.92 -17.18
CA GLU C 182 -20.46 -17.73 -18.40
C GLU C 182 -20.22 -19.20 -18.11
N PHE C 183 -19.49 -19.52 -17.04
CA PHE C 183 -19.24 -20.93 -16.72
C PHE C 183 -20.53 -21.65 -16.34
N ALA C 184 -21.38 -20.99 -15.56
CA ALA C 184 -22.65 -21.61 -15.20
C ALA C 184 -23.49 -21.90 -16.44
N ARG C 185 -23.49 -20.99 -17.40
CA ARG C 185 -24.25 -21.21 -18.63
C ARG C 185 -23.58 -22.28 -19.51
N PHE C 186 -22.25 -22.30 -19.55
CA PHE C 186 -21.56 -23.39 -20.24
C PHE C 186 -21.93 -24.74 -19.67
N SER C 187 -21.88 -24.87 -18.34
CA SER C 187 -22.16 -26.15 -17.69
C SER C 187 -23.58 -26.61 -17.97
N ALA C 188 -24.55 -25.70 -17.86
CA ALA C 188 -25.94 -26.05 -18.16
C ALA C 188 -26.11 -26.47 -19.61
N TYR C 189 -25.44 -25.78 -20.53
CA TYR C 189 -25.55 -26.11 -21.95
C TYR C 189 -25.01 -27.50 -22.24
N ILE C 190 -23.87 -27.85 -21.66
CA ILE C 190 -23.26 -29.15 -21.94
C ILE C 190 -24.14 -30.29 -21.41
N ALA C 191 -24.65 -30.16 -20.18
CA ALA C 191 -25.57 -31.16 -19.66
C ALA C 191 -26.82 -31.27 -20.52
N TRP C 192 -27.34 -30.14 -20.98
CA TRP C 192 -28.48 -30.13 -21.89
C TRP C 192 -28.20 -30.96 -23.13
N LYS C 193 -26.97 -30.89 -23.65
CA LYS C 193 -26.61 -31.55 -24.90
C LYS C 193 -26.21 -33.01 -24.72
N PHE C 194 -25.65 -33.37 -23.56
CA PHE C 194 -25.00 -34.67 -23.40
C PHE C 194 -25.62 -35.55 -22.32
N ASP C 195 -26.73 -35.13 -21.71
CA ASP C 195 -27.28 -35.87 -20.57
C ASP C 195 -27.58 -37.33 -20.90
N ASP C 196 -27.97 -37.61 -22.15
CA ASP C 196 -28.29 -38.98 -22.52
C ASP C 196 -27.07 -39.90 -22.44
N LEU C 197 -25.86 -39.35 -22.54
CA LEU C 197 -24.64 -40.15 -22.48
C LEU C 197 -23.97 -40.15 -21.12
N VAL C 198 -24.25 -39.16 -20.28
CA VAL C 198 -23.55 -38.97 -19.02
C VAL C 198 -24.22 -39.79 -17.93
N ASP C 199 -23.41 -40.35 -17.03
CA ASP C 199 -23.92 -41.03 -15.84
C ASP C 199 -23.86 -40.14 -14.61
N GLU C 200 -22.72 -39.47 -14.38
CA GLU C 200 -22.60 -38.51 -13.28
C GLU C 200 -21.75 -37.35 -13.76
N TYR C 201 -21.96 -36.19 -13.14
CA TYR C 201 -21.29 -34.95 -13.51
C TYR C 201 -20.31 -34.49 -12.45
N SER C 202 -19.26 -33.81 -12.89
CA SER C 202 -18.39 -33.01 -12.05
C SER C 202 -18.29 -31.61 -12.65
N THR C 203 -18.32 -30.59 -11.79
CA THR C 203 -18.24 -29.23 -12.30
C THR C 203 -16.83 -28.86 -12.71
N MET C 204 -15.84 -29.20 -11.89
CA MET C 204 -14.48 -28.75 -12.14
C MET C 204 -13.48 -29.69 -11.47
N ASN C 205 -12.24 -29.58 -11.93
CA ASN C 205 -11.12 -30.38 -11.44
C ASN C 205 -10.16 -29.49 -10.67
N GLU C 206 -9.95 -29.82 -9.40
CA GLU C 206 -8.91 -29.21 -8.58
C GLU C 206 -8.88 -27.68 -8.62
N PRO C 207 -9.97 -27.01 -8.24
CA PRO C 207 -9.93 -25.54 -8.24
C PRO C 207 -8.92 -24.96 -7.26
N ASN C 208 -8.57 -25.69 -6.20
CA ASN C 208 -7.58 -25.19 -5.26
C ASN C 208 -6.19 -25.08 -5.91
N VAL C 209 -5.88 -25.95 -6.87
CA VAL C 209 -4.59 -25.87 -7.55
C VAL C 209 -4.58 -24.69 -8.53
N VAL C 210 -5.70 -24.44 -9.20
CA VAL C 210 -5.79 -23.33 -10.15
C VAL C 210 -5.48 -22.02 -9.45
N GLY C 211 -6.13 -21.77 -8.31
CA GLY C 211 -5.93 -20.54 -7.57
C GLY C 211 -4.61 -20.48 -6.83
N GLY C 212 -4.17 -21.63 -6.31
CA GLY C 212 -2.96 -21.64 -5.49
C GLY C 212 -1.69 -21.47 -6.30
N LEU C 213 -1.55 -22.27 -7.37
CA LEU C 213 -0.35 -22.17 -8.19
C LEU C 213 -0.41 -20.96 -9.13
N GLY C 214 -1.61 -20.54 -9.53
CA GLY C 214 -1.75 -19.40 -10.41
C GLY C 214 -1.32 -18.09 -9.80
N TYR C 215 -1.51 -17.92 -8.49
CA TYR C 215 -1.31 -16.63 -7.86
C TYR C 215 -0.40 -16.64 -6.63
N VAL C 216 0.08 -17.80 -6.19
CA VAL C 216 1.00 -17.87 -5.06
C VAL C 216 2.24 -18.67 -5.44
N GLY C 217 2.06 -19.94 -5.80
CA GLY C 217 3.17 -20.78 -6.19
C GLY C 217 3.63 -20.53 -7.62
N VAL C 218 4.11 -19.31 -7.90
CA VAL C 218 4.36 -18.89 -9.27
C VAL C 218 5.58 -19.51 -9.90
N LYS C 219 6.47 -20.14 -9.12
CA LYS C 219 7.57 -20.88 -9.75
C LYS C 219 7.09 -22.13 -10.47
N SER C 220 5.86 -22.57 -10.20
CA SER C 220 5.30 -23.73 -10.88
C SER C 220 5.04 -23.47 -12.36
N GLY C 221 5.00 -22.21 -12.79
CA GLY C 221 4.76 -21.91 -14.18
C GLY C 221 3.32 -22.10 -14.64
N PHE C 222 2.34 -21.90 -13.73
CA PHE C 222 0.91 -21.94 -14.03
C PHE C 222 0.39 -20.52 -14.30
N PRO C 223 -0.54 -20.35 -15.24
CA PRO C 223 -1.07 -19.02 -15.56
C PRO C 223 -2.02 -18.49 -14.49
N PRO C 224 -2.07 -17.17 -14.29
CA PRO C 224 -1.29 -16.15 -15.01
C PRO C 224 0.05 -15.85 -14.36
N GLY C 225 0.36 -16.52 -13.27
CA GLY C 225 1.64 -16.33 -12.61
C GLY C 225 1.85 -14.96 -12.00
N TYR C 226 0.81 -14.36 -11.45
CA TYR C 226 0.89 -13.06 -10.81
C TYR C 226 0.84 -13.28 -9.31
N LEU C 227 1.95 -12.97 -8.63
CA LEU C 227 2.09 -13.28 -7.21
C LEU C 227 1.27 -12.29 -6.39
N SER C 228 0.22 -12.81 -5.73
CA SER C 228 -0.66 -11.99 -4.90
C SER C 228 -1.54 -12.82 -3.99
N PHE C 229 -1.33 -12.72 -2.67
CA PHE C 229 -2.25 -13.34 -1.72
C PHE C 229 -3.68 -12.91 -1.98
N GLU C 230 -3.89 -11.61 -2.17
CA GLU C 230 -5.23 -11.06 -2.27
C GLU C 230 -5.96 -11.58 -3.51
N LEU C 231 -5.29 -11.55 -4.66
CA LEU C 231 -5.95 -12.03 -5.87
C LEU C 231 -6.14 -13.54 -5.85
N SER C 232 -5.28 -14.26 -5.14
CA SER C 232 -5.51 -15.69 -4.95
C SER C 232 -6.82 -15.93 -4.22
N ARG C 233 -7.10 -15.15 -3.18
CA ARG C 233 -8.34 -15.28 -2.44
C ARG C 233 -9.54 -14.94 -3.33
N ARG C 234 -9.42 -13.88 -4.15
CA ARG C 234 -10.53 -13.50 -5.01
C ARG C 234 -10.82 -14.59 -6.04
N ALA C 235 -9.77 -15.18 -6.62
CA ALA C 235 -9.97 -16.27 -7.57
C ALA C 235 -10.72 -17.44 -6.93
N MET C 236 -10.31 -17.82 -5.71
CA MET C 236 -10.99 -18.92 -5.03
C MET C 236 -12.43 -18.55 -4.67
N TYR C 237 -12.66 -17.29 -4.29
CA TYR C 237 -14.03 -16.84 -4.02
C TYR C 237 -14.91 -17.00 -5.25
N ASN C 238 -14.43 -16.52 -6.40
CA ASN C 238 -15.22 -16.60 -7.62
C ASN C 238 -15.38 -18.03 -8.10
N ILE C 239 -14.36 -18.86 -7.94
CA ILE C 239 -14.47 -20.23 -8.41
C ILE C 239 -15.44 -21.03 -7.54
N ILE C 240 -15.59 -20.66 -6.26
CA ILE C 240 -16.57 -21.31 -5.41
C ILE C 240 -17.99 -21.00 -5.88
N GLN C 241 -18.29 -19.73 -6.13
CA GLN C 241 -19.62 -19.39 -6.65
C GLN C 241 -19.84 -20.03 -8.01
N ALA C 242 -18.79 -20.12 -8.83
CA ALA C 242 -18.93 -20.73 -10.14
C ALA C 242 -19.36 -22.19 -10.01
N HIS C 243 -18.85 -22.90 -8.99
CA HIS C 243 -19.31 -24.26 -8.77
C HIS C 243 -20.78 -24.30 -8.41
N ALA C 244 -21.20 -23.46 -7.46
CA ALA C 244 -22.59 -23.47 -7.03
C ALA C 244 -23.54 -23.11 -8.17
N ARG C 245 -23.18 -22.11 -8.97
CA ARG C 245 -24.05 -21.74 -10.09
C ARG C 245 -24.05 -22.79 -11.19
N ALA C 246 -22.92 -23.48 -11.38
CA ALA C 246 -22.88 -24.58 -12.35
C ALA C 246 -23.72 -25.77 -11.86
N TYR C 247 -23.68 -26.05 -10.56
CA TYR C 247 -24.53 -27.09 -9.99
C TYR C 247 -26.00 -26.82 -10.26
N ASP C 248 -26.45 -25.60 -9.93
CA ASP C 248 -27.85 -25.23 -10.17
C ASP C 248 -28.16 -25.28 -11.67
N GLY C 249 -27.21 -24.86 -12.50
CA GLY C 249 -27.44 -24.89 -13.93
C GLY C 249 -27.65 -26.29 -14.47
N ILE C 250 -26.83 -27.24 -14.02
CA ILE C 250 -26.97 -28.63 -14.47
C ILE C 250 -28.28 -29.23 -13.95
N LYS C 251 -28.62 -28.96 -12.69
CA LYS C 251 -29.84 -29.51 -12.11
C LYS C 251 -31.10 -28.96 -12.78
N SER C 252 -31.00 -27.83 -13.48
CA SER C 252 -32.15 -27.31 -14.20
C SER C 252 -32.45 -28.07 -15.48
N VAL C 253 -31.53 -28.92 -15.94
CA VAL C 253 -31.73 -29.74 -17.13
C VAL C 253 -31.50 -31.22 -16.88
N SER C 254 -31.06 -31.61 -15.69
CA SER C 254 -30.71 -33.00 -15.42
C SER C 254 -31.04 -33.35 -13.98
N LYS C 255 -31.32 -34.63 -13.75
CA LYS C 255 -31.55 -35.16 -12.41
C LYS C 255 -30.39 -36.00 -11.90
N LYS C 256 -29.29 -36.05 -12.65
CA LYS C 256 -28.19 -36.94 -12.34
C LYS C 256 -27.24 -36.30 -11.31
N PRO C 257 -26.45 -37.12 -10.62
CA PRO C 257 -25.61 -36.58 -9.54
C PRO C 257 -24.56 -35.61 -10.06
N VAL C 258 -24.30 -34.57 -9.27
CA VAL C 258 -23.31 -33.54 -9.59
C VAL C 258 -22.36 -33.42 -8.42
N GLY C 259 -21.06 -33.61 -8.68
CA GLY C 259 -20.05 -33.49 -7.66
C GLY C 259 -18.94 -32.52 -8.04
N ILE C 260 -17.79 -32.65 -7.40
CA ILE C 260 -16.62 -31.81 -7.69
C ILE C 260 -15.38 -32.65 -7.39
N ILE C 261 -14.28 -32.29 -8.05
CA ILE C 261 -13.01 -33.01 -7.95
C ILE C 261 -11.97 -32.06 -7.37
N TYR C 262 -11.25 -32.52 -6.34
CA TYR C 262 -10.44 -31.66 -5.50
C TYR C 262 -9.10 -32.34 -5.19
N ALA C 263 -8.02 -31.56 -5.20
CA ALA C 263 -6.69 -32.09 -4.91
C ALA C 263 -6.47 -32.15 -3.41
N ASN C 264 -5.98 -33.29 -2.92
CA ASN C 264 -5.81 -33.55 -1.50
C ASN C 264 -4.41 -34.03 -1.18
N SER C 265 -3.97 -33.71 0.03
CA SER C 265 -2.84 -34.36 0.67
C SER C 265 -3.29 -34.93 2.01
N SER C 266 -2.58 -35.94 2.46
CA SER C 266 -2.75 -36.46 3.81
C SER C 266 -1.81 -35.68 4.73
N PHE C 267 -2.36 -34.87 5.62
CA PHE C 267 -1.55 -34.07 6.51
C PHE C 267 -1.14 -34.91 7.72
N GLN C 268 0.17 -35.05 7.92
CA GLN C 268 0.75 -35.94 8.90
C GLN C 268 1.62 -35.18 9.90
N PRO C 269 1.61 -35.57 11.17
CA PRO C 269 2.39 -34.85 12.17
C PRO C 269 3.85 -35.31 12.19
N LEU C 270 4.75 -34.34 12.28
CA LEU C 270 6.17 -34.67 12.39
C LEU C 270 6.45 -35.46 13.67
N THR C 271 5.94 -34.97 14.79
CA THR C 271 6.03 -35.67 16.08
C THR C 271 4.63 -35.81 16.64
N ASP C 272 4.52 -36.57 17.74
CA ASP C 272 3.24 -36.76 18.39
C ASP C 272 2.70 -35.50 19.06
N LYS C 273 3.50 -34.43 19.09
CA LYS C 273 3.06 -33.16 19.63
C LYS C 273 2.49 -32.23 18.57
N ASP C 274 2.32 -32.72 17.34
CA ASP C 274 1.92 -31.89 16.21
C ASP C 274 0.52 -32.21 15.68
N MET C 275 -0.31 -32.91 16.47
CA MET C 275 -1.62 -33.28 15.97
C MET C 275 -2.52 -32.06 15.78
N GLU C 276 -2.31 -30.99 16.54
CA GLU C 276 -3.12 -29.79 16.35
C GLU C 276 -2.72 -29.06 15.08
N ALA C 277 -1.45 -29.17 14.67
CA ALA C 277 -1.04 -28.62 13.39
C ALA C 277 -1.74 -29.32 12.22
N VAL C 278 -1.94 -30.64 12.34
CA VAL C 278 -2.66 -31.39 11.31
C VAL C 278 -4.08 -30.85 11.15
N GLU C 279 -4.78 -30.67 12.27
CA GLU C 279 -6.15 -30.17 12.20
C GLU C 279 -6.21 -28.76 11.62
N MET C 280 -5.22 -27.92 11.95
CA MET C 280 -5.17 -26.59 11.35
C MET C 280 -4.95 -26.68 9.84
N ALA C 281 -4.02 -27.54 9.41
CA ALA C 281 -3.75 -27.66 7.98
C ALA C 281 -4.97 -28.20 7.23
N GLU C 282 -5.69 -29.14 7.83
CA GLU C 282 -6.89 -29.67 7.19
C GLU C 282 -7.97 -28.59 7.08
N ASN C 283 -8.11 -27.76 8.10
CA ASN C 283 -9.04 -26.64 8.04
C ASN C 283 -8.69 -25.71 6.88
N ASP C 284 -7.42 -25.30 6.80
CA ASP C 284 -7.01 -24.27 5.86
C ASP C 284 -6.91 -24.75 4.42
N ASN C 285 -6.76 -26.06 4.20
CA ASN C 285 -6.57 -26.59 2.85
C ASN C 285 -7.72 -27.46 2.36
N ARG C 286 -8.67 -27.83 3.23
CA ARG C 286 -9.70 -28.79 2.84
C ARG C 286 -11.08 -28.39 3.34
N TRP C 287 -11.24 -28.30 4.67
CA TRP C 287 -12.58 -28.17 5.23
C TRP C 287 -13.21 -26.81 4.93
N TRP C 288 -12.41 -25.73 4.86
CA TRP C 288 -12.98 -24.43 4.56
C TRP C 288 -13.70 -24.44 3.22
N PHE C 289 -13.14 -25.16 2.24
CA PHE C 289 -13.72 -25.17 0.90
C PHE C 289 -15.01 -25.97 0.87
N PHE C 290 -14.99 -27.18 1.46
CA PHE C 290 -16.16 -28.06 1.37
C PHE C 290 -17.26 -27.66 2.34
N ASP C 291 -16.92 -27.07 3.50
CA ASP C 291 -17.96 -26.50 4.35
C ASP C 291 -18.73 -25.42 3.62
N ALA C 292 -18.07 -24.69 2.73
CA ALA C 292 -18.75 -23.64 1.97
C ALA C 292 -19.76 -24.22 0.99
N ILE C 293 -19.36 -25.20 0.18
CA ILE C 293 -20.25 -25.69 -0.87
C ILE C 293 -21.19 -26.79 -0.41
N ILE C 294 -20.98 -27.36 0.77
CA ILE C 294 -21.91 -28.34 1.34
C ILE C 294 -22.83 -27.71 2.38
N ARG C 295 -22.26 -26.97 3.33
CA ARG C 295 -23.01 -26.40 4.43
C ARG C 295 -23.30 -24.91 4.24
N GLY C 296 -22.80 -24.29 3.18
CA GLY C 296 -23.05 -22.88 2.97
C GLY C 296 -22.23 -21.97 3.86
N GLU C 297 -21.29 -22.51 4.63
CA GLU C 297 -20.58 -21.77 5.65
C GLU C 297 -19.34 -21.08 5.11
N ILE C 298 -19.28 -19.77 5.31
CA ILE C 298 -18.15 -18.92 4.98
C ILE C 298 -17.95 -18.05 6.22
N THR C 299 -16.73 -17.56 6.42
CA THR C 299 -16.42 -16.78 7.61
C THR C 299 -16.26 -15.31 7.24
N ARG C 300 -16.98 -14.45 7.96
CA ARG C 300 -16.96 -13.01 7.72
C ARG C 300 -16.85 -12.28 9.06
N GLY C 301 -15.66 -11.75 9.35
CA GLY C 301 -15.43 -10.97 10.54
C GLY C 301 -15.51 -11.74 11.84
N ASN C 302 -14.86 -12.90 11.88
CA ASN C 302 -14.81 -13.78 13.05
C ASN C 302 -16.18 -14.33 13.41
N GLU C 303 -17.06 -14.47 12.43
CA GLU C 303 -18.37 -15.08 12.63
C GLU C 303 -18.67 -16.03 11.47
N LYS C 304 -19.46 -17.06 11.75
CA LYS C 304 -19.78 -18.09 10.76
C LYS C 304 -21.10 -17.74 10.08
N ILE C 305 -21.01 -16.94 9.02
CA ILE C 305 -22.17 -16.56 8.22
C ILE C 305 -22.46 -17.66 7.20
N VAL C 306 -23.71 -17.77 6.79
CA VAL C 306 -24.21 -18.92 6.03
C VAL C 306 -24.94 -18.42 4.79
N ARG C 307 -24.37 -18.67 3.61
CA ARG C 307 -25.00 -18.25 2.34
C ARG C 307 -25.93 -19.38 1.88
N ASP C 308 -27.21 -19.05 1.73
CA ASP C 308 -28.20 -20.03 1.31
C ASP C 308 -27.98 -20.48 -0.13
N ASP C 309 -27.42 -19.62 -0.98
CA ASP C 309 -27.20 -19.96 -2.38
C ASP C 309 -26.02 -20.91 -2.59
N LEU C 310 -25.23 -21.18 -1.53
CA LEU C 310 -24.13 -22.13 -1.61
C LEU C 310 -24.46 -23.46 -0.94
N LYS C 311 -25.39 -23.46 0.00
CA LYS C 311 -25.66 -24.66 0.79
C LYS C 311 -26.23 -25.79 -0.06
N GLY C 312 -25.75 -27.00 0.21
CA GLY C 312 -26.30 -28.20 -0.41
C GLY C 312 -25.97 -28.39 -1.87
N ARG C 313 -24.95 -27.72 -2.37
CA ARG C 313 -24.58 -27.83 -3.79
C ARG C 313 -23.52 -28.89 -4.03
N LEU C 314 -23.77 -30.12 -3.59
CA LEU C 314 -22.84 -31.22 -3.83
C LEU C 314 -23.52 -32.55 -3.57
N ASP C 315 -23.39 -33.48 -4.51
CA ASP C 315 -23.94 -34.83 -4.35
C ASP C 315 -22.87 -35.87 -4.07
N TRP C 316 -21.63 -35.65 -4.51
CA TRP C 316 -20.55 -36.61 -4.28
C TRP C 316 -19.23 -35.87 -4.34
N ILE C 317 -18.18 -36.53 -3.84
CA ILE C 317 -16.86 -35.89 -3.70
C ILE C 317 -15.83 -36.70 -4.49
N GLY C 318 -15.14 -36.03 -5.40
CA GLY C 318 -14.04 -36.64 -6.11
C GLY C 318 -12.73 -36.47 -5.37
N VAL C 319 -12.15 -37.57 -4.89
CA VAL C 319 -10.95 -37.52 -4.06
C VAL C 319 -9.75 -37.77 -4.96
N ASN C 320 -8.96 -36.71 -5.19
CA ASN C 320 -7.65 -36.84 -5.82
C ASN C 320 -6.59 -36.96 -4.74
N TYR C 321 -5.61 -37.85 -4.95
CA TYR C 321 -4.57 -38.08 -3.95
C TYR C 321 -3.33 -38.64 -4.62
N TYR C 322 -2.16 -38.17 -4.19
CA TYR C 322 -0.92 -38.85 -4.57
C TYR C 322 0.15 -38.92 -3.48
N THR C 323 0.16 -38.04 -2.48
CA THR C 323 1.17 -38.13 -1.42
C THR C 323 0.70 -37.34 -0.19
N ARG C 324 1.54 -37.37 0.85
CA ARG C 324 1.27 -36.72 2.12
C ARG C 324 1.92 -35.34 2.19
N THR C 325 1.60 -34.62 3.27
CA THR C 325 2.30 -33.40 3.64
C THR C 325 2.56 -33.45 5.14
N VAL C 326 3.83 -33.30 5.53
CA VAL C 326 4.23 -33.38 6.94
C VAL C 326 4.29 -31.97 7.50
N VAL C 327 3.64 -31.77 8.65
CA VAL C 327 3.54 -30.46 9.27
C VAL C 327 3.99 -30.52 10.72
N LYS C 328 4.37 -29.37 11.25
CA LYS C 328 4.71 -29.22 12.66
C LYS C 328 4.13 -27.91 13.16
N ARG C 329 3.92 -27.83 14.47
CA ARG C 329 3.36 -26.63 15.07
C ARG C 329 4.44 -25.59 15.33
N THR C 330 4.16 -24.35 14.98
CA THR C 330 4.95 -23.20 15.36
C THR C 330 4.19 -22.40 16.40
N GLU C 331 4.78 -21.29 16.83
CA GLU C 331 4.02 -20.38 17.69
C GLU C 331 3.03 -19.57 16.87
N LYS C 332 3.39 -19.21 15.64
CA LYS C 332 2.48 -18.48 14.77
C LYS C 332 1.35 -19.36 14.24
N GLY C 333 1.57 -20.67 14.15
CA GLY C 333 0.56 -21.58 13.64
C GLY C 333 1.07 -22.95 13.28
N TYR C 334 1.35 -23.18 12.00
CA TYR C 334 1.92 -24.44 11.54
C TYR C 334 2.73 -24.17 10.28
N VAL C 335 3.62 -25.10 9.96
CA VAL C 335 4.39 -25.04 8.73
C VAL C 335 4.59 -26.45 8.18
N SER C 336 4.68 -26.56 6.86
CA SER C 336 4.96 -27.83 6.21
C SER C 336 6.45 -27.95 5.94
N LEU C 337 6.93 -29.19 5.93
CA LEU C 337 8.36 -29.48 5.92
C LEU C 337 8.81 -30.01 4.57
N GLY C 338 9.94 -29.50 4.09
CA GLY C 338 10.60 -30.06 2.93
C GLY C 338 11.24 -31.40 3.23
N GLY C 339 11.53 -32.15 2.17
CA GLY C 339 12.06 -33.48 2.32
C GLY C 339 11.02 -34.55 2.58
N TYR C 340 9.74 -34.19 2.57
CA TYR C 340 8.64 -35.15 2.66
C TYR C 340 7.61 -34.80 1.60
N GLY C 341 6.77 -35.78 1.27
CA GLY C 341 5.57 -35.53 0.47
C GLY C 341 5.87 -34.93 -0.89
N HIS C 342 5.33 -33.74 -1.14
CA HIS C 342 5.47 -33.06 -2.43
C HIS C 342 6.87 -32.54 -2.67
N GLY C 343 7.65 -32.31 -1.62
CA GLY C 343 8.88 -31.55 -1.75
C GLY C 343 10.15 -32.35 -1.55
N CYS C 344 10.27 -33.47 -2.25
CA CYS C 344 11.46 -34.30 -2.21
C CYS C 344 12.29 -34.12 -3.47
N GLU C 345 13.53 -34.62 -3.41
CA GLU C 345 14.33 -34.74 -4.61
C GLU C 345 13.72 -35.78 -5.54
N ARG C 346 13.92 -35.59 -6.84
CA ARG C 346 13.43 -36.55 -7.83
C ARG C 346 14.29 -37.80 -7.82
N ASN C 347 13.64 -38.95 -7.95
CA ASN C 347 14.31 -40.24 -8.06
C ASN C 347 15.31 -40.43 -6.93
N SER C 348 14.79 -40.39 -5.72
CA SER C 348 15.63 -40.42 -4.53
C SER C 348 14.87 -41.06 -3.37
N VAL C 349 15.22 -40.67 -2.16
CA VAL C 349 14.56 -41.14 -0.95
C VAL C 349 14.19 -39.92 -0.11
N SER C 350 13.09 -40.02 0.62
CA SER C 350 12.68 -38.95 1.52
C SER C 350 13.46 -39.02 2.83
N LEU C 351 13.28 -38.01 3.67
CA LEU C 351 13.90 -38.00 4.98
C LEU C 351 13.37 -39.11 5.88
N ALA C 352 12.24 -39.72 5.52
CA ALA C 352 11.69 -40.87 6.23
C ALA C 352 12.10 -42.21 5.64
N GLY C 353 12.99 -42.22 4.64
CA GLY C 353 13.45 -43.46 4.06
C GLY C 353 12.55 -44.05 2.99
N LEU C 354 11.57 -43.26 2.45
CA LEU C 354 10.62 -43.76 1.46
C LEU C 354 10.99 -43.28 0.04
N PRO C 355 10.79 -44.11 -0.97
CA PRO C 355 11.23 -43.74 -2.32
C PRO C 355 10.37 -42.63 -2.92
N THR C 356 10.99 -41.84 -3.80
CA THR C 356 10.34 -40.71 -4.45
C THR C 356 10.29 -40.96 -5.96
N SER C 357 9.31 -40.33 -6.61
CA SER C 357 9.01 -40.56 -8.01
C SER C 357 9.87 -39.67 -8.91
N ASP C 358 9.63 -39.77 -10.23
CA ASP C 358 10.27 -38.86 -11.19
C ASP C 358 9.92 -37.41 -10.92
N PHE C 359 8.82 -37.15 -10.21
CA PHE C 359 8.37 -35.81 -9.88
C PHE C 359 8.84 -35.37 -8.49
N GLY C 360 9.48 -36.26 -7.73
CA GLY C 360 9.88 -35.95 -6.38
C GLY C 360 8.79 -36.12 -5.34
N TRP C 361 7.83 -37.00 -5.57
CA TRP C 361 6.70 -37.20 -4.68
C TRP C 361 6.87 -38.50 -3.90
N GLU C 362 6.57 -38.44 -2.59
CA GLU C 362 6.89 -39.52 -1.68
C GLU C 362 5.83 -40.62 -1.71
N PHE C 363 6.29 -41.86 -1.64
CA PHE C 363 5.43 -43.05 -1.60
C PHE C 363 4.75 -43.12 -0.23
N PHE C 364 3.42 -42.95 -0.18
CA PHE C 364 2.70 -42.94 1.09
C PHE C 364 1.24 -43.35 0.87
N PRO C 365 0.99 -44.63 0.61
CA PRO C 365 -0.40 -45.06 0.34
C PRO C 365 -1.33 -44.96 1.55
N GLU C 366 -0.82 -45.07 2.78
CA GLU C 366 -1.64 -44.87 3.97
C GLU C 366 -2.42 -43.55 3.93
N GLY C 367 -1.87 -42.53 3.30
CA GLY C 367 -2.54 -41.25 3.24
C GLY C 367 -3.89 -41.29 2.56
N LEU C 368 -4.07 -42.22 1.61
CA LEU C 368 -5.34 -42.32 0.90
C LEU C 368 -6.45 -42.82 1.83
N TYR C 369 -6.13 -43.77 2.71
CA TYR C 369 -7.09 -44.20 3.72
C TYR C 369 -7.46 -43.04 4.64
N ASP C 370 -6.46 -42.27 5.07
CA ASP C 370 -6.71 -41.13 5.95
C ASP C 370 -7.67 -40.14 5.33
N VAL C 371 -7.45 -39.80 4.05
CA VAL C 371 -8.26 -38.78 3.41
C VAL C 371 -9.69 -39.29 3.16
N LEU C 372 -9.82 -40.55 2.73
CA LEU C 372 -11.15 -41.08 2.42
C LEU C 372 -12.02 -41.15 3.67
N THR C 373 -11.49 -41.70 4.76
CA THR C 373 -12.27 -41.85 5.98
C THR C 373 -12.62 -40.50 6.59
N LYS C 374 -11.70 -39.53 6.51
CA LYS C 374 -11.98 -38.22 7.09
C LYS C 374 -13.06 -37.47 6.32
N TYR C 375 -13.04 -37.55 4.98
CA TYR C 375 -14.14 -36.99 4.21
C TYR C 375 -15.46 -37.65 4.59
N TRP C 376 -15.44 -38.97 4.75
CA TRP C 376 -16.67 -39.72 5.04
C TRP C 376 -17.24 -39.34 6.40
N ASN C 377 -16.39 -39.29 7.42
CA ASN C 377 -16.87 -39.01 8.77
C ASN C 377 -17.42 -37.60 8.90
N ARG C 378 -16.95 -36.66 8.09
CA ARG C 378 -17.39 -35.28 8.23
C ARG C 378 -18.69 -35.01 7.46
N TYR C 379 -18.81 -35.53 6.24
CA TYR C 379 -19.93 -35.19 5.38
C TYR C 379 -20.84 -36.36 5.02
N HIS C 380 -20.35 -37.60 5.06
CA HIS C 380 -21.13 -38.79 4.69
C HIS C 380 -21.72 -38.67 3.29
N LEU C 381 -20.93 -38.10 2.37
CA LEU C 381 -21.23 -38.15 0.94
C LEU C 381 -20.36 -39.20 0.29
N TYR C 382 -20.94 -39.94 -0.67
CA TYR C 382 -20.17 -41.00 -1.30
C TYR C 382 -19.08 -40.39 -2.20
N MET C 383 -18.06 -41.19 -2.48
CA MET C 383 -16.84 -40.71 -3.10
C MET C 383 -16.41 -41.62 -4.24
N TYR C 384 -15.68 -41.02 -5.18
CA TYR C 384 -14.84 -41.73 -6.15
C TYR C 384 -13.41 -41.29 -5.94
N VAL C 385 -12.46 -42.21 -6.04
CA VAL C 385 -11.06 -41.84 -6.13
C VAL C 385 -10.82 -41.43 -7.59
N THR C 386 -10.83 -40.13 -7.85
CA THR C 386 -10.77 -39.62 -9.21
C THR C 386 -9.35 -39.37 -9.72
N TYR C 387 -8.33 -39.52 -8.87
CA TYR C 387 -6.94 -39.37 -9.29
C TYR C 387 -6.05 -40.15 -8.34
N ASN C 388 -5.22 -41.02 -8.89
CA ASN C 388 -4.14 -41.66 -8.14
C ASN C 388 -3.16 -42.23 -9.15
N GLY C 389 -1.91 -41.78 -9.08
CA GLY C 389 -0.92 -42.19 -10.06
C GLY C 389 0.45 -41.66 -9.68
N ILE C 390 1.43 -41.98 -10.53
CA ILE C 390 2.83 -41.68 -10.23
C ILE C 390 3.57 -41.42 -11.54
N ALA C 391 4.48 -40.46 -11.52
CA ALA C 391 5.35 -40.20 -12.66
C ALA C 391 6.50 -41.20 -12.63
N ASP C 392 6.53 -42.10 -13.60
CA ASP C 392 7.42 -43.25 -13.55
C ASP C 392 7.56 -43.85 -14.95
N ASP C 393 8.49 -43.30 -15.74
CA ASP C 393 8.67 -43.78 -17.11
C ASP C 393 9.16 -45.22 -17.13
N ALA C 394 10.07 -45.59 -16.21
CA ALA C 394 10.66 -46.92 -16.22
C ALA C 394 9.72 -48.00 -15.70
N ASP C 395 8.66 -47.62 -14.98
CA ASP C 395 7.69 -48.53 -14.36
C ASP C 395 8.30 -49.31 -13.19
N TYR C 396 9.33 -48.76 -12.56
CA TYR C 396 9.94 -49.44 -11.41
C TYR C 396 9.00 -49.45 -10.21
N GLN C 397 8.32 -48.34 -9.94
CA GLN C 397 7.54 -48.20 -8.72
C GLN C 397 6.04 -48.37 -8.92
N ARG C 398 5.52 -48.06 -10.11
CA ARG C 398 4.08 -48.08 -10.33
C ARG C 398 3.39 -49.39 -9.98
N PRO C 399 3.97 -50.58 -10.21
CA PRO C 399 3.27 -51.80 -9.75
C PRO C 399 3.00 -51.81 -8.25
N TYR C 400 3.98 -51.40 -7.44
CA TYR C 400 3.76 -51.28 -6.00
C TYR C 400 2.79 -50.15 -5.69
N TYR C 401 2.94 -49.02 -6.35
CA TYR C 401 2.08 -47.87 -6.12
C TYR C 401 0.62 -48.23 -6.39
N LEU C 402 0.36 -48.92 -7.51
CA LEU C 402 -1.01 -49.28 -7.88
C LEU C 402 -1.63 -50.19 -6.83
N VAL C 403 -0.98 -51.30 -6.52
CA VAL C 403 -1.60 -52.29 -5.64
C VAL C 403 -1.76 -51.75 -4.23
N SER C 404 -0.75 -51.01 -3.74
CA SER C 404 -0.80 -50.50 -2.38
C SER C 404 -1.98 -49.54 -2.18
N HIS C 405 -2.19 -48.63 -3.13
CA HIS C 405 -3.26 -47.65 -2.98
C HIS C 405 -4.62 -48.29 -3.16
N VAL C 406 -4.74 -49.26 -4.08
CA VAL C 406 -6.00 -49.98 -4.23
C VAL C 406 -6.36 -50.72 -2.94
N TYR C 407 -5.35 -51.30 -2.28
CA TYR C 407 -5.59 -51.95 -1.00
C TYR C 407 -6.13 -50.98 0.04
N GLN C 408 -5.59 -49.75 0.06
CA GLN C 408 -6.06 -48.76 1.03
C GLN C 408 -7.51 -48.34 0.74
N VAL C 409 -7.92 -48.35 -0.52
CA VAL C 409 -9.34 -48.10 -0.82
C VAL C 409 -10.20 -49.22 -0.24
N HIS C 410 -9.76 -50.47 -0.42
CA HIS C 410 -10.46 -51.61 0.19
C HIS C 410 -10.56 -51.45 1.70
N ARG C 411 -9.48 -50.97 2.33
CA ARG C 411 -9.51 -50.73 3.77
C ARG C 411 -10.55 -49.68 4.14
N ALA C 412 -10.63 -48.59 3.38
CA ALA C 412 -11.59 -47.54 3.67
C ALA C 412 -13.02 -48.04 3.57
N ILE C 413 -13.31 -48.87 2.55
CA ILE C 413 -14.65 -49.43 2.41
C ILE C 413 -14.99 -50.31 3.61
N ASN C 414 -14.04 -51.13 4.06
CA ASN C 414 -14.27 -51.98 5.22
C ASN C 414 -14.55 -51.15 6.47
N SER C 415 -14.01 -49.94 6.56
CA SER C 415 -14.32 -49.06 7.68
C SER C 415 -15.69 -48.43 7.58
N GLY C 416 -16.37 -48.55 6.43
CA GLY C 416 -17.70 -48.02 6.26
C GLY C 416 -17.82 -46.87 5.28
N ALA C 417 -16.71 -46.36 4.74
CA ALA C 417 -16.79 -45.27 3.79
C ALA C 417 -17.35 -45.74 2.47
N ASP C 418 -18.28 -44.96 1.91
CA ASP C 418 -18.94 -45.30 0.65
C ASP C 418 -18.06 -44.80 -0.50
N VAL C 419 -17.19 -45.68 -0.99
CA VAL C 419 -16.31 -45.39 -2.12
C VAL C 419 -16.71 -46.31 -3.26
N ARG C 420 -17.00 -45.72 -4.42
CA ARG C 420 -17.67 -46.45 -5.50
C ARG C 420 -16.78 -46.67 -6.73
N GLY C 421 -15.55 -46.18 -6.73
CA GLY C 421 -14.67 -46.42 -7.85
C GLY C 421 -13.27 -45.92 -7.60
N TYR C 422 -12.34 -46.47 -8.37
CA TYR C 422 -10.93 -46.07 -8.34
C TYR C 422 -10.53 -45.74 -9.77
N LEU C 423 -10.11 -44.50 -10.00
CA LEU C 423 -9.77 -44.02 -11.34
C LEU C 423 -8.31 -43.62 -11.36
N HIS C 424 -7.48 -44.42 -12.03
CA HIS C 424 -6.05 -44.19 -12.06
C HIS C 424 -5.69 -43.03 -12.98
N TRP C 425 -4.67 -42.28 -12.58
CA TRP C 425 -4.10 -41.27 -13.48
C TRP C 425 -2.73 -41.74 -13.95
N SER C 426 -2.61 -42.11 -15.23
CA SER C 426 -3.71 -42.07 -16.21
C SER C 426 -3.61 -43.29 -17.11
N LEU C 427 -4.54 -43.42 -18.07
CA LEU C 427 -4.46 -44.54 -19.01
C LEU C 427 -3.16 -44.50 -19.79
N ALA C 428 -2.81 -43.34 -20.35
CA ALA C 428 -1.60 -43.19 -21.15
C ALA C 428 -0.89 -41.90 -20.76
N ASP C 429 0.40 -41.86 -21.08
CA ASP C 429 1.20 -40.64 -20.88
C ASP C 429 0.55 -39.46 -21.58
N ASN C 430 0.82 -38.25 -21.07
CA ASN C 430 0.21 -37.04 -21.61
C ASN C 430 1.04 -35.82 -21.22
N TYR C 431 0.55 -34.65 -21.65
CA TYR C 431 1.24 -33.38 -21.45
C TYR C 431 1.00 -32.88 -20.03
N GLU C 432 2.04 -32.89 -19.20
CA GLU C 432 1.91 -32.52 -17.78
C GLU C 432 2.23 -31.04 -17.56
N TRP C 433 1.40 -30.19 -18.16
CA TRP C 433 1.33 -28.75 -17.84
C TRP C 433 2.70 -28.12 -18.05
N ALA C 434 3.25 -27.37 -17.08
CA ALA C 434 4.51 -26.67 -17.28
C ALA C 434 5.69 -27.61 -17.39
N SER C 435 5.55 -28.85 -16.93
CA SER C 435 6.63 -29.84 -17.02
C SER C 435 6.67 -30.52 -18.39
N GLY C 436 5.66 -30.34 -19.24
CA GLY C 436 5.73 -30.95 -20.55
C GLY C 436 5.54 -32.46 -20.51
N PHE C 437 6.11 -33.13 -21.51
CA PHE C 437 5.91 -34.56 -21.71
C PHE C 437 6.82 -35.44 -20.86
N SER C 438 7.81 -34.86 -20.17
CA SER C 438 8.81 -35.69 -19.49
C SER C 438 8.26 -36.40 -18.26
N MET C 439 7.16 -35.92 -17.68
CA MET C 439 6.53 -36.60 -16.55
C MET C 439 5.47 -37.55 -17.10
N ARG C 440 5.71 -38.85 -16.96
CA ARG C 440 4.91 -39.87 -17.62
C ARG C 440 4.11 -40.66 -16.58
N PHE C 441 2.80 -40.43 -16.55
CA PHE C 441 1.91 -41.02 -15.56
C PHE C 441 1.16 -42.23 -16.08
N GLY C 442 1.40 -42.64 -17.33
CA GLY C 442 0.53 -43.61 -17.97
C GLY C 442 0.77 -45.04 -17.52
N LEU C 443 -0.32 -45.80 -17.38
CA LEU C 443 -0.22 -47.24 -17.43
C LEU C 443 0.30 -47.69 -18.79
N LEU C 444 0.00 -46.92 -19.84
CA LEU C 444 0.50 -47.16 -21.18
C LEU C 444 1.55 -46.11 -21.52
N LYS C 445 2.67 -46.55 -22.08
CA LYS C 445 3.71 -45.64 -22.55
C LYS C 445 3.37 -45.15 -23.95
N VAL C 446 3.53 -43.84 -24.18
CA VAL C 446 3.24 -43.22 -25.47
C VAL C 446 4.56 -42.92 -26.17
N ASP C 447 4.69 -43.37 -27.41
CA ASP C 447 5.74 -42.90 -28.30
C ASP C 447 5.18 -41.70 -29.05
N TYR C 448 5.66 -40.50 -28.71
CA TYR C 448 5.10 -39.27 -29.27
C TYR C 448 5.48 -39.06 -30.73
N ASN C 449 6.44 -39.82 -31.26
CA ASN C 449 6.74 -39.74 -32.69
C ASN C 449 5.72 -40.51 -33.52
N THR C 450 5.36 -41.72 -33.09
CA THR C 450 4.44 -42.57 -33.82
C THR C 450 3.03 -42.56 -33.26
N LYS C 451 2.83 -42.06 -32.04
CA LYS C 451 1.56 -42.11 -31.30
C LYS C 451 1.16 -43.54 -30.93
N ARG C 452 2.08 -44.49 -31.02
CA ARG C 452 1.79 -45.86 -30.58
C ARG C 452 1.74 -45.95 -29.06
N LEU C 453 0.88 -46.85 -28.57
CA LEU C 453 0.73 -47.10 -27.14
C LEU C 453 1.34 -48.45 -26.78
N TYR C 454 2.04 -48.49 -25.64
CA TYR C 454 2.69 -49.70 -25.16
C TYR C 454 2.24 -50.00 -23.74
N TRP C 455 2.10 -51.28 -23.43
CA TRP C 455 1.67 -51.72 -22.10
C TRP C 455 2.90 -51.83 -21.19
N ARG C 456 2.99 -50.95 -20.20
CA ARG C 456 3.93 -51.17 -19.11
C ARG C 456 3.45 -52.33 -18.25
N PRO C 457 4.35 -53.04 -17.57
CA PRO C 457 3.92 -54.20 -16.78
C PRO C 457 2.84 -53.86 -15.75
N SER C 458 2.86 -52.64 -15.21
CA SER C 458 1.81 -52.22 -14.30
C SER C 458 0.43 -52.22 -14.97
N ALA C 459 0.38 -52.03 -16.28
CA ALA C 459 -0.88 -52.15 -16.99
C ALA C 459 -1.38 -53.59 -16.99
N LEU C 460 -0.47 -54.56 -17.12
CA LEU C 460 -0.86 -55.96 -17.01
C LEU C 460 -1.35 -56.28 -15.60
N VAL C 461 -0.72 -55.67 -14.59
CA VAL C 461 -1.19 -55.84 -13.21
C VAL C 461 -2.59 -55.27 -13.05
N TYR C 462 -2.83 -54.08 -13.61
CA TYR C 462 -4.15 -53.45 -13.47
C TYR C 462 -5.23 -54.29 -14.13
N ARG C 463 -4.91 -54.94 -15.25
CA ARG C 463 -5.89 -55.82 -15.88
C ARG C 463 -6.28 -56.96 -14.94
N GLU C 464 -5.32 -57.52 -14.22
CA GLU C 464 -5.64 -58.54 -13.22
C GLU C 464 -6.61 -57.99 -12.18
N ILE C 465 -6.35 -56.79 -11.68
CA ILE C 465 -7.22 -56.18 -10.68
C ILE C 465 -8.60 -55.90 -11.26
N ALA C 466 -8.65 -55.25 -12.42
CA ALA C 466 -9.92 -54.77 -12.95
C ALA C 466 -10.81 -55.92 -13.41
N THR C 467 -10.25 -56.91 -14.11
CA THR C 467 -11.08 -57.99 -14.62
C THR C 467 -11.60 -58.89 -13.50
N ASN C 468 -10.86 -58.99 -12.40
CA ASN C 468 -11.28 -59.82 -11.27
C ASN C 468 -12.00 -59.02 -10.18
N GLY C 469 -12.01 -57.69 -10.27
CA GLY C 469 -12.60 -56.88 -9.22
C GLY C 469 -11.97 -57.08 -7.85
N ALA C 470 -10.67 -57.36 -7.80
CA ALA C 470 -10.00 -57.65 -6.54
C ALA C 470 -8.50 -57.68 -6.78
N ILE C 471 -7.75 -57.47 -5.69
CA ILE C 471 -6.33 -57.79 -5.65
C ILE C 471 -6.23 -59.31 -5.48
N THR C 472 -5.81 -60.01 -6.54
CA THR C 472 -5.73 -61.46 -6.47
C THR C 472 -4.60 -61.90 -5.55
N ASP C 473 -4.68 -63.16 -5.11
CA ASP C 473 -3.61 -63.75 -4.31
C ASP C 473 -2.26 -63.62 -4.99
N GLU C 474 -2.24 -63.73 -6.32
CA GLU C 474 -0.98 -63.81 -7.05
C GLU C 474 -0.15 -62.53 -6.94
N ILE C 475 -0.79 -61.38 -6.71
CA ILE C 475 -0.11 -60.10 -6.76
C ILE C 475 -0.13 -59.38 -5.41
N GLU C 476 -0.51 -60.08 -4.34
CA GLU C 476 -0.63 -59.43 -3.04
C GLU C 476 0.69 -58.85 -2.55
N HIS C 477 1.81 -59.45 -2.98
CA HIS C 477 3.11 -59.00 -2.51
C HIS C 477 3.42 -57.57 -2.95
N LEU C 478 2.73 -57.05 -3.98
CA LEU C 478 2.93 -55.68 -4.42
C LEU C 478 2.30 -54.65 -3.48
N ASN C 479 1.54 -55.10 -2.48
CA ASN C 479 1.06 -54.21 -1.41
C ASN C 479 2.20 -53.97 -0.43
N SER C 480 3.20 -53.22 -0.90
CA SER C 480 4.43 -53.01 -0.15
C SER C 480 5.16 -51.82 -0.76
N VAL C 481 6.14 -51.32 -0.02
CA VAL C 481 6.99 -50.22 -0.46
C VAL C 481 8.00 -50.74 -1.48
N PRO C 482 8.23 -50.05 -2.59
CA PRO C 482 9.27 -50.47 -3.53
C PRO C 482 10.61 -50.55 -2.82
N PRO C 483 11.32 -51.66 -2.96
CA PRO C 483 12.63 -51.80 -2.29
C PRO C 483 13.55 -50.63 -2.63
N VAL C 484 14.07 -49.99 -1.59
CA VAL C 484 14.84 -48.75 -1.78
C VAL C 484 16.28 -49.02 -2.15
N LYS C 485 16.88 -50.09 -1.64
CA LYS C 485 18.30 -50.35 -1.89
C LYS C 485 18.68 -50.39 -3.36
N PRO C 486 17.92 -51.02 -4.27
CA PRO C 486 18.30 -51.01 -5.69
C PRO C 486 17.98 -49.71 -6.42
N LEU C 487 17.27 -48.78 -5.80
CA LEU C 487 16.91 -47.53 -6.44
C LEU C 487 17.95 -46.46 -6.15
N ARG C 488 17.90 -45.38 -6.94
CA ARG C 488 18.81 -44.26 -6.71
C ARG C 488 18.51 -43.57 -5.38
N HIS C 489 19.57 -43.17 -4.70
CA HIS C 489 19.45 -42.41 -3.46
C HIS C 489 20.10 -41.05 -3.66
N SER D 3 -36.16 43.12 -19.08
CA SER D 3 -37.36 42.35 -19.35
C SER D 3 -37.02 40.95 -19.88
N PHE D 4 -37.65 39.94 -19.30
CA PHE D 4 -37.34 38.55 -19.58
C PHE D 4 -38.35 37.94 -20.55
N PRO D 5 -38.01 36.83 -21.19
CA PRO D 5 -38.97 36.15 -22.08
C PRO D 5 -40.27 35.83 -21.35
N ASN D 6 -41.35 35.75 -22.14
CA ASN D 6 -42.68 35.56 -21.58
C ASN D 6 -42.77 34.33 -20.70
N SER D 7 -42.11 33.24 -21.11
CA SER D 7 -42.22 31.96 -20.42
C SER D 7 -41.18 31.78 -19.32
N PHE D 8 -40.29 32.76 -19.12
CA PHE D 8 -39.30 32.69 -18.06
C PHE D 8 -39.97 32.80 -16.70
N ARG D 9 -39.51 31.99 -15.75
CA ARG D 9 -40.13 31.90 -14.43
C ARG D 9 -39.13 32.13 -13.30
N PHE D 10 -39.55 32.92 -12.31
CA PHE D 10 -38.79 33.17 -11.11
C PHE D 10 -39.37 32.32 -9.98
N GLY D 11 -38.51 31.68 -9.20
CA GLY D 11 -38.95 30.84 -8.11
C GLY D 11 -37.86 30.55 -7.09
N TRP D 12 -37.92 29.37 -6.49
CA TRP D 12 -36.99 29.04 -5.42
C TRP D 12 -36.70 27.55 -5.43
N SER D 13 -35.59 27.18 -4.78
CA SER D 13 -35.20 25.80 -4.58
C SER D 13 -35.16 25.48 -3.10
N GLN D 14 -35.33 24.21 -2.77
CA GLN D 14 -35.50 23.77 -1.39
C GLN D 14 -35.15 22.29 -1.31
N ALA D 15 -34.71 21.85 -0.13
CA ALA D 15 -34.32 20.47 0.09
C ALA D 15 -35.13 19.84 1.21
N GLY D 16 -35.35 18.53 1.10
CA GLY D 16 -36.17 17.84 2.09
C GLY D 16 -35.55 17.82 3.47
N PHE D 17 -34.31 17.33 3.57
CA PHE D 17 -33.64 17.22 4.86
C PHE D 17 -33.48 18.56 5.54
N GLN D 18 -33.28 19.62 4.75
CA GLN D 18 -32.99 20.93 5.32
C GLN D 18 -34.23 21.65 5.84
N SER D 19 -35.41 21.38 5.27
CA SER D 19 -36.58 22.18 5.56
C SER D 19 -37.77 21.41 6.14
N GLU D 20 -37.85 20.10 5.94
CA GLU D 20 -39.09 19.37 6.26
C GLU D 20 -39.35 19.32 7.77
N MET D 21 -38.36 18.93 8.55
CA MET D 21 -38.62 18.63 9.96
C MET D 21 -38.79 19.91 10.78
N GLY D 22 -39.43 19.76 11.94
CA GLY D 22 -39.66 20.87 12.83
C GLY D 22 -41.05 20.90 13.44
N THR D 23 -42.00 20.24 12.81
CA THR D 23 -43.37 20.14 13.28
C THR D 23 -43.65 18.74 13.85
N PRO D 24 -44.62 18.61 14.76
CA PRO D 24 -44.88 17.30 15.37
C PRO D 24 -45.20 16.23 14.34
N GLY D 25 -44.55 15.08 14.47
CA GLY D 25 -44.74 13.96 13.57
C GLY D 25 -43.87 13.97 12.32
N SER D 26 -43.01 14.97 12.16
CA SER D 26 -42.21 15.12 10.94
C SER D 26 -40.83 14.46 11.00
N GLU D 27 -40.40 13.95 12.16
CA GLU D 27 -39.03 13.48 12.28
C GLU D 27 -38.74 12.30 11.37
N ASP D 28 -37.64 12.37 10.63
CA ASP D 28 -37.15 11.25 9.81
C ASP D 28 -35.77 10.84 10.30
N PRO D 29 -35.67 9.84 11.18
CA PRO D 29 -34.36 9.44 11.71
C PRO D 29 -33.59 8.44 10.88
N ASN D 30 -34.09 8.02 9.72
CA ASN D 30 -33.56 6.86 9.00
C ASN D 30 -32.66 7.25 7.84
N THR D 31 -31.78 8.24 8.02
CA THR D 31 -30.80 8.60 7.00
C THR D 31 -29.40 8.57 7.60
N ASP D 32 -28.42 8.39 6.72
CA ASP D 32 -27.03 8.55 7.12
C ASP D 32 -26.77 9.95 7.68
N TRP D 33 -27.35 10.98 7.05
CA TRP D 33 -27.13 12.35 7.51
C TRP D 33 -27.71 12.58 8.89
N TYR D 34 -28.88 12.01 9.18
CA TYR D 34 -29.48 12.17 10.51
C TYR D 34 -28.58 11.56 11.58
N LYS D 35 -28.17 10.30 11.37
CA LYS D 35 -27.24 9.66 12.30
C LYS D 35 -25.92 10.43 12.38
N TRP D 36 -25.47 10.96 11.24
CA TRP D 36 -24.17 11.63 11.19
C TRP D 36 -24.15 12.86 12.10
N VAL D 37 -25.20 13.69 12.03
CA VAL D 37 -25.22 14.92 12.81
C VAL D 37 -25.58 14.70 14.28
N HIS D 38 -26.09 13.52 14.65
CA HIS D 38 -26.32 13.19 16.04
C HIS D 38 -25.15 12.46 16.69
N ASP D 39 -24.10 12.15 15.94
CA ASP D 39 -23.04 11.30 16.45
C ASP D 39 -22.22 12.01 17.52
N PRO D 40 -22.06 11.42 18.70
CA PRO D 40 -21.28 12.09 19.76
C PRO D 40 -19.86 12.44 19.36
N GLU D 41 -19.16 11.54 18.65
CA GLU D 41 -17.78 11.81 18.27
C GLU D 41 -17.69 12.94 17.24
N ASN D 42 -18.59 12.95 16.25
CA ASN D 42 -18.61 14.05 15.29
C ASN D 42 -18.85 15.39 15.98
N MET D 43 -19.70 15.39 17.01
CA MET D 43 -19.98 16.63 17.73
C MET D 43 -18.75 17.10 18.51
N ALA D 44 -18.05 16.18 19.18
CA ALA D 44 -16.88 16.55 19.95
C ALA D 44 -15.74 17.01 19.06
N ALA D 45 -15.63 16.47 17.85
CA ALA D 45 -14.62 16.91 16.90
C ALA D 45 -14.94 18.25 16.25
N GLY D 46 -16.15 18.76 16.44
CA GLY D 46 -16.55 19.96 15.72
C GLY D 46 -16.79 19.75 14.25
N LEU D 47 -16.91 18.50 13.80
CA LEU D 47 -17.25 18.24 12.41
C LEU D 47 -18.67 18.69 12.09
N VAL D 48 -19.59 18.58 13.05
CA VAL D 48 -20.95 19.07 12.92
C VAL D 48 -21.21 20.10 14.00
N SER D 49 -22.22 20.94 13.75
CA SER D 49 -22.43 22.12 14.58
C SER D 49 -23.02 21.78 15.95
N GLY D 50 -23.69 20.65 16.09
CA GLY D 50 -24.48 20.36 17.27
C GLY D 50 -25.96 20.69 17.12
N ASP D 51 -26.31 21.51 16.13
CA ASP D 51 -27.71 21.71 15.79
C ASP D 51 -28.30 20.43 15.21
N LEU D 52 -29.60 20.23 15.44
CA LEU D 52 -30.27 19.02 15.02
C LEU D 52 -31.42 19.36 14.07
N PRO D 53 -31.56 18.63 12.96
CA PRO D 53 -32.56 19.02 11.94
C PRO D 53 -33.99 18.89 12.42
N GLU D 54 -34.28 18.07 13.43
CA GLU D 54 -35.66 17.94 13.90
C GLU D 54 -36.17 19.21 14.58
N ASN D 55 -35.33 20.22 14.76
CA ASN D 55 -35.75 21.53 15.26
C ASN D 55 -35.84 22.57 14.14
N GLY D 56 -36.08 22.12 12.89
CA GLY D 56 -36.02 22.99 11.75
C GLY D 56 -37.29 23.76 11.48
N PRO D 57 -37.44 24.26 10.24
CA PRO D 57 -38.54 25.20 9.94
C PRO D 57 -39.89 24.55 9.74
N GLY D 58 -39.98 23.23 9.67
CA GLY D 58 -41.27 22.56 9.70
C GLY D 58 -42.07 22.61 8.42
N TYR D 59 -41.42 22.46 7.27
CA TYR D 59 -42.14 22.46 6.00
C TYR D 59 -43.11 21.29 5.90
N TRP D 60 -42.78 20.16 6.52
CA TRP D 60 -43.64 18.98 6.49
C TRP D 60 -45.04 19.31 6.99
N GLY D 61 -45.15 20.07 8.06
CA GLY D 61 -46.44 20.46 8.61
C GLY D 61 -46.98 21.78 8.11
N ASN D 62 -46.10 22.74 7.80
CA ASN D 62 -46.50 24.12 7.50
C ASN D 62 -46.35 24.48 6.03
N TYR D 63 -46.34 23.49 5.13
CA TYR D 63 -46.10 23.77 3.71
C TYR D 63 -47.10 24.77 3.13
N LYS D 64 -48.34 24.76 3.61
CA LYS D 64 -49.33 25.70 3.11
C LYS D 64 -48.91 27.14 3.35
N THR D 65 -48.34 27.42 4.52
CA THR D 65 -47.86 28.76 4.83
C THR D 65 -46.68 29.14 3.95
N PHE D 66 -45.75 28.22 3.72
CA PHE D 66 -44.68 28.44 2.74
C PHE D 66 -45.25 28.84 1.39
N HIS D 67 -46.22 28.07 0.90
CA HIS D 67 -46.75 28.30 -0.45
C HIS D 67 -47.56 29.59 -0.51
N ASP D 68 -48.27 29.93 0.56
CA ASP D 68 -48.96 31.22 0.62
C ASP D 68 -47.99 32.37 0.38
N ASN D 69 -46.85 32.35 1.08
CA ASN D 69 -45.87 33.42 0.95
C ASN D 69 -45.24 33.44 -0.43
N ALA D 70 -44.95 32.26 -0.99
CA ALA D 70 -44.39 32.20 -2.34
C ALA D 70 -45.35 32.78 -3.36
N GLN D 71 -46.65 32.51 -3.20
CA GLN D 71 -47.64 33.04 -4.13
C GLN D 71 -47.76 34.55 -4.02
N LYS D 72 -47.78 35.08 -2.78
CA LYS D 72 -47.81 36.52 -2.59
C LYS D 72 -46.58 37.19 -3.17
N MET D 73 -45.45 36.48 -3.21
CA MET D 73 -44.21 37.00 -3.76
C MET D 73 -44.16 36.92 -5.28
N GLY D 74 -45.19 36.35 -5.91
CA GLY D 74 -45.24 36.29 -7.36
C GLY D 74 -44.41 35.20 -8.00
N LEU D 75 -43.98 34.21 -7.23
CA LEU D 75 -43.14 33.15 -7.77
C LEU D 75 -43.96 32.17 -8.60
N LYS D 76 -43.33 31.59 -9.61
CA LYS D 76 -44.02 30.73 -10.57
C LYS D 76 -43.38 29.37 -10.76
N ILE D 77 -42.30 29.05 -10.06
CA ILE D 77 -41.62 27.77 -10.22
C ILE D 77 -40.99 27.38 -8.88
N ALA D 78 -40.93 26.07 -8.63
CA ALA D 78 -40.31 25.54 -7.42
C ALA D 78 -39.60 24.24 -7.74
N ARG D 79 -38.45 24.02 -7.11
CA ARG D 79 -37.71 22.77 -7.20
C ARG D 79 -37.56 22.19 -5.81
N LEU D 80 -38.10 20.97 -5.62
CA LEU D 80 -38.09 20.27 -4.36
C LEU D 80 -37.62 18.84 -4.60
N ASN D 81 -37.37 18.11 -3.51
CA ASN D 81 -37.03 16.70 -3.61
C ASN D 81 -37.85 15.88 -2.63
N VAL D 82 -38.05 14.61 -2.96
CA VAL D 82 -38.58 13.64 -2.02
C VAL D 82 -37.41 12.97 -1.31
N GLU D 83 -37.58 12.67 -0.03
CA GLU D 83 -36.57 11.95 0.74
C GLU D 83 -36.79 10.46 0.57
N TRP D 84 -35.86 9.81 -0.13
CA TRP D 84 -35.83 8.35 -0.30
C TRP D 84 -36.16 7.62 0.98
N SER D 85 -35.55 8.05 2.09
CA SER D 85 -35.72 7.37 3.37
C SER D 85 -37.17 7.41 3.86
N ARG D 86 -37.92 8.46 3.53
CA ARG D 86 -39.31 8.52 3.97
C ARG D 86 -40.17 7.49 3.23
N ILE D 87 -39.87 7.23 1.97
CA ILE D 87 -40.70 6.32 1.17
C ILE D 87 -40.30 4.87 1.43
N PHE D 88 -39.00 4.60 1.58
CA PHE D 88 -38.50 3.25 1.82
C PHE D 88 -37.59 3.27 3.04
N PRO D 89 -38.17 3.33 4.24
CA PRO D 89 -37.35 3.35 5.46
C PRO D 89 -36.74 2.01 5.83
N ASN D 90 -37.26 0.90 5.29
CA ASN D 90 -36.83 -0.44 5.68
C ASN D 90 -36.07 -1.14 4.55
N PRO D 91 -35.18 -2.07 4.88
CA PRO D 91 -34.42 -2.77 3.83
C PRO D 91 -35.34 -3.54 2.89
N LEU D 92 -35.00 -3.50 1.63
CA LEU D 92 -35.56 -4.32 0.56
C LEU D 92 -34.72 -5.57 0.35
N PRO D 93 -35.34 -6.73 0.13
CA PRO D 93 -34.66 -8.02 -0.07
C PRO D 93 -33.52 -7.99 -1.09
N ASP D 104 -19.57 -2.20 -13.68
CA ASP D 104 -20.46 -1.42 -14.54
C ASP D 104 -21.91 -1.87 -14.43
N VAL D 105 -22.81 -0.92 -14.25
CA VAL D 105 -24.25 -1.17 -14.27
C VAL D 105 -24.77 -0.52 -15.55
N THR D 106 -24.91 -1.32 -16.60
CA THR D 106 -25.34 -0.82 -17.91
C THR D 106 -26.84 -0.88 -18.12
N GLU D 107 -27.57 -1.65 -17.29
CA GLU D 107 -29.02 -1.72 -17.39
C GLU D 107 -29.61 -2.06 -16.03
N VAL D 108 -30.76 -1.44 -15.74
CA VAL D 108 -31.60 -1.82 -14.61
C VAL D 108 -33.01 -2.01 -15.16
N GLU D 109 -33.49 -3.25 -15.15
CA GLU D 109 -34.78 -3.56 -15.74
C GLU D 109 -35.91 -2.94 -14.93
N ILE D 110 -36.80 -2.22 -15.62
CA ILE D 110 -37.99 -1.62 -15.02
C ILE D 110 -39.21 -2.14 -15.77
N ASN D 111 -40.17 -2.70 -15.04
CA ASN D 111 -41.41 -3.16 -15.64
C ASN D 111 -42.54 -3.03 -14.63
N GLU D 112 -43.76 -3.20 -15.12
CA GLU D 112 -44.96 -2.98 -14.30
C GLU D 112 -44.93 -3.86 -13.06
N ASN D 113 -44.58 -5.13 -13.21
CA ASN D 113 -44.60 -6.07 -12.09
C ASN D 113 -43.60 -5.67 -11.02
N GLU D 114 -42.42 -5.21 -11.44
CA GLU D 114 -41.41 -4.76 -10.48
C GLU D 114 -41.90 -3.53 -9.72
N LEU D 115 -42.54 -2.59 -10.41
CA LEU D 115 -43.07 -1.41 -9.75
C LEU D 115 -44.15 -1.77 -8.74
N LYS D 116 -45.03 -2.71 -9.09
CA LYS D 116 -46.08 -3.12 -8.17
C LYS D 116 -45.50 -3.83 -6.94
N ARG D 117 -44.42 -4.59 -7.11
CA ARG D 117 -43.76 -5.19 -5.96
C ARG D 117 -43.14 -4.12 -5.07
N LEU D 118 -42.50 -3.12 -5.66
CA LEU D 118 -41.96 -2.00 -4.90
C LEU D 118 -43.08 -1.29 -4.14
N ASP D 119 -44.24 -1.13 -4.78
CA ASP D 119 -45.36 -0.44 -4.15
C ASP D 119 -45.77 -1.09 -2.82
N GLU D 120 -45.64 -2.43 -2.71
CA GLU D 120 -46.03 -3.10 -1.49
C GLU D 120 -45.13 -2.72 -0.31
N TYR D 121 -43.89 -2.31 -0.59
CA TYR D 121 -42.95 -1.95 0.47
C TYR D 121 -42.96 -0.46 0.80
N ALA D 122 -43.59 0.37 -0.02
CA ALA D 122 -43.51 1.81 0.17
C ALA D 122 -44.37 2.25 1.36
N ASN D 123 -43.91 3.30 2.04
CA ASN D 123 -44.67 3.90 3.13
C ASN D 123 -45.75 4.77 2.53
N LYS D 124 -47.00 4.32 2.66
CA LYS D 124 -48.11 5.03 2.01
C LYS D 124 -48.43 6.35 2.69
N ASP D 125 -48.27 6.42 4.01
CA ASP D 125 -48.49 7.69 4.72
C ASP D 125 -47.56 8.78 4.20
N ALA D 126 -46.26 8.50 4.12
CA ALA D 126 -45.33 9.48 3.58
C ALA D 126 -45.64 9.77 2.11
N LEU D 127 -46.03 8.74 1.35
CA LEU D 127 -46.34 8.92 -0.06
C LEU D 127 -47.54 9.86 -0.23
N ASN D 128 -48.61 9.63 0.54
CA ASN D 128 -49.79 10.49 0.46
C ASN D 128 -49.50 11.90 0.94
N HIS D 129 -48.65 12.04 1.97
CA HIS D 129 -48.33 13.37 2.47
C HIS D 129 -47.61 14.19 1.41
N TYR D 130 -46.65 13.59 0.71
CA TYR D 130 -45.99 14.28 -0.40
C TYR D 130 -46.99 14.68 -1.47
N ARG D 131 -47.94 13.79 -1.78
CA ARG D 131 -48.97 14.13 -2.77
C ARG D 131 -49.77 15.36 -2.36
N GLU D 132 -50.11 15.46 -1.07
CA GLU D 132 -50.82 16.64 -0.59
C GLU D 132 -49.97 17.89 -0.71
N ILE D 133 -48.69 17.79 -0.38
CA ILE D 133 -47.79 18.94 -0.52
C ILE D 133 -47.72 19.38 -1.97
N PHE D 134 -47.51 18.41 -2.88
CA PHE D 134 -47.33 18.76 -4.28
C PHE D 134 -48.63 19.23 -4.93
N LYS D 135 -49.78 18.67 -4.54
CA LYS D 135 -51.05 19.19 -5.03
C LYS D 135 -51.24 20.65 -4.62
N ASP D 136 -50.97 20.95 -3.35
CA ASP D 136 -51.08 22.32 -2.88
C ASP D 136 -50.14 23.23 -3.65
N LEU D 137 -48.92 22.75 -3.94
CA LEU D 137 -47.97 23.52 -4.73
C LEU D 137 -48.54 23.84 -6.11
N LYS D 138 -49.04 22.84 -6.82
CA LYS D 138 -49.57 23.06 -8.16
C LYS D 138 -50.82 23.95 -8.14
N SER D 139 -51.62 23.89 -7.08
CA SER D 139 -52.81 24.72 -7.01
C SER D 139 -52.49 26.21 -6.90
N ARG D 140 -51.25 26.58 -6.60
CA ARG D 140 -50.84 27.98 -6.60
C ARG D 140 -50.30 28.42 -7.96
N GLY D 141 -50.40 27.58 -8.98
CA GLY D 141 -49.85 27.92 -10.28
C GLY D 141 -48.35 27.84 -10.38
N LEU D 142 -47.70 27.04 -9.53
CA LEU D 142 -46.25 26.89 -9.55
C LEU D 142 -45.83 25.73 -10.47
N TYR D 143 -44.97 26.04 -11.43
CA TYR D 143 -44.29 25.02 -12.23
C TYR D 143 -43.36 24.19 -11.33
N PHE D 144 -43.37 22.87 -11.52
CA PHE D 144 -42.81 21.95 -10.54
C PHE D 144 -41.67 21.14 -11.14
N ILE D 145 -40.47 21.35 -10.62
CA ILE D 145 -39.31 20.52 -10.90
C ILE D 145 -39.10 19.59 -9.71
N LEU D 146 -39.23 18.28 -9.95
CA LEU D 146 -39.05 17.28 -8.89
C LEU D 146 -37.65 16.69 -9.00
N ASN D 147 -36.90 16.81 -7.92
CA ASN D 147 -35.57 16.23 -7.80
C ASN D 147 -35.67 14.96 -6.96
N MET D 148 -34.93 13.92 -7.35
CA MET D 148 -35.05 12.65 -6.65
C MET D 148 -34.15 12.53 -5.43
N TYR D 149 -33.03 13.25 -5.40
CA TYR D 149 -32.00 12.99 -4.40
C TYR D 149 -31.28 14.28 -4.04
N HIS D 150 -31.20 14.58 -2.74
CA HIS D 150 -30.53 15.78 -2.26
C HIS D 150 -29.69 15.46 -1.02
N TRP D 151 -28.96 14.33 -1.07
CA TRP D 151 -27.78 13.92 -0.29
C TRP D 151 -28.05 12.80 0.74
N PRO D 152 -29.03 12.91 1.64
CA PRO D 152 -29.22 11.81 2.60
C PRO D 152 -29.69 10.53 1.91
N LEU D 153 -29.10 9.41 2.34
CA LEU D 153 -29.43 8.07 1.90
C LEU D 153 -30.11 7.29 3.02
N PRO D 154 -30.98 6.33 2.70
CA PRO D 154 -31.53 5.47 3.74
C PRO D 154 -30.42 4.77 4.53
N LEU D 155 -30.61 4.66 5.84
CA LEU D 155 -29.61 4.03 6.70
C LEU D 155 -29.31 2.61 6.25
N TRP D 156 -30.33 1.88 5.78
CA TRP D 156 -30.08 0.52 5.32
C TRP D 156 -29.21 0.47 4.08
N LEU D 157 -28.96 1.61 3.43
CA LEU D 157 -28.00 1.67 2.34
C LEU D 157 -26.66 2.29 2.72
N HIS D 158 -26.57 3.00 3.84
CA HIS D 158 -25.31 3.64 4.20
C HIS D 158 -25.26 3.89 5.70
N ASP D 159 -24.37 3.18 6.39
CA ASP D 159 -24.02 3.50 7.77
C ASP D 159 -22.73 4.32 7.72
N PRO D 160 -22.78 5.64 7.87
CA PRO D 160 -21.58 6.46 7.64
C PRO D 160 -20.56 6.39 8.77
N ILE D 161 -20.99 6.10 10.00
CA ILE D 161 -20.05 5.99 11.11
C ILE D 161 -19.14 4.79 10.92
N ARG D 162 -19.70 3.67 10.44
CA ARG D 162 -18.91 2.48 10.18
C ARG D 162 -17.84 2.75 9.13
N VAL D 163 -18.21 3.46 8.06
CA VAL D 163 -17.25 3.76 7.01
C VAL D 163 -16.20 4.76 7.51
N ARG D 164 -16.62 5.74 8.31
CA ARG D 164 -15.67 6.69 8.89
C ARG D 164 -14.57 5.97 9.65
N ARG D 165 -14.94 4.90 10.36
CA ARG D 165 -14.01 4.12 11.16
C ARG D 165 -13.16 3.17 10.32
N GLY D 166 -13.33 3.13 9.01
CA GLY D 166 -12.54 2.25 8.17
C GLY D 166 -13.08 0.86 8.02
N ASP D 167 -14.34 0.62 8.43
CA ASP D 167 -15.00 -0.67 8.27
C ASP D 167 -15.87 -0.61 7.02
N PHE D 168 -15.55 -1.44 6.03
CA PHE D 168 -16.26 -1.46 4.76
C PHE D 168 -17.07 -2.73 4.57
N THR D 169 -17.45 -3.41 5.65
CA THR D 169 -18.23 -4.63 5.55
C THR D 169 -19.73 -4.39 5.68
N GLY D 170 -20.17 -3.14 5.87
CA GLY D 170 -21.56 -2.82 5.99
C GLY D 170 -22.08 -2.06 4.79
N PRO D 171 -23.29 -1.50 4.92
CA PRO D 171 -23.83 -0.67 3.83
C PRO D 171 -22.96 0.57 3.62
N SER D 172 -22.41 0.69 2.41
CA SER D 172 -21.35 1.65 2.15
C SER D 172 -21.76 2.76 1.19
N GLY D 173 -23.06 3.01 1.03
CA GLY D 173 -23.49 4.17 0.26
C GLY D 173 -23.07 4.09 -1.20
N TRP D 174 -22.56 5.22 -1.71
CA TRP D 174 -22.19 5.28 -3.12
C TRP D 174 -20.94 4.48 -3.46
N LEU D 175 -20.31 3.80 -2.50
CA LEU D 175 -19.24 2.87 -2.81
C LEU D 175 -19.74 1.52 -3.29
N SER D 176 -21.05 1.27 -3.21
CA SER D 176 -21.66 -0.01 -3.56
C SER D 176 -22.58 0.16 -4.74
N THR D 177 -22.49 -0.77 -5.71
CA THR D 177 -23.43 -0.75 -6.83
C THR D 177 -24.84 -1.11 -6.42
N ARG D 178 -25.01 -1.71 -5.23
CA ARG D 178 -26.34 -1.91 -4.66
C ARG D 178 -27.12 -0.61 -4.57
N THR D 179 -26.44 0.47 -4.18
CA THR D 179 -27.08 1.78 -4.12
C THR D 179 -27.45 2.27 -5.51
N VAL D 180 -26.59 2.01 -6.50
CA VAL D 180 -26.89 2.39 -7.88
C VAL D 180 -28.16 1.71 -8.35
N TYR D 181 -28.23 0.39 -8.15
CA TYR D 181 -29.39 -0.38 -8.58
C TYR D 181 -30.67 0.11 -7.90
N GLU D 182 -30.63 0.28 -6.57
CA GLU D 182 -31.84 0.69 -5.87
C GLU D 182 -32.22 2.12 -6.19
N PHE D 183 -31.26 3.00 -6.48
CA PHE D 183 -31.61 4.37 -6.81
C PHE D 183 -32.38 4.44 -8.13
N ALA D 184 -31.96 3.66 -9.12
CA ALA D 184 -32.67 3.65 -10.40
C ALA D 184 -34.12 3.21 -10.23
N ARG D 185 -34.34 2.19 -9.38
CA ARG D 185 -35.70 1.71 -9.14
C ARG D 185 -36.50 2.72 -8.33
N PHE D 186 -35.86 3.39 -7.37
CA PHE D 186 -36.53 4.47 -6.63
C PHE D 186 -36.98 5.57 -7.57
N SER D 187 -36.09 6.02 -8.47
CA SER D 187 -36.44 7.11 -9.37
C SER D 187 -37.59 6.76 -10.29
N ALA D 188 -37.58 5.55 -10.86
CA ALA D 188 -38.67 5.10 -11.71
C ALA D 188 -39.98 5.03 -10.92
N TYR D 189 -39.92 4.54 -9.69
CA TYR D 189 -41.12 4.41 -8.87
C TYR D 189 -41.75 5.77 -8.57
N ILE D 190 -40.93 6.77 -8.23
CA ILE D 190 -41.45 8.08 -7.89
C ILE D 190 -42.12 8.73 -9.10
N ALA D 191 -41.47 8.67 -10.26
CA ALA D 191 -42.08 9.20 -11.48
C ALA D 191 -43.37 8.46 -11.81
N TRP D 192 -43.37 7.13 -11.63
CA TRP D 192 -44.57 6.34 -11.83
C TRP D 192 -45.73 6.85 -10.97
N LYS D 193 -45.41 7.29 -9.75
CA LYS D 193 -46.43 7.73 -8.80
C LYS D 193 -46.84 9.19 -8.97
N PHE D 194 -45.92 10.05 -9.42
CA PHE D 194 -46.14 11.49 -9.35
C PHE D 194 -46.13 12.20 -10.70
N ASP D 195 -46.06 11.46 -11.82
CA ASP D 195 -45.91 12.10 -13.12
C ASP D 195 -47.03 13.08 -13.42
N ASP D 196 -48.24 12.82 -12.94
CA ASP D 196 -49.35 13.74 -13.21
C ASP D 196 -49.12 15.12 -12.59
N LEU D 197 -48.31 15.22 -11.55
CA LEU D 197 -48.05 16.50 -10.88
C LEU D 197 -46.75 17.14 -11.32
N VAL D 198 -45.80 16.38 -11.84
CA VAL D 198 -44.46 16.86 -12.15
C VAL D 198 -44.44 17.48 -13.54
N ASP D 199 -43.69 18.57 -13.69
CA ASP D 199 -43.45 19.18 -14.98
C ASP D 199 -42.10 18.79 -15.58
N GLU D 200 -41.03 18.83 -14.78
CA GLU D 200 -39.72 18.35 -15.21
C GLU D 200 -39.04 17.65 -14.05
N TYR D 201 -38.13 16.73 -14.37
CA TYR D 201 -37.44 15.91 -13.38
C TYR D 201 -35.96 16.29 -13.31
N SER D 202 -35.40 16.10 -12.13
CA SER D 202 -33.95 16.06 -11.92
C SER D 202 -33.61 14.79 -11.15
N THR D 203 -32.53 14.12 -11.56
CA THR D 203 -32.15 12.90 -10.86
C THR D 203 -31.52 13.18 -9.50
N MET D 204 -30.61 14.14 -9.42
CA MET D 204 -29.88 14.36 -8.18
C MET D 204 -29.37 15.79 -8.12
N ASN D 205 -29.02 16.21 -6.89
CA ASN D 205 -28.52 17.56 -6.61
C ASN D 205 -27.05 17.48 -6.26
N GLU D 206 -26.22 18.17 -7.03
CA GLU D 206 -24.80 18.36 -6.73
C GLU D 206 -24.07 17.08 -6.36
N PRO D 207 -24.02 16.10 -7.27
CA PRO D 207 -23.28 14.86 -6.97
C PRO D 207 -21.79 15.08 -6.75
N ASN D 208 -21.22 16.12 -7.37
CA ASN D 208 -19.81 16.41 -7.17
C ASN D 208 -19.50 16.80 -5.73
N VAL D 209 -20.45 17.43 -5.04
CA VAL D 209 -20.24 17.80 -3.65
C VAL D 209 -20.31 16.56 -2.75
N VAL D 210 -21.24 15.65 -3.04
CA VAL D 210 -21.37 14.42 -2.26
C VAL D 210 -20.07 13.64 -2.28
N GLY D 211 -19.51 13.42 -3.47
CA GLY D 211 -18.28 12.66 -3.58
C GLY D 211 -17.06 13.45 -3.13
N GLY D 212 -17.04 14.75 -3.40
CA GLY D 212 -15.85 15.53 -3.12
C GLY D 212 -15.67 15.80 -1.63
N LEU D 213 -16.71 16.28 -0.97
CA LEU D 213 -16.61 16.57 0.45
C LEU D 213 -16.67 15.31 1.30
N GLY D 214 -17.38 14.28 0.82
CA GLY D 214 -17.49 13.05 1.56
C GLY D 214 -16.18 12.30 1.71
N TYR D 215 -15.30 12.39 0.71
CA TYR D 215 -14.10 11.57 0.68
C TYR D 215 -12.80 12.33 0.47
N VAL D 216 -12.85 13.65 0.24
CA VAL D 216 -11.63 14.44 0.11
C VAL D 216 -11.67 15.61 1.09
N GLY D 217 -12.66 16.50 0.93
CA GLY D 217 -12.78 17.64 1.80
C GLY D 217 -13.41 17.31 3.14
N VAL D 218 -12.74 16.45 3.92
CA VAL D 218 -13.35 15.88 5.11
C VAL D 218 -13.47 16.84 6.28
N LYS D 219 -12.76 17.98 6.25
CA LYS D 219 -12.96 18.98 7.30
C LYS D 219 -14.33 19.63 7.21
N SER D 220 -15.03 19.48 6.08
CA SER D 220 -16.36 20.03 5.91
C SER D 220 -17.41 19.34 6.77
N GLY D 221 -17.11 18.16 7.29
CA GLY D 221 -18.08 17.43 8.09
C GLY D 221 -19.18 16.77 7.29
N PHE D 222 -18.89 16.37 6.04
CA PHE D 222 -19.87 15.62 5.26
C PHE D 222 -19.62 14.11 5.39
N PRO D 223 -20.67 13.29 5.44
CA PRO D 223 -20.50 11.83 5.57
C PRO D 223 -20.00 11.20 4.27
N PRO D 224 -19.25 10.09 4.37
CA PRO D 224 -18.85 9.42 5.62
C PRO D 224 -17.55 9.97 6.19
N GLY D 225 -16.98 10.96 5.52
CA GLY D 225 -15.76 11.59 6.03
C GLY D 225 -14.55 10.70 6.06
N TYR D 226 -14.38 9.84 5.06
CA TYR D 226 -13.24 8.94 4.95
C TYR D 226 -12.32 9.46 3.85
N LEU D 227 -11.11 9.89 4.22
CA LEU D 227 -10.20 10.55 3.29
C LEU D 227 -9.57 9.51 2.36
N SER D 228 -9.91 9.59 1.07
CA SER D 228 -9.37 8.68 0.07
C SER D 228 -9.63 9.18 -1.35
N PHE D 229 -8.56 9.53 -2.08
CA PHE D 229 -8.70 9.84 -3.51
C PHE D 229 -9.41 8.72 -4.23
N GLU D 230 -8.96 7.47 -4.01
CA GLU D 230 -9.46 6.34 -4.77
C GLU D 230 -10.95 6.13 -4.53
N LEU D 231 -11.37 6.14 -3.26
CA LEU D 231 -12.78 5.92 -2.97
C LEU D 231 -13.64 7.10 -3.43
N SER D 232 -13.07 8.30 -3.49
CA SER D 232 -13.78 9.43 -4.09
C SER D 232 -14.08 9.16 -5.56
N ARG D 233 -13.12 8.61 -6.30
CA ARG D 233 -13.34 8.28 -7.70
C ARG D 233 -14.40 7.19 -7.86
N ARG D 234 -14.36 6.18 -6.99
CA ARG D 234 -15.35 5.11 -7.07
C ARG D 234 -16.76 5.64 -6.80
N ALA D 235 -16.90 6.51 -5.79
CA ALA D 235 -18.20 7.09 -5.51
C ALA D 235 -18.73 7.90 -6.69
N MET D 236 -17.86 8.70 -7.31
CA MET D 236 -18.30 9.48 -8.47
C MET D 236 -18.62 8.58 -9.66
N TYR D 237 -17.84 7.49 -9.83
CA TYR D 237 -18.15 6.54 -10.88
C TYR D 237 -19.54 5.93 -10.69
N ASN D 238 -19.84 5.48 -9.49
CA ASN D 238 -21.14 4.85 -9.24
C ASN D 238 -22.27 5.86 -9.34
N ILE D 239 -22.05 7.10 -8.90
CA ILE D 239 -23.12 8.09 -8.96
C ILE D 239 -23.40 8.50 -10.40
N ILE D 240 -22.39 8.42 -11.28
CA ILE D 240 -22.61 8.69 -12.69
C ILE D 240 -23.50 7.62 -13.32
N GLN D 241 -23.20 6.35 -13.07
CA GLN D 241 -24.07 5.29 -13.57
C GLN D 241 -25.45 5.39 -12.96
N ALA D 242 -25.53 5.78 -11.68
CA ALA D 242 -26.82 5.90 -11.03
C ALA D 242 -27.70 6.95 -11.72
N HIS D 243 -27.10 8.04 -12.16
CA HIS D 243 -27.85 9.03 -12.92
C HIS D 243 -28.37 8.44 -14.24
N ALA D 244 -27.50 7.76 -14.98
CA ALA D 244 -27.90 7.21 -16.27
C ALA D 244 -29.01 6.18 -16.11
N ARG D 245 -28.89 5.30 -15.10
CA ARG D 245 -29.92 4.30 -14.89
C ARG D 245 -31.21 4.91 -14.37
N ALA D 246 -31.11 5.99 -13.58
CA ALA D 246 -32.31 6.69 -13.15
C ALA D 246 -32.98 7.42 -14.32
N TYR D 247 -32.18 7.98 -15.22
CA TYR D 247 -32.72 8.61 -16.42
C TYR D 247 -33.53 7.60 -17.24
N ASP D 248 -32.94 6.43 -17.53
CA ASP D 248 -33.67 5.41 -18.27
C ASP D 248 -34.90 4.95 -17.51
N GLY D 249 -34.80 4.84 -16.18
CA GLY D 249 -35.94 4.41 -15.39
C GLY D 249 -37.10 5.38 -15.46
N ILE D 250 -36.82 6.68 -15.36
CA ILE D 250 -37.87 7.68 -15.45
C ILE D 250 -38.48 7.69 -16.84
N LYS D 251 -37.64 7.61 -17.87
CA LYS D 251 -38.13 7.62 -19.25
C LYS D 251 -38.97 6.39 -19.58
N SER D 252 -38.83 5.31 -18.82
CA SER D 252 -39.66 4.14 -19.07
C SER D 252 -41.08 4.30 -18.56
N VAL D 253 -41.35 5.34 -17.77
CA VAL D 253 -42.69 5.61 -17.26
C VAL D 253 -43.15 7.03 -17.56
N SER D 254 -42.31 7.88 -18.15
CA SER D 254 -42.65 9.27 -18.37
C SER D 254 -41.99 9.76 -19.65
N LYS D 255 -42.60 10.76 -20.27
CA LYS D 255 -42.04 11.42 -21.45
C LYS D 255 -41.51 12.81 -21.16
N LYS D 256 -41.49 13.22 -19.89
CA LYS D 256 -41.15 14.58 -19.50
C LYS D 256 -39.63 14.76 -19.37
N PRO D 257 -39.14 15.99 -19.44
CA PRO D 257 -37.67 16.20 -19.46
C PRO D 257 -37.01 15.75 -18.16
N VAL D 258 -35.80 15.20 -18.30
CA VAL D 258 -35.01 14.72 -17.17
C VAL D 258 -33.63 15.34 -17.24
N GLY D 259 -33.25 16.07 -16.19
CA GLY D 259 -31.95 16.70 -16.13
C GLY D 259 -31.16 16.35 -14.88
N ILE D 260 -30.19 17.20 -14.53
CA ILE D 260 -29.40 17.00 -13.32
C ILE D 260 -28.96 18.38 -12.82
N ILE D 261 -28.71 18.47 -11.51
CA ILE D 261 -28.35 19.71 -10.84
C ILE D 261 -26.94 19.56 -10.28
N TYR D 262 -26.09 20.55 -10.56
CA TYR D 262 -24.65 20.43 -10.36
C TYR D 262 -24.09 21.71 -9.76
N ALA D 263 -23.16 21.57 -8.81
CA ALA D 263 -22.54 22.72 -8.17
C ALA D 263 -21.41 23.28 -9.02
N ASN D 264 -21.40 24.60 -9.21
CA ASN D 264 -20.44 25.24 -10.08
C ASN D 264 -19.75 26.41 -9.39
N SER D 265 -18.51 26.66 -9.81
CA SER D 265 -17.82 27.91 -9.57
C SER D 265 -17.38 28.49 -10.92
N SER D 266 -17.22 29.81 -10.95
CA SER D 266 -16.61 30.47 -12.10
C SER D 266 -15.10 30.51 -11.86
N PHE D 267 -14.35 29.76 -12.65
CA PHE D 267 -12.91 29.70 -12.47
C PHE D 267 -12.26 30.89 -13.17
N GLN D 268 -11.53 31.69 -12.40
CA GLN D 268 -10.98 32.96 -12.85
C GLN D 268 -9.46 32.96 -12.71
N PRO D 269 -8.74 33.58 -13.64
CA PRO D 269 -7.28 33.59 -13.58
C PRO D 269 -6.76 34.70 -12.67
N LEU D 270 -5.76 34.35 -11.86
CA LEU D 270 -5.12 35.35 -11.00
C LEU D 270 -4.47 36.45 -11.83
N THR D 271 -3.69 36.07 -12.83
CA THR D 271 -3.07 36.99 -13.76
C THR D 271 -3.44 36.59 -15.18
N ASP D 272 -3.10 37.44 -16.15
CA ASP D 272 -3.38 37.12 -17.54
C ASP D 272 -2.56 35.96 -18.07
N LYS D 273 -1.63 35.43 -17.28
CA LYS D 273 -0.81 34.28 -17.66
C LYS D 273 -1.39 32.96 -17.18
N ASP D 274 -2.59 32.97 -16.59
CA ASP D 274 -3.18 31.80 -15.96
C ASP D 274 -4.41 31.28 -16.69
N MET D 275 -4.58 31.66 -17.96
CA MET D 275 -5.77 31.27 -18.70
C MET D 275 -5.82 29.77 -18.94
N GLU D 276 -4.66 29.12 -19.02
CA GLU D 276 -4.64 27.67 -19.19
C GLU D 276 -4.97 26.95 -17.89
N ALA D 277 -4.65 27.55 -16.75
CA ALA D 277 -5.07 26.98 -15.47
C ALA D 277 -6.59 26.99 -15.34
N VAL D 278 -7.25 28.03 -15.86
CA VAL D 278 -8.71 28.09 -15.84
C VAL D 278 -9.29 26.89 -16.58
N GLU D 279 -8.79 26.64 -17.79
CA GLU D 279 -9.31 25.54 -18.59
C GLU D 279 -9.06 24.19 -17.93
N MET D 280 -7.90 24.03 -17.28
CA MET D 280 -7.65 22.79 -16.55
C MET D 280 -8.63 22.62 -15.40
N ALA D 281 -8.89 23.70 -14.66
CA ALA D 281 -9.85 23.62 -13.56
C ALA D 281 -11.24 23.31 -14.05
N GLU D 282 -11.63 23.88 -15.20
CA GLU D 282 -12.94 23.58 -15.76
C GLU D 282 -13.04 22.13 -16.20
N ASN D 283 -11.98 21.59 -16.81
CA ASN D 283 -11.96 20.17 -17.16
C ASN D 283 -12.14 19.29 -15.93
N ASP D 284 -11.34 19.54 -14.89
CA ASP D 284 -11.27 18.65 -13.75
C ASP D 284 -12.48 18.76 -12.82
N ASN D 285 -13.21 19.88 -12.86
CA ASN D 285 -14.33 20.09 -11.96
C ASN D 285 -15.69 20.13 -12.65
N ARG D 286 -15.72 20.18 -13.98
CA ARG D 286 -16.98 20.39 -14.68
C ARG D 286 -17.10 19.51 -15.91
N TRP D 287 -16.19 19.68 -16.87
CA TRP D 287 -16.39 19.05 -18.18
C TRP D 287 -16.26 17.54 -18.13
N TRP D 288 -15.38 17.00 -17.27
CA TRP D 288 -15.22 15.55 -17.19
C TRP D 288 -16.54 14.88 -16.83
N PHE D 289 -17.31 15.51 -15.93
CA PHE D 289 -18.56 14.90 -15.47
C PHE D 289 -19.63 14.94 -16.55
N PHE D 290 -19.82 16.09 -17.20
CA PHE D 290 -20.89 16.22 -18.17
C PHE D 290 -20.56 15.57 -19.50
N ASP D 291 -19.28 15.51 -19.88
CA ASP D 291 -18.91 14.71 -21.04
C ASP D 291 -19.28 13.24 -20.84
N ALA D 292 -19.26 12.77 -19.58
CA ALA D 292 -19.63 11.39 -19.31
C ALA D 292 -21.11 11.14 -19.56
N ILE D 293 -21.99 11.98 -19.00
CA ILE D 293 -23.43 11.70 -19.06
C ILE D 293 -24.08 12.26 -20.32
N ILE D 294 -23.40 13.11 -21.07
CA ILE D 294 -23.92 13.62 -22.34
C ILE D 294 -23.30 12.88 -23.52
N ARG D 295 -21.97 12.78 -23.56
CA ARG D 295 -21.24 12.21 -24.68
C ARG D 295 -20.77 10.77 -24.42
N GLY D 296 -20.98 10.24 -23.22
CA GLY D 296 -20.56 8.89 -22.91
C GLY D 296 -19.08 8.72 -22.65
N GLU D 297 -18.32 9.80 -22.60
CA GLU D 297 -16.86 9.71 -22.48
C GLU D 297 -16.49 9.68 -21.00
N ILE D 298 -15.95 8.53 -20.55
CA ILE D 298 -15.52 8.37 -19.18
C ILE D 298 -14.20 7.59 -19.18
N THR D 299 -13.51 7.61 -18.04
CA THR D 299 -12.32 6.77 -17.83
C THR D 299 -12.62 5.81 -16.69
N ARG D 300 -12.55 4.50 -16.99
CA ARG D 300 -12.79 3.46 -16.00
C ARG D 300 -11.43 2.95 -15.52
N GLY D 301 -11.13 3.19 -14.24
CA GLY D 301 -9.83 2.85 -13.72
C GLY D 301 -8.73 3.71 -14.31
N ASN D 302 -7.90 3.14 -15.16
CA ASN D 302 -6.77 3.84 -15.77
C ASN D 302 -6.87 3.79 -17.30
N GLU D 303 -8.08 3.93 -17.83
CA GLU D 303 -8.31 3.78 -19.27
C GLU D 303 -9.52 4.59 -19.69
N LYS D 304 -9.40 5.28 -20.82
CA LYS D 304 -10.47 6.14 -21.33
C LYS D 304 -11.26 5.39 -22.40
N ILE D 305 -12.59 5.53 -22.36
CA ILE D 305 -13.52 4.76 -23.17
C ILE D 305 -14.69 5.64 -23.58
N VAL D 306 -15.67 5.02 -24.27
CA VAL D 306 -16.95 5.66 -24.61
C VAL D 306 -18.04 4.61 -24.34
N ARG D 307 -18.84 4.84 -23.30
CA ARG D 307 -19.89 3.91 -22.92
C ARG D 307 -21.21 4.32 -23.58
N ASP D 308 -21.79 3.41 -24.36
CA ASP D 308 -23.07 3.69 -25.02
C ASP D 308 -24.21 3.82 -24.02
N ASP D 309 -24.14 3.13 -22.88
CA ASP D 309 -25.21 3.19 -21.91
C ASP D 309 -25.23 4.50 -21.13
N LEU D 310 -24.20 5.33 -21.28
CA LEU D 310 -24.16 6.65 -20.65
C LEU D 310 -24.47 7.79 -21.61
N LYS D 311 -24.25 7.59 -22.90
CA LYS D 311 -24.39 8.67 -23.87
C LYS D 311 -25.84 9.14 -23.97
N GLY D 312 -26.02 10.46 -24.05
CA GLY D 312 -27.32 11.03 -24.30
C GLY D 312 -28.30 10.98 -23.15
N ARG D 313 -27.84 10.77 -21.92
CA ARG D 313 -28.74 10.69 -20.77
C ARG D 313 -28.91 12.04 -20.07
N LEU D 314 -29.30 13.07 -20.81
CA LEU D 314 -29.54 14.37 -20.20
C LEU D 314 -30.37 15.24 -21.15
N ASP D 315 -31.43 15.85 -20.63
CA ASP D 315 -32.28 16.75 -21.39
C ASP D 315 -32.07 18.22 -21.06
N TRP D 316 -31.62 18.54 -19.85
CA TRP D 316 -31.37 19.91 -19.43
C TRP D 316 -30.37 19.91 -18.28
N ILE D 317 -29.81 21.09 -18.01
CA ILE D 317 -28.75 21.25 -17.02
C ILE D 317 -29.19 22.23 -15.95
N GLY D 318 -29.15 21.81 -14.69
CA GLY D 318 -29.39 22.70 -13.57
C GLY D 318 -28.13 23.37 -13.10
N VAL D 319 -28.04 24.69 -13.26
CA VAL D 319 -26.83 25.45 -12.95
C VAL D 319 -26.96 26.04 -11.54
N ASN D 320 -26.21 25.48 -10.60
CA ASN D 320 -26.04 26.07 -9.28
C ASN D 320 -24.80 26.94 -9.27
N TYR D 321 -24.89 28.11 -8.63
CA TYR D 321 -23.78 29.04 -8.60
C TYR D 321 -23.90 29.96 -7.39
N TYR D 322 -22.76 30.23 -6.73
CA TYR D 322 -22.74 31.30 -5.74
C TYR D 322 -21.47 32.14 -5.71
N THR D 323 -20.31 31.67 -6.16
CA THR D 323 -19.11 32.51 -6.16
C THR D 323 -18.08 31.93 -7.13
N ARG D 324 -16.94 32.62 -7.23
CA ARG D 324 -15.87 32.25 -8.15
C ARG D 324 -14.81 31.43 -7.43
N THR D 325 -13.85 30.94 -8.22
CA THR D 325 -12.63 30.33 -7.69
C THR D 325 -11.46 30.86 -8.51
N VAL D 326 -10.48 31.45 -7.83
CA VAL D 326 -9.32 32.05 -8.47
C VAL D 326 -8.19 31.03 -8.50
N VAL D 327 -7.60 30.82 -9.68
CA VAL D 327 -6.57 29.81 -9.87
C VAL D 327 -5.35 30.44 -10.53
N LYS D 328 -4.21 29.79 -10.34
CA LYS D 328 -2.97 30.17 -10.98
C LYS D 328 -2.24 28.92 -11.45
N ARG D 329 -1.38 29.10 -12.44
CA ARG D 329 -0.63 27.98 -13.00
C ARG D 329 0.59 27.67 -12.14
N THR D 330 0.81 26.38 -11.90
CA THR D 330 2.03 25.89 -11.28
C THR D 330 2.81 25.08 -12.31
N GLU D 331 3.95 24.52 -11.88
CA GLU D 331 4.65 23.60 -12.75
C GLU D 331 3.97 22.24 -12.79
N LYS D 332 3.41 21.80 -11.66
CA LYS D 332 2.70 20.53 -11.61
C LYS D 332 1.33 20.61 -12.28
N GLY D 333 0.73 21.80 -12.33
CA GLY D 333 -0.59 21.95 -12.93
C GLY D 333 -1.26 23.28 -12.63
N TYR D 334 -2.14 23.29 -11.63
CA TYR D 334 -2.79 24.53 -11.20
C TYR D 334 -3.13 24.39 -9.72
N VAL D 335 -3.38 25.54 -9.09
CA VAL D 335 -3.84 25.56 -7.70
C VAL D 335 -4.82 26.71 -7.53
N SER D 336 -5.78 26.53 -6.63
CA SER D 336 -6.74 27.55 -6.28
C SER D 336 -6.27 28.31 -5.04
N LEU D 337 -6.62 29.59 -4.97
CA LEU D 337 -6.05 30.51 -4.00
C LEU D 337 -7.05 30.86 -2.91
N GLY D 338 -6.58 30.84 -1.66
CA GLY D 338 -7.37 31.34 -0.56
C GLY D 338 -7.50 32.85 -0.59
N GLY D 339 -8.48 33.35 0.17
CA GLY D 339 -8.77 34.76 0.18
C GLY D 339 -9.62 35.25 -0.97
N TYR D 340 -10.09 34.34 -1.83
CA TYR D 340 -11.03 34.64 -2.89
C TYR D 340 -12.13 33.58 -2.87
N GLY D 341 -13.27 33.92 -3.46
CA GLY D 341 -14.30 32.94 -3.73
C GLY D 341 -14.82 32.24 -2.48
N HIS D 342 -14.66 30.91 -2.45
CA HIS D 342 -15.16 30.10 -1.34
C HIS D 342 -14.36 30.29 -0.05
N GLY D 343 -13.11 30.72 -0.14
CA GLY D 343 -12.22 30.65 1.00
C GLY D 343 -11.84 31.98 1.60
N CYS D 344 -12.83 32.83 1.89
CA CYS D 344 -12.58 34.13 2.52
C CYS D 344 -13.00 34.09 3.99
N GLU D 345 -12.59 35.13 4.71
CA GLU D 345 -13.11 35.35 6.06
C GLU D 345 -14.59 35.72 5.99
N ARG D 346 -15.32 35.35 7.03
CA ARG D 346 -16.75 35.68 7.12
C ARG D 346 -16.94 37.15 7.44
N ASN D 347 -17.91 37.77 6.78
CA ASN D 347 -18.30 39.16 7.03
C ASN D 347 -17.09 40.10 6.97
N SER D 348 -16.44 40.10 5.81
CA SER D 348 -15.21 40.84 5.60
C SER D 348 -15.08 41.24 4.15
N VAL D 349 -13.84 41.35 3.67
CA VAL D 349 -13.57 41.63 2.26
C VAL D 349 -12.57 40.60 1.76
N SER D 350 -12.64 40.30 0.47
CA SER D 350 -11.66 39.43 -0.15
C SER D 350 -10.39 40.21 -0.47
N LEU D 351 -9.36 39.49 -0.93
CA LEU D 351 -8.12 40.12 -1.35
C LEU D 351 -8.31 41.03 -2.55
N ALA D 352 -9.44 40.93 -3.25
CA ALA D 352 -9.78 41.80 -4.35
C ALA D 352 -10.66 42.98 -3.91
N GLY D 353 -10.90 43.13 -2.62
CA GLY D 353 -11.69 44.24 -2.13
C GLY D 353 -13.20 44.04 -2.22
N LEU D 354 -13.68 42.79 -2.45
CA LEU D 354 -15.11 42.53 -2.60
C LEU D 354 -15.70 41.96 -1.31
N PRO D 355 -16.94 42.32 -0.98
CA PRO D 355 -17.51 41.91 0.32
C PRO D 355 -17.79 40.42 0.37
N THR D 356 -17.72 39.86 1.58
CA THR D 356 -17.94 38.45 1.82
C THR D 356 -19.16 38.26 2.73
N SER D 357 -19.79 37.10 2.59
CA SER D 357 -21.06 36.80 3.26
C SER D 357 -20.82 36.24 4.67
N ASP D 358 -21.92 35.87 5.32
CA ASP D 358 -21.84 35.18 6.61
C ASP D 358 -21.10 33.85 6.49
N PHE D 359 -21.00 33.30 5.29
CA PHE D 359 -20.32 32.03 5.03
C PHE D 359 -18.88 32.24 4.57
N GLY D 360 -18.47 33.48 4.33
CA GLY D 360 -17.14 33.73 3.79
C GLY D 360 -17.04 33.58 2.29
N TRP D 361 -18.14 33.81 1.57
CA TRP D 361 -18.18 33.64 0.12
C TRP D 361 -18.18 35.01 -0.55
N GLU D 362 -17.38 35.12 -1.62
CA GLU D 362 -17.11 36.41 -2.24
C GLU D 362 -18.21 36.82 -3.21
N PHE D 363 -18.54 38.10 -3.21
CA PHE D 363 -19.54 38.68 -4.11
C PHE D 363 -18.95 38.76 -5.53
N PHE D 364 -19.51 37.98 -6.45
CA PHE D 364 -18.99 37.94 -7.82
C PHE D 364 -20.08 37.53 -8.81
N PRO D 365 -21.04 38.42 -9.13
CA PRO D 365 -22.12 38.02 -10.04
C PRO D 365 -21.68 37.76 -11.47
N GLU D 366 -20.60 38.41 -11.94
CA GLU D 366 -20.06 38.13 -13.27
C GLU D 366 -19.84 36.64 -13.50
N GLY D 367 -19.51 35.90 -12.45
CA GLY D 367 -19.26 34.47 -12.62
C GLY D 367 -20.46 33.70 -13.13
N LEU D 368 -21.67 34.16 -12.82
CA LEU D 368 -22.87 33.45 -13.28
C LEU D 368 -23.03 33.57 -14.79
N TYR D 369 -22.70 34.74 -15.36
CA TYR D 369 -22.68 34.87 -16.81
C TYR D 369 -21.65 33.92 -17.43
N ASP D 370 -20.46 33.85 -16.83
CA ASP D 370 -19.41 32.98 -17.34
C ASP D 370 -19.86 31.53 -17.40
N VAL D 371 -20.48 31.04 -16.32
CA VAL D 371 -20.83 29.63 -16.24
C VAL D 371 -21.97 29.30 -17.20
N LEU D 372 -22.97 30.17 -17.29
CA LEU D 372 -24.12 29.89 -18.16
C LEU D 372 -23.69 29.84 -19.63
N THR D 373 -22.92 30.83 -20.08
CA THR D 373 -22.52 30.88 -21.48
C THR D 373 -21.61 29.72 -21.85
N LYS D 374 -20.73 29.31 -20.92
CA LYS D 374 -19.82 28.22 -21.24
C LYS D 374 -20.56 26.88 -21.33
N TYR D 375 -21.52 26.63 -20.44
CA TYR D 375 -22.34 25.44 -20.58
C TYR D 375 -23.09 25.44 -21.91
N TRP D 376 -23.61 26.61 -22.31
CA TRP D 376 -24.38 26.69 -23.54
C TRP D 376 -23.51 26.43 -24.76
N ASN D 377 -22.33 27.04 -24.82
CA ASN D 377 -21.47 26.90 -25.99
C ASN D 377 -20.97 25.47 -26.15
N ARG D 378 -20.82 24.72 -25.06
CA ARG D 378 -20.27 23.38 -25.17
C ARG D 378 -21.33 22.35 -25.52
N TYR D 379 -22.51 22.42 -24.90
CA TYR D 379 -23.52 21.36 -25.06
C TYR D 379 -24.82 21.82 -25.70
N HIS D 380 -25.15 23.11 -25.66
CA HIS D 380 -26.39 23.64 -26.24
C HIS D 380 -27.63 22.91 -25.70
N LEU D 381 -27.60 22.60 -24.40
CA LEU D 381 -28.77 22.13 -23.68
C LEU D 381 -29.33 23.29 -22.86
N TYR D 382 -30.65 23.40 -22.80
CA TYR D 382 -31.24 24.50 -22.05
C TYR D 382 -31.02 24.31 -20.55
N MET D 383 -31.11 25.41 -19.82
CA MET D 383 -30.70 25.44 -18.42
C MET D 383 -31.73 26.15 -17.55
N TYR D 384 -31.74 25.75 -16.27
CA TYR D 384 -32.35 26.52 -15.19
C TYR D 384 -31.25 26.90 -14.22
N VAL D 385 -31.31 28.13 -13.70
CA VAL D 385 -30.48 28.49 -12.55
C VAL D 385 -31.19 27.92 -11.33
N THR D 386 -30.74 26.76 -10.87
CA THR D 386 -31.41 26.04 -9.79
C THR D 386 -30.90 26.40 -8.41
N TYR D 387 -29.85 27.23 -8.30
CA TYR D 387 -29.36 27.67 -7.00
C TYR D 387 -28.63 28.98 -7.19
N ASN D 388 -29.03 29.98 -6.41
CA ASN D 388 -28.28 31.23 -6.29
C ASN D 388 -28.77 31.92 -5.03
N GLY D 389 -27.85 32.22 -4.11
CA GLY D 389 -28.26 32.78 -2.83
C GLY D 389 -27.04 33.15 -2.01
N ILE D 390 -27.32 33.65 -0.80
CA ILE D 390 -26.29 34.19 0.06
C ILE D 390 -26.71 33.99 1.52
N ALA D 391 -25.74 33.64 2.36
CA ALA D 391 -25.97 33.56 3.81
C ALA D 391 -25.89 34.97 4.39
N ASP D 392 -27.02 35.48 4.88
CA ASP D 392 -27.11 36.90 5.23
C ASP D 392 -28.33 37.11 6.15
N ASP D 393 -28.09 36.91 7.45
CA ASP D 393 -29.18 37.08 8.42
C ASP D 393 -29.66 38.53 8.45
N ALA D 394 -28.74 39.49 8.40
CA ALA D 394 -29.11 40.89 8.52
C ALA D 394 -29.77 41.46 7.27
N ASP D 395 -29.60 40.78 6.13
CA ASP D 395 -30.11 41.21 4.82
C ASP D 395 -29.37 42.43 4.29
N TYR D 396 -28.13 42.66 4.71
CA TYR D 396 -27.38 43.82 4.24
C TYR D 396 -27.03 43.69 2.75
N GLN D 397 -26.61 42.50 2.33
CA GLN D 397 -26.09 42.31 0.98
C GLN D 397 -27.07 41.66 0.03
N ARG D 398 -28.00 40.85 0.53
CA ARG D 398 -28.88 40.08 -0.35
C ARG D 398 -29.64 40.92 -1.37
N PRO D 399 -30.12 42.14 -1.07
CA PRO D 399 -30.75 42.94 -2.15
C PRO D 399 -29.82 43.19 -3.32
N TYR D 400 -28.56 43.55 -3.07
CA TYR D 400 -27.61 43.70 -4.16
C TYR D 400 -27.29 42.36 -4.81
N TYR D 401 -27.13 41.32 -4.00
CA TYR D 401 -26.82 39.99 -4.53
C TYR D 401 -27.93 39.51 -5.45
N LEU D 402 -29.19 39.68 -5.04
CA LEU D 402 -30.32 39.21 -5.84
C LEU D 402 -30.38 39.91 -7.19
N VAL D 403 -30.40 41.24 -7.20
CA VAL D 403 -30.60 41.98 -8.44
C VAL D 403 -29.41 41.80 -9.40
N SER D 404 -28.19 41.79 -8.85
CA SER D 404 -27.00 41.66 -9.67
C SER D 404 -26.97 40.33 -10.42
N HIS D 405 -27.28 39.23 -9.73
CA HIS D 405 -27.22 37.92 -10.37
C HIS D 405 -28.37 37.73 -11.36
N VAL D 406 -29.54 38.28 -11.05
CA VAL D 406 -30.65 38.24 -12.00
C VAL D 406 -30.27 38.98 -13.29
N TYR D 407 -29.58 40.12 -13.13
CA TYR D 407 -29.11 40.87 -14.29
C TYR D 407 -28.17 40.04 -15.16
N GLN D 408 -27.27 39.27 -14.52
CA GLN D 408 -26.35 38.45 -15.29
C GLN D 408 -27.08 37.33 -16.04
N VAL D 409 -28.18 36.81 -15.48
CA VAL D 409 -28.99 35.85 -16.23
C VAL D 409 -29.58 36.50 -17.47
N HIS D 410 -30.09 37.72 -17.32
CA HIS D 410 -30.58 38.47 -18.48
C HIS D 410 -29.49 38.65 -19.52
N ARG D 411 -28.26 38.91 -19.06
CA ARG D 411 -27.14 39.05 -19.99
C ARG D 411 -26.89 37.76 -20.75
N ALA D 412 -26.94 36.62 -20.06
CA ALA D 412 -26.71 35.33 -20.72
C ALA D 412 -27.77 35.04 -21.77
N ILE D 413 -29.02 35.36 -21.48
CA ILE D 413 -30.10 35.15 -22.45
C ILE D 413 -29.88 36.02 -23.69
N ASN D 414 -29.48 37.27 -23.48
CA ASN D 414 -29.22 38.16 -24.63
C ASN D 414 -28.10 37.62 -25.51
N SER D 415 -27.14 36.91 -24.91
CA SER D 415 -26.05 36.32 -25.66
C SER D 415 -26.47 35.08 -26.43
N GLY D 416 -27.68 34.56 -26.20
CA GLY D 416 -28.19 33.41 -26.92
C GLY D 416 -28.35 32.16 -26.09
N ALA D 417 -27.96 32.19 -24.82
CA ALA D 417 -28.12 31.01 -23.97
C ALA D 417 -29.58 30.80 -23.62
N ASP D 418 -30.03 29.54 -23.72
CA ASP D 418 -31.41 29.17 -23.43
C ASP D 418 -31.54 28.90 -21.94
N VAL D 419 -31.88 29.94 -21.19
CA VAL D 419 -32.09 29.87 -19.76
C VAL D 419 -33.56 30.18 -19.48
N ARG D 420 -34.24 29.27 -18.78
CA ARG D 420 -35.69 29.30 -18.69
C ARG D 420 -36.22 29.64 -17.31
N GLY D 421 -35.35 29.83 -16.32
CA GLY D 421 -35.81 30.20 -14.99
C GLY D 421 -34.67 30.51 -14.05
N TYR D 422 -35.01 31.26 -13.00
CA TYR D 422 -34.08 31.60 -11.92
C TYR D 422 -34.72 31.17 -10.61
N LEU D 423 -34.06 30.26 -9.89
CA LEU D 423 -34.59 29.71 -8.66
C LEU D 423 -33.65 30.05 -7.51
N HIS D 424 -34.10 30.98 -6.65
CA HIS D 424 -33.27 31.47 -5.56
C HIS D 424 -33.18 30.46 -4.43
N TRP D 425 -32.00 30.39 -3.81
CA TRP D 425 -31.84 29.61 -2.58
C TRP D 425 -31.68 30.56 -1.39
N SER D 426 -32.69 30.62 -0.52
CA SER D 426 -33.90 29.82 -0.64
C SER D 426 -35.10 30.67 -0.21
N LEU D 427 -36.31 30.08 -0.25
CA LEU D 427 -37.49 30.81 0.20
C LEU D 427 -37.37 31.22 1.66
N ALA D 428 -37.00 30.26 2.52
CA ALA D 428 -36.86 30.51 3.95
C ALA D 428 -35.58 29.87 4.47
N ASP D 429 -35.12 30.36 5.63
CA ASP D 429 -33.97 29.78 6.31
C ASP D 429 -34.18 28.29 6.56
N ASN D 430 -33.09 27.55 6.66
CA ASN D 430 -33.16 26.10 6.86
C ASN D 430 -31.84 25.59 7.44
N TYR D 431 -31.78 24.27 7.62
CA TYR D 431 -30.65 23.59 8.26
C TYR D 431 -29.53 23.43 7.24
N GLU D 432 -28.43 24.16 7.44
CA GLU D 432 -27.33 24.14 6.46
C GLU D 432 -26.27 23.12 6.84
N TRP D 433 -26.70 21.85 6.83
CA TRP D 433 -25.81 20.67 6.86
C TRP D 433 -24.93 20.75 8.10
N ALA D 434 -23.60 20.61 7.97
CA ALA D 434 -22.72 20.57 9.13
C ALA D 434 -22.66 21.91 9.86
N SER D 435 -23.04 23.00 9.19
CA SER D 435 -23.02 24.32 9.81
C SER D 435 -24.28 24.63 10.63
N GLY D 436 -25.30 23.79 10.53
CA GLY D 436 -26.50 24.01 11.33
C GLY D 436 -27.34 25.20 10.86
N PHE D 437 -28.09 25.77 11.80
CA PHE D 437 -29.06 26.80 11.48
C PHE D 437 -28.46 28.20 11.37
N SER D 438 -27.19 28.39 11.73
CA SER D 438 -26.64 29.74 11.80
C SER D 438 -26.43 30.38 10.43
N MET D 439 -26.34 29.59 9.37
CA MET D 439 -26.23 30.13 8.02
C MET D 439 -27.64 30.27 7.44
N ARG D 440 -28.08 31.50 7.25
CA ARG D 440 -29.47 31.81 6.92
C ARG D 440 -29.54 32.37 5.50
N PHE D 441 -30.08 31.55 4.58
CA PHE D 441 -30.15 31.86 3.16
C PHE D 441 -31.51 32.36 2.71
N GLY D 442 -32.47 32.49 3.62
CA GLY D 442 -33.86 32.69 3.22
C GLY D 442 -34.14 34.12 2.80
N LEU D 443 -34.97 34.25 1.75
CA LEU D 443 -35.69 35.51 1.55
C LEU D 443 -36.60 35.80 2.73
N LEU D 444 -37.10 34.76 3.38
CA LEU D 444 -37.90 34.86 4.58
C LEU D 444 -37.09 34.40 5.79
N LYS D 445 -37.15 35.17 6.87
CA LYS D 445 -36.47 34.81 8.11
C LYS D 445 -37.35 33.88 8.94
N VAL D 446 -36.74 32.83 9.48
CA VAL D 446 -37.44 31.84 10.29
C VAL D 446 -37.12 32.07 11.77
N ASP D 447 -38.16 32.18 12.58
CA ASP D 447 -38.03 32.10 14.03
C ASP D 447 -38.22 30.63 14.41
N TYR D 448 -37.13 29.96 14.79
CA TYR D 448 -37.21 28.54 15.05
C TYR D 448 -37.94 28.18 16.32
N ASN D 449 -38.24 29.16 17.19
CA ASN D 449 -39.07 28.86 18.36
C ASN D 449 -40.55 28.79 17.98
N THR D 450 -41.04 29.74 17.20
CA THR D 450 -42.44 29.83 16.84
C THR D 450 -42.73 29.26 15.45
N LYS D 451 -41.70 29.06 14.62
CA LYS D 451 -41.81 28.65 13.22
C LYS D 451 -42.48 29.72 12.35
N ARG D 452 -42.61 30.94 12.85
CA ARG D 452 -43.14 32.04 12.06
C ARG D 452 -42.13 32.47 11.00
N LEU D 453 -42.65 32.92 9.86
CA LEU D 453 -41.86 33.42 8.74
C LEU D 453 -41.99 34.93 8.65
N TYR D 454 -40.87 35.61 8.38
CA TYR D 454 -40.84 37.06 8.26
C TYR D 454 -40.22 37.45 6.92
N TRP D 455 -40.71 38.55 6.35
CA TRP D 455 -40.22 39.05 5.07
C TRP D 455 -39.02 39.96 5.31
N ARG D 456 -37.84 39.52 4.88
CA ARG D 456 -36.71 40.43 4.76
C ARG D 456 -36.95 41.39 3.60
N PRO D 457 -36.36 42.58 3.63
CA PRO D 457 -36.59 43.54 2.53
C PRO D 457 -36.26 42.98 1.16
N SER D 458 -35.26 42.10 1.06
CA SER D 458 -34.95 41.47 -0.22
C SER D 458 -36.11 40.65 -0.75
N ALA D 459 -36.97 40.13 0.14
CA ALA D 459 -38.16 39.44 -0.32
C ALA D 459 -39.13 40.41 -1.00
N LEU D 460 -39.24 41.62 -0.49
CA LEU D 460 -40.03 42.64 -1.17
C LEU D 460 -39.40 43.00 -2.52
N VAL D 461 -38.07 43.02 -2.58
CA VAL D 461 -37.39 43.26 -3.85
C VAL D 461 -37.71 42.15 -4.85
N TYR D 462 -37.66 40.90 -4.39
CA TYR D 462 -37.92 39.76 -5.27
C TYR D 462 -39.35 39.79 -5.80
N ARG D 463 -40.30 40.23 -4.97
CA ARG D 463 -41.69 40.34 -5.43
C ARG D 463 -41.80 41.32 -6.59
N GLU D 464 -41.06 42.43 -6.53
CA GLU D 464 -41.03 43.36 -7.65
C GLU D 464 -40.51 42.69 -8.92
N ILE D 465 -39.43 41.91 -8.81
CA ILE D 465 -38.87 41.24 -9.98
C ILE D 465 -39.86 40.21 -10.52
N ALA D 466 -40.41 39.36 -9.64
CA ALA D 466 -41.22 38.24 -10.10
C ALA D 466 -42.56 38.69 -10.66
N THR D 467 -43.23 39.64 -10.00
CA THR D 467 -44.54 40.05 -10.47
C THR D 467 -44.46 40.84 -11.77
N ASN D 468 -43.34 41.54 -12.00
CA ASN D 468 -43.14 42.30 -13.23
C ASN D 468 -42.35 41.53 -14.28
N GLY D 469 -41.79 40.37 -13.94
CA GLY D 469 -40.96 39.63 -14.88
C GLY D 469 -39.76 40.40 -15.38
N ALA D 470 -39.18 41.27 -14.55
CA ALA D 470 -38.09 42.13 -14.97
C ALA D 470 -37.50 42.83 -13.77
N ILE D 471 -36.25 43.28 -13.92
CA ILE D 471 -35.67 44.26 -13.01
C ILE D 471 -36.27 45.62 -13.40
N THR D 472 -37.17 46.12 -12.55
CA THR D 472 -37.84 47.38 -12.85
C THR D 472 -36.87 48.54 -12.76
N ASP D 473 -37.25 49.67 -13.37
CA ASP D 473 -36.48 50.89 -13.26
C ASP D 473 -36.22 51.28 -11.82
N GLU D 474 -37.18 50.99 -10.92
CA GLU D 474 -37.11 51.48 -9.56
C GLU D 474 -35.94 50.86 -8.79
N ILE D 475 -35.59 49.61 -9.10
CA ILE D 475 -34.60 48.88 -8.31
C ILE D 475 -33.31 48.63 -9.10
N GLU D 476 -33.12 49.31 -10.23
CA GLU D 476 -31.94 49.04 -11.05
C GLU D 476 -30.63 49.33 -10.32
N HIS D 477 -30.65 50.27 -9.38
CA HIS D 477 -29.42 50.65 -8.68
C HIS D 477 -28.84 49.51 -7.86
N LEU D 478 -29.65 48.49 -7.54
CA LEU D 478 -29.16 47.34 -6.80
C LEU D 478 -28.31 46.41 -7.66
N ASN D 479 -28.22 46.64 -8.96
CA ASN D 479 -27.27 45.93 -9.82
C ASN D 479 -25.88 46.54 -9.62
N SER D 480 -25.33 46.30 -8.42
CA SER D 480 -24.07 46.90 -8.01
C SER D 480 -23.53 46.13 -6.82
N VAL D 481 -22.26 46.38 -6.51
CA VAL D 481 -21.59 45.76 -5.37
C VAL D 481 -22.05 46.44 -4.09
N PRO D 482 -22.38 45.69 -3.03
CA PRO D 482 -22.70 46.33 -1.75
C PRO D 482 -21.57 47.21 -1.28
N PRO D 483 -21.86 48.45 -0.88
CA PRO D 483 -20.80 49.35 -0.41
C PRO D 483 -20.00 48.75 0.73
N VAL D 484 -18.68 48.73 0.57
CA VAL D 484 -17.81 48.05 1.53
C VAL D 484 -17.50 48.93 2.73
N LYS D 485 -17.41 50.25 2.53
CA LYS D 485 -17.04 51.14 3.63
C LYS D 485 -17.92 51.00 4.86
N PRO D 486 -19.26 50.89 4.76
CA PRO D 486 -20.06 50.72 5.98
C PRO D 486 -20.06 49.32 6.56
N LEU D 487 -19.51 48.33 5.85
CA LEU D 487 -19.50 46.96 6.32
C LEU D 487 -18.21 46.67 7.09
N ARG D 488 -18.23 45.57 7.85
CA ARG D 488 -17.01 45.16 8.53
C ARG D 488 -15.96 44.73 7.50
N HIS D 489 -14.76 45.25 7.66
CA HIS D 489 -13.66 44.85 6.80
C HIS D 489 -12.32 45.15 7.48
#